data_4RAL
#
_entry.id   4RAL
#
_cell.length_a   263.117
_cell.length_b   263.117
_cell.length_c   90.850
_cell.angle_alpha   90.00
_cell.angle_beta   90.00
_cell.angle_gamma   120.00
#
_symmetry.space_group_name_H-M   'P 65'
#
loop_
_entity.id
_entity.type
_entity.pdbx_description
1 polymer 'Insulin-degrading enzyme'
2 polymer 'C-C motif chemokine 4'
3 non-polymer 'ZINC ION'
4 water water
#
loop_
_entity_poly.entity_id
_entity_poly.type
_entity_poly.pdbx_seq_one_letter_code
_entity_poly.pdbx_strand_id
1 'polypeptide(L)'
;MHHHHHHAAGIPMNNPAIKRIGNHITKSPEDKREYRGLELANGIKVLLISDPTTDKSSAALDVHIGSLSDPPNIAGLSHF
LQHMLFLGTKKYPKENEYSQFLSEHAGSSNAFTSGEHTNYYFDVSHEHLEGALDRFAQFFLSPLFDESAKDREVNAVDSE
HEKNVMNDAWRLFQLEKATGNPKHPFSKFGTGNKYTLETRPNQEGIDVRQELLKFHSAYYSSNLMAVVVLGRESLDDLTN
LVVKLFSEVENKNVPLPEFPEHPFQEEHLKQLYKIVPIKDIRNLYVTFPIPDLQKYYKSNPGHYLGHLIGHEGPGSLLSE
LKSKGWVNTLVGGQKEGARGFMFFIINVDLTEEGLLHVEDIILHMFQYIQKLRAEGPQEWVFQELKDLNAVAFRFKDKER
PRGYTSKIAGILHYYPLEEVLTAEYLLEEFRPDLIEMVLDKLRPENVRVAIVSKSFEGKTDRTEEWYGTQYKQEAIPDEV
IKKWQNADLNGKFKLPTKNEFIPTNFEILPLEKEATPYPALIKDTAMSKLWFKQDDKFFLPKANLNFEFFSPFAYVDPLH
SNMAYLYLELLKDSLNEYAYAAELAGLSYDLQNTIYGMYLSVKGYNDKQPILLKKIIEKMATFEIDEKRFEIIKEAYMRS
LNNFRAEQPHQHAMYYLRLLMTEVAWTKDELKEALDDVTLPRLKAFIPQLLSRLHIEALLHGNITKQAALGIMQMVEDTL
IEHAHTKPLLPSQLVRYREVQLPDRGWFVYQQRNEVHNNSGIEIYYQTDMQSTSENMFLELFAQIISEPAFNTLRTKEQL
GYIVFSGPRRANGIQGLRFIIQSEKPPHYLESRVEAFLITMEKSIEDMTEEAFQKHIQALAIRRLDKPKKLSAESAKYWG
EIISQQYNFDRDNTEVAYLKTLTKEDIIKFYKEMLAVDAPRRHKVSVHVLAREMDSNPVVGEFPAQNDINLSQAPALPQP
EVIQNMTEFKRGLPLFPLVKPHINFMAAKL
;
A,B
2 'polypeptide(L)' APMGSDPPTACCFSYTARKLPRNFVVDYYETSSLCSQPAVVFQTKRSKQVCADPSESWVQEYVYDLELN D,E
#
loop_
_chem_comp.id
_chem_comp.type
_chem_comp.name
_chem_comp.formula
ZN non-polymer 'ZINC ION' 'Zn 2'
#
# COMPACT_ATOMS: atom_id res chain seq x y z
N ASN A 14 32.03 -22.63 -7.26
CA ASN A 14 32.48 -21.53 -6.42
C ASN A 14 31.47 -20.38 -6.48
N ASN A 15 31.33 -19.67 -5.37
CA ASN A 15 30.51 -18.47 -5.28
C ASN A 15 31.27 -17.42 -4.47
N PRO A 16 31.58 -16.28 -5.10
CA PRO A 16 32.36 -15.21 -4.46
C PRO A 16 31.63 -14.54 -3.31
N ALA A 17 30.30 -14.60 -3.31
CA ALA A 17 29.50 -13.96 -2.28
C ALA A 17 29.46 -14.78 -1.00
N ILE A 18 30.05 -15.97 -1.04
CA ILE A 18 30.05 -16.84 0.11
C ILE A 18 31.47 -17.24 0.51
N LYS A 19 31.83 -16.94 1.75
CA LYS A 19 33.16 -17.24 2.26
C LYS A 19 33.31 -18.74 2.52
N ARG A 20 32.34 -19.31 3.24
CA ARG A 20 32.38 -20.75 3.55
C ARG A 20 31.01 -21.39 3.69
N ILE A 21 30.98 -22.71 3.52
CA ILE A 21 29.74 -23.50 3.55
C ILE A 21 29.81 -24.70 4.50
N GLY A 22 28.72 -24.98 5.21
CA GLY A 22 28.62 -26.20 6.00
C GLY A 22 29.41 -26.21 7.28
N ASN A 23 29.97 -27.36 7.67
CA ASN A 23 29.84 -28.62 6.93
C ASN A 23 28.45 -29.26 6.94
N HIS A 24 28.05 -29.71 8.12
CA HIS A 24 26.77 -30.36 8.36
C HIS A 24 26.29 -29.94 9.74
N ILE A 25 25.10 -29.37 9.81
CA ILE A 25 24.56 -28.89 11.07
C ILE A 25 23.92 -30.01 11.89
N THR A 26 24.55 -30.32 13.02
CA THR A 26 24.09 -31.40 13.89
C THR A 26 22.71 -31.13 14.47
N LYS A 27 21.77 -32.01 14.17
CA LYS A 27 20.39 -31.87 14.60
C LYS A 27 19.90 -33.14 15.31
N SER A 28 18.72 -33.04 15.92
CA SER A 28 18.09 -34.18 16.55
C SER A 28 17.62 -35.19 15.49
N PRO A 29 17.71 -36.49 15.80
CA PRO A 29 17.26 -37.54 14.88
C PRO A 29 15.76 -37.42 14.57
N GLU A 30 15.02 -36.82 15.50
CA GLU A 30 13.58 -36.66 15.35
C GLU A 30 13.24 -35.40 14.55
N ASP A 31 14.26 -34.59 14.27
CA ASP A 31 14.10 -33.35 13.52
C ASP A 31 14.17 -33.61 12.01
N LYS A 32 13.06 -33.38 11.32
CA LYS A 32 13.00 -33.63 9.88
C LYS A 32 13.12 -32.36 9.06
N ARG A 33 13.47 -31.26 9.72
CA ARG A 33 13.84 -30.04 9.01
C ARG A 33 15.25 -30.21 8.47
N GLU A 34 15.59 -29.43 7.46
CA GLU A 34 16.92 -29.50 6.87
C GLU A 34 17.68 -28.19 7.05
N TYR A 35 18.95 -28.30 7.44
CA TYR A 35 19.76 -27.13 7.77
C TYR A 35 20.99 -26.96 6.91
N ARG A 36 21.44 -25.72 6.82
CA ARG A 36 22.72 -25.40 6.19
C ARG A 36 23.29 -24.11 6.77
N GLY A 37 24.52 -24.18 7.29
CA GLY A 37 25.18 -22.99 7.79
C GLY A 37 26.17 -22.46 6.79
N LEU A 38 26.26 -21.14 6.68
CA LEU A 38 27.24 -20.50 5.80
C LEU A 38 27.67 -19.16 6.36
N GLU A 39 28.89 -18.74 6.00
CA GLU A 39 29.36 -17.39 6.30
C GLU A 39 29.54 -16.61 5.01
N LEU A 40 28.82 -15.51 4.88
CA LEU A 40 28.89 -14.70 3.67
C LEU A 40 30.27 -14.06 3.54
N ALA A 41 30.52 -13.45 2.39
CA ALA A 41 31.80 -12.79 2.14
C ALA A 41 32.00 -11.59 3.06
N ASN A 42 30.90 -10.94 3.42
CA ASN A 42 30.96 -9.77 4.28
C ASN A 42 31.01 -10.11 5.76
N GLY A 43 31.01 -11.41 6.06
CA GLY A 43 31.19 -11.88 7.43
C GLY A 43 29.92 -12.18 8.20
N ILE A 44 28.78 -12.13 7.52
CA ILE A 44 27.51 -12.46 8.17
C ILE A 44 27.37 -13.97 8.30
N LYS A 45 27.19 -14.42 9.54
CA LYS A 45 26.98 -15.83 9.81
C LYS A 45 25.51 -16.17 9.58
N VAL A 46 25.24 -17.12 8.70
CA VAL A 46 23.86 -17.40 8.29
C VAL A 46 23.47 -18.87 8.47
N LEU A 47 22.31 -19.10 9.06
CA LEU A 47 21.73 -20.44 9.11
C LEU A 47 20.45 -20.51 8.30
N LEU A 48 20.33 -21.53 7.46
CA LEU A 48 19.16 -21.70 6.61
C LEU A 48 18.37 -22.91 7.03
N ILE A 49 17.11 -22.70 7.38
CA ILE A 49 16.24 -23.78 7.80
C ILE A 49 15.19 -24.08 6.73
N SER A 50 15.17 -25.31 6.24
CA SER A 50 14.20 -25.72 5.24
C SER A 50 13.17 -26.66 5.84
N ASP A 51 11.92 -26.22 5.86
CA ASP A 51 10.83 -27.04 6.37
C ASP A 51 9.63 -26.91 5.45
N PRO A 52 9.49 -27.85 4.49
CA PRO A 52 8.45 -27.82 3.47
C PRO A 52 7.04 -27.91 4.04
N THR A 53 6.91 -28.22 5.33
CA THR A 53 5.60 -28.42 5.93
C THR A 53 5.09 -27.16 6.64
N THR A 54 5.99 -26.21 6.90
CA THR A 54 5.63 -25.04 7.69
C THR A 54 4.57 -24.19 6.99
N ASP A 55 3.66 -23.64 7.79
CA ASP A 55 2.61 -22.79 7.26
C ASP A 55 3.08 -21.34 7.30
N LYS A 56 4.01 -21.06 8.19
CA LYS A 56 4.60 -19.73 8.30
C LYS A 56 6.11 -19.77 8.10
N SER A 57 6.62 -18.88 7.28
CA SER A 57 8.06 -18.72 7.11
C SER A 57 8.55 -17.63 8.03
N SER A 58 9.84 -17.65 8.34
CA SER A 58 10.40 -16.69 9.28
C SER A 58 11.85 -16.36 8.99
N ALA A 59 12.28 -15.19 9.45
CA ALA A 59 13.67 -14.79 9.35
C ALA A 59 14.03 -13.92 10.56
N ALA A 60 15.31 -13.89 10.90
CA ALA A 60 15.76 -13.10 12.04
C ALA A 60 17.20 -12.63 11.87
N LEU A 61 17.49 -11.45 12.40
CA LEU A 61 18.85 -10.90 12.37
C LEU A 61 19.24 -10.42 13.76
N ASP A 62 20.47 -10.72 14.15
CA ASP A 62 20.99 -10.29 15.44
C ASP A 62 22.28 -9.49 15.29
N VAL A 63 22.24 -8.21 15.64
CA VAL A 63 23.43 -7.39 15.65
C VAL A 63 24.07 -7.49 17.03
N HIS A 64 25.39 -7.65 17.05
CA HIS A 64 26.10 -7.88 18.31
C HIS A 64 26.43 -6.57 19.03
N ILE A 65 25.70 -5.51 18.69
CA ILE A 65 25.79 -4.25 19.41
C ILE A 65 24.52 -4.01 20.23
N GLY A 66 24.68 -3.57 21.47
CA GLY A 66 23.54 -3.33 22.34
C GLY A 66 23.61 -2.02 23.09
N SER A 67 22.87 -1.94 24.19
CA SER A 67 22.78 -0.71 24.99
C SER A 67 24.09 -0.38 25.69
N LEU A 68 24.98 -1.35 25.82
CA LEU A 68 26.28 -1.11 26.43
C LEU A 68 27.12 -0.21 25.52
N SER A 69 26.78 -0.18 24.24
CA SER A 69 27.49 0.64 23.28
C SER A 69 26.81 2.00 23.08
N ASP A 70 25.84 2.30 23.94
CA ASP A 70 25.18 3.61 23.92
C ASP A 70 26.17 4.71 24.25
N PRO A 71 26.08 5.84 23.53
CA PRO A 71 26.88 7.01 23.87
C PRO A 71 26.53 7.52 25.27
N PRO A 72 27.55 7.87 26.07
CA PRO A 72 27.33 8.33 27.45
C PRO A 72 26.44 9.56 27.52
N ASN A 73 26.43 10.37 26.47
CA ASN A 73 25.64 11.59 26.45
C ASN A 73 24.21 11.39 25.94
N ILE A 74 23.97 10.25 25.29
CA ILE A 74 22.65 9.92 24.77
C ILE A 74 22.23 8.51 25.19
N ALA A 75 21.71 8.38 26.41
CA ALA A 75 21.34 7.08 26.94
C ALA A 75 20.14 6.48 26.21
N GLY A 76 20.26 5.22 25.83
CA GLY A 76 19.16 4.50 25.21
C GLY A 76 19.05 4.72 23.71
N LEU A 77 20.17 5.05 23.08
CA LEU A 77 20.19 5.32 21.64
C LEU A 77 20.00 4.05 20.82
N SER A 78 20.70 2.98 21.20
CA SER A 78 20.61 1.72 20.48
C SER A 78 19.22 1.13 20.60
N HIS A 79 18.59 1.37 21.75
CA HIS A 79 17.21 0.95 21.97
C HIS A 79 16.27 1.76 21.08
N PHE A 80 16.53 3.06 21.02
CA PHE A 80 15.71 3.96 20.21
C PHE A 80 15.87 3.67 18.72
N LEU A 81 17.09 3.33 18.32
CA LEU A 81 17.38 3.02 16.93
C LEU A 81 16.59 1.79 16.48
N GLN A 82 16.41 0.85 17.40
CA GLN A 82 15.61 -0.35 17.11
C GLN A 82 14.19 0.01 16.68
N HIS A 83 13.56 0.91 17.43
CA HIS A 83 12.20 1.33 17.12
C HIS A 83 12.11 2.01 15.76
N MET A 84 13.13 2.78 15.40
CA MET A 84 13.09 3.61 14.21
C MET A 84 13.25 2.84 12.90
N LEU A 85 13.86 1.65 12.95
CA LEU A 85 14.05 0.87 11.73
C LEU A 85 12.73 0.36 11.14
N PHE A 86 11.74 0.14 11.99
CA PHE A 86 10.44 -0.34 11.54
C PHE A 86 9.67 0.76 10.81
N LEU A 87 10.12 2.00 10.96
CA LEU A 87 9.36 3.16 10.50
C LEU A 87 9.80 3.68 9.13
N GLY A 88 10.42 2.83 8.33
CA GLY A 88 10.70 3.19 6.94
C GLY A 88 12.15 3.16 6.49
N THR A 89 12.35 2.68 5.27
CA THR A 89 13.66 2.66 4.64
C THR A 89 13.58 3.43 3.32
N LYS A 90 14.69 3.54 2.61
CA LYS A 90 14.71 4.34 1.39
C LYS A 90 14.08 3.60 0.21
N LYS A 91 14.11 2.28 0.24
CA LYS A 91 13.45 1.48 -0.78
C LYS A 91 11.96 1.31 -0.45
N TYR A 92 11.64 1.36 0.84
CA TYR A 92 10.25 1.29 1.30
C TYR A 92 9.95 2.44 2.24
N PRO A 93 9.73 3.64 1.68
CA PRO A 93 9.59 4.91 2.41
C PRO A 93 8.34 5.01 3.29
N LYS A 94 7.30 4.26 2.97
CA LYS A 94 6.05 4.34 3.73
C LYS A 94 6.29 3.92 5.16
N GLU A 95 5.86 4.76 6.10
CA GLU A 95 6.19 4.63 7.51
C GLU A 95 5.81 3.27 8.12
N ASN A 96 4.80 2.62 7.55
CA ASN A 96 4.34 1.33 8.06
C ASN A 96 4.29 0.26 7.00
N GLU A 97 5.06 0.40 5.93
CA GLU A 97 5.08 -0.58 4.86
C GLU A 97 5.41 -1.97 5.39
N TYR A 98 6.34 -2.02 6.34
CA TYR A 98 6.78 -3.28 6.91
C TYR A 98 5.66 -3.96 7.70
N SER A 99 5.08 -3.23 8.64
CA SER A 99 4.02 -3.78 9.50
C SER A 99 2.74 -4.06 8.71
N GLN A 100 2.46 -3.25 7.70
CA GLN A 100 1.26 -3.44 6.89
C GLN A 100 1.40 -4.67 6.00
N PHE A 101 2.61 -4.88 5.49
CA PHE A 101 2.87 -6.04 4.63
C PHE A 101 2.65 -7.33 5.40
N LEU A 102 3.25 -7.43 6.57
CA LEU A 102 3.14 -8.62 7.39
C LEU A 102 1.70 -8.84 7.87
N SER A 103 1.00 -7.75 8.15
CA SER A 103 -0.39 -7.84 8.62
C SER A 103 -1.29 -8.42 7.56
N GLU A 104 -1.04 -8.06 6.31
CA GLU A 104 -1.87 -8.52 5.20
C GLU A 104 -1.44 -9.89 4.72
N HIS A 105 -0.42 -10.46 5.35
CA HIS A 105 0.08 -11.77 4.94
C HIS A 105 0.30 -12.69 6.13
N ALA A 106 -0.61 -12.61 7.09
CA ALA A 106 -0.64 -13.50 8.25
C ALA A 106 0.68 -13.53 8.99
N GLY A 107 1.27 -12.36 9.20
CA GLY A 107 2.57 -12.28 9.84
C GLY A 107 2.64 -11.33 11.01
N SER A 108 3.69 -11.47 11.80
CA SER A 108 3.93 -10.58 12.93
C SER A 108 5.42 -10.28 13.02
N SER A 109 5.77 -9.27 13.80
CA SER A 109 7.16 -8.91 13.97
C SER A 109 7.40 -8.24 15.31
N ASN A 110 8.63 -8.34 15.79
CA ASN A 110 9.02 -7.70 17.04
C ASN A 110 10.53 -7.63 17.14
N ALA A 111 11.03 -6.95 18.16
CA ALA A 111 12.47 -6.81 18.36
C ALA A 111 12.78 -6.48 19.81
N PHE A 112 14.01 -6.73 20.22
CA PHE A 112 14.45 -6.34 21.56
C PHE A 112 15.90 -5.89 21.58
N THR A 113 16.28 -5.17 22.63
CA THR A 113 17.64 -4.66 22.74
C THR A 113 18.23 -5.00 24.12
N SER A 114 19.18 -5.94 24.15
CA SER A 114 19.87 -6.27 25.38
C SER A 114 21.14 -5.44 25.49
N GLY A 115 22.01 -5.79 26.44
CA GLY A 115 23.23 -5.03 26.64
C GLY A 115 24.19 -5.17 25.48
N GLU A 116 24.24 -6.36 24.90
CA GLU A 116 25.20 -6.67 23.85
C GLU A 116 24.54 -7.07 22.53
N HIS A 117 23.22 -7.00 22.46
CA HIS A 117 22.53 -7.48 21.27
C HIS A 117 21.32 -6.65 20.88
N THR A 118 21.13 -6.48 19.58
CA THR A 118 19.88 -5.95 19.05
C THR A 118 19.32 -6.99 18.08
N ASN A 119 18.17 -7.56 18.42
CA ASN A 119 17.63 -8.71 17.69
C ASN A 119 16.30 -8.40 17.01
N TYR A 120 16.25 -8.59 15.70
CA TYR A 120 15.04 -8.36 14.92
C TYR A 120 14.52 -9.67 14.35
N TYR A 121 13.20 -9.83 14.34
CA TYR A 121 12.61 -11.07 13.84
C TYR A 121 11.18 -10.88 13.35
N PHE A 122 10.73 -11.79 12.50
CA PHE A 122 9.36 -11.78 12.00
C PHE A 122 8.93 -13.15 11.52
N ASP A 123 7.62 -13.34 11.39
CA ASP A 123 7.09 -14.49 10.66
C ASP A 123 6.07 -14.00 9.63
N VAL A 124 5.73 -14.85 8.67
CA VAL A 124 4.84 -14.46 7.59
C VAL A 124 4.35 -15.74 6.90
N SER A 125 3.28 -15.63 6.11
CA SER A 125 2.80 -16.73 5.29
C SER A 125 3.93 -17.28 4.42
N HIS A 126 4.03 -18.59 4.31
CA HIS A 126 5.17 -19.24 3.67
C HIS A 126 5.37 -18.83 2.21
N GLU A 127 4.30 -18.32 1.60
CA GLU A 127 4.34 -17.96 0.19
C GLU A 127 4.96 -16.59 -0.03
N HIS A 128 4.97 -15.76 1.01
CA HIS A 128 5.47 -14.39 0.89
C HIS A 128 6.72 -14.13 1.72
N LEU A 129 7.58 -15.14 1.83
CA LEU A 129 8.82 -15.00 2.59
C LEU A 129 9.73 -13.96 1.96
N GLU A 130 9.92 -14.08 0.64
CA GLU A 130 10.81 -13.18 -0.08
C GLU A 130 10.34 -11.74 0.02
N GLY A 131 9.03 -11.53 -0.11
CA GLY A 131 8.46 -10.19 -0.01
C GLY A 131 8.73 -9.58 1.34
N ALA A 132 8.58 -10.40 2.38
CA ALA A 132 8.79 -9.92 3.74
C ALA A 132 10.26 -9.72 4.03
N LEU A 133 11.08 -10.64 3.54
CA LEU A 133 12.51 -10.60 3.80
C LEU A 133 13.17 -9.40 3.11
N ASP A 134 12.64 -9.03 1.95
CA ASP A 134 13.18 -7.90 1.20
C ASP A 134 13.02 -6.61 1.99
N ARG A 135 11.80 -6.35 2.45
CA ARG A 135 11.52 -5.16 3.24
C ARG A 135 12.32 -5.17 4.54
N PHE A 136 12.49 -6.37 5.09
CA PHE A 136 13.22 -6.56 6.34
C PHE A 136 14.70 -6.23 6.19
N ALA A 137 15.28 -6.67 5.07
CA ALA A 137 16.70 -6.49 4.84
C ALA A 137 17.07 -5.02 4.71
N GLN A 138 16.11 -4.21 4.27
CA GLN A 138 16.35 -2.80 4.04
C GLN A 138 16.63 -2.05 5.33
N PHE A 139 16.26 -2.63 6.46
CA PHE A 139 16.47 -2.02 7.78
C PHE A 139 17.94 -1.76 8.05
N PHE A 140 18.79 -2.62 7.48
CA PHE A 140 20.22 -2.61 7.78
C PHE A 140 20.94 -1.83 6.69
N LEU A 141 20.31 -1.76 5.52
CA LEU A 141 20.87 -1.09 4.37
C LEU A 141 20.67 0.41 4.20
N SER A 142 19.41 0.83 4.15
CA SER A 142 19.10 2.24 3.91
C SER A 142 17.89 2.69 4.73
N PRO A 143 18.06 2.75 6.06
CA PRO A 143 16.97 3.25 6.91
C PRO A 143 16.80 4.75 6.78
N LEU A 144 15.57 5.23 6.90
CA LEU A 144 15.29 6.66 6.75
C LEU A 144 15.62 7.46 8.00
N PHE A 145 15.18 6.95 9.15
CA PHE A 145 15.20 7.70 10.40
C PHE A 145 14.52 9.04 10.14
N ASP A 146 13.31 9.01 9.59
CA ASP A 146 12.58 10.23 9.27
C ASP A 146 12.40 11.05 10.53
N GLU A 147 12.64 12.36 10.43
CA GLU A 147 12.64 13.21 11.61
C GLU A 147 11.23 13.37 12.19
N SER A 148 10.23 13.40 11.33
CA SER A 148 8.85 13.48 11.82
C SER A 148 8.49 12.20 12.58
N ALA A 149 9.09 11.09 12.18
CA ALA A 149 8.90 9.83 12.88
C ALA A 149 9.71 9.82 14.17
N LYS A 150 10.80 10.57 14.18
CA LYS A 150 11.69 10.65 15.34
C LYS A 150 11.03 11.32 16.55
N ASP A 151 10.39 12.46 16.34
CA ASP A 151 9.80 13.20 17.47
C ASP A 151 8.51 12.53 17.94
N ARG A 152 8.06 11.54 17.20
CA ARG A 152 6.88 10.78 17.59
C ARG A 152 7.24 9.54 18.38
N GLU A 153 8.09 8.69 17.80
CA GLU A 153 8.39 7.39 18.39
C GLU A 153 9.17 7.52 19.69
N VAL A 154 9.69 8.71 19.96
CA VAL A 154 10.37 8.97 21.22
C VAL A 154 9.39 8.82 22.39
N ASN A 155 8.12 9.11 22.12
CA ASN A 155 7.06 8.97 23.11
C ASN A 155 6.76 7.52 23.45
N ALA A 156 6.83 6.65 22.44
CA ALA A 156 6.59 5.24 22.64
C ALA A 156 7.67 4.64 23.53
N VAL A 157 8.89 5.14 23.38
CA VAL A 157 10.01 4.71 24.21
C VAL A 157 9.82 5.20 25.64
N ASP A 158 9.46 6.48 25.78
CA ASP A 158 9.22 7.08 27.09
C ASP A 158 8.06 6.40 27.79
N SER A 159 7.04 6.04 27.03
CA SER A 159 5.87 5.37 27.60
C SER A 159 6.24 3.96 28.01
N GLU A 160 7.21 3.38 27.31
CA GLU A 160 7.72 2.05 27.63
C GLU A 160 8.48 2.07 28.95
N HIS A 161 9.35 3.06 29.11
CA HIS A 161 10.10 3.19 30.35
C HIS A 161 9.14 3.47 31.51
N GLU A 162 8.11 4.27 31.23
CA GLU A 162 7.15 4.69 32.24
C GLU A 162 6.43 3.51 32.88
N LYS A 163 6.13 2.50 32.08
CA LYS A 163 5.49 1.30 32.59
C LYS A 163 6.44 0.50 33.49
N ASN A 164 7.74 0.67 33.30
CA ASN A 164 8.77 -0.07 34.04
C ASN A 164 9.32 0.67 35.24
N VAL A 165 8.92 1.92 35.39
CA VAL A 165 9.46 2.77 36.44
C VAL A 165 8.97 2.30 37.82
N MET A 166 7.73 1.82 37.89
CA MET A 166 7.16 1.35 39.15
C MET A 166 7.24 -0.16 39.27
N ASN A 167 8.06 -0.78 38.43
CA ASN A 167 8.27 -2.22 38.45
C ASN A 167 9.48 -2.60 39.32
N ASP A 168 9.23 -3.31 40.41
CA ASP A 168 10.28 -3.66 41.36
C ASP A 168 11.42 -4.44 40.72
N ALA A 169 11.09 -5.21 39.68
CA ALA A 169 12.07 -6.00 38.97
C ALA A 169 13.03 -5.10 38.19
N TRP A 170 12.47 -4.07 37.55
CA TRP A 170 13.26 -3.13 36.77
C TRP A 170 14.08 -2.19 37.65
N ARG A 171 13.46 -1.70 38.72
CA ARG A 171 14.13 -0.79 39.66
C ARG A 171 15.37 -1.46 40.26
N LEU A 172 15.24 -2.73 40.60
CA LEU A 172 16.34 -3.49 41.17
C LEU A 172 17.39 -3.79 40.11
N PHE A 173 16.92 -4.09 38.90
CA PHE A 173 17.80 -4.40 37.78
C PHE A 173 18.76 -3.24 37.48
N GLN A 174 18.23 -2.02 37.44
CA GLN A 174 19.03 -0.85 37.19
C GLN A 174 19.80 -0.44 38.44
N LEU A 175 19.30 -0.84 39.60
CA LEU A 175 19.97 -0.53 40.85
C LEU A 175 21.32 -1.23 40.95
N GLU A 176 21.36 -2.48 40.50
CA GLU A 176 22.60 -3.24 40.48
C GLU A 176 23.62 -2.54 39.58
N LYS A 177 23.12 -1.91 38.53
CA LYS A 177 23.96 -1.20 37.58
C LYS A 177 24.54 0.07 38.20
N ALA A 178 23.78 0.67 39.12
CA ALA A 178 24.15 1.97 39.67
C ALA A 178 24.90 1.85 40.99
N THR A 179 25.30 0.63 41.34
CA THR A 179 26.03 0.42 42.58
C THR A 179 27.40 -0.19 42.30
N GLY A 180 27.72 -0.33 41.02
CA GLY A 180 29.02 -0.80 40.60
C GLY A 180 29.89 0.36 40.16
N ASN A 181 30.92 0.06 39.37
CA ASN A 181 31.78 1.09 38.81
C ASN A 181 30.94 2.07 38.01
N PRO A 182 30.88 3.33 38.46
CA PRO A 182 29.96 4.34 37.90
C PRO A 182 30.07 4.60 36.39
N LYS A 183 31.28 4.56 35.80
CA LYS A 183 31.37 4.68 34.35
C LYS A 183 32.01 3.43 33.74
N HIS A 184 31.58 2.29 34.28
CA HIS A 184 31.69 1.02 33.60
C HIS A 184 30.43 1.01 32.74
N PRO A 185 30.55 0.58 31.47
CA PRO A 185 29.39 0.60 30.57
C PRO A 185 28.18 -0.13 31.12
N PHE A 186 28.42 -1.02 32.09
CA PHE A 186 27.35 -1.74 32.77
C PHE A 186 26.41 -0.78 33.50
N SER A 187 26.94 0.37 33.90
CA SER A 187 26.17 1.36 34.65
C SER A 187 25.18 2.12 33.78
N LYS A 188 25.31 2.01 32.46
CA LYS A 188 24.49 2.79 31.53
C LYS A 188 23.00 2.46 31.61
N PHE A 189 22.17 3.50 31.43
CA PHE A 189 20.73 3.35 31.38
C PHE A 189 20.27 2.91 29.99
N GLY A 190 19.86 1.65 29.88
CA GLY A 190 19.56 1.02 28.61
C GLY A 190 18.32 1.50 27.85
N THR A 191 17.20 1.59 28.56
CA THR A 191 15.91 1.95 27.94
C THR A 191 15.85 3.34 27.34
N GLY A 192 16.22 4.35 28.12
CA GLY A 192 16.14 5.73 27.67
C GLY A 192 14.71 6.23 27.76
N ASN A 193 14.56 7.54 27.90
CA ASN A 193 13.24 8.17 27.90
C ASN A 193 13.21 9.43 27.05
N LYS A 194 12.09 10.14 27.08
CA LYS A 194 11.91 11.37 26.29
C LYS A 194 12.95 12.41 26.67
N TYR A 195 13.39 12.34 27.92
CA TYR A 195 14.38 13.26 28.43
C TYR A 195 15.76 13.02 27.81
N THR A 196 16.26 11.80 27.91
CA THR A 196 17.59 11.46 27.43
C THR A 196 17.65 11.42 25.90
N LEU A 197 16.49 11.25 25.27
CA LEU A 197 16.43 11.06 23.83
C LEU A 197 16.03 12.32 23.06
N GLU A 198 15.19 13.16 23.66
CA GLU A 198 14.74 14.38 22.99
C GLU A 198 15.15 15.64 23.76
N THR A 199 14.74 15.74 25.02
CA THR A 199 14.92 16.95 25.81
C THR A 199 16.38 17.35 25.98
N ARG A 200 17.17 16.48 26.59
CA ARG A 200 18.58 16.81 26.89
C ARG A 200 19.45 16.95 25.62
N PRO A 201 19.25 16.09 24.61
CA PRO A 201 20.07 16.30 23.40
C PRO A 201 19.83 17.65 22.75
N ASN A 202 18.58 18.12 22.71
CA ASN A 202 18.27 19.42 22.15
C ASN A 202 18.91 20.57 22.92
N GLN A 203 18.96 20.42 24.25
CA GLN A 203 19.59 21.42 25.10
C GLN A 203 21.07 21.47 24.83
N GLU A 204 21.60 20.32 24.46
CA GLU A 204 23.01 20.17 24.21
C GLU A 204 23.36 20.29 22.72
N GLY A 205 22.44 20.80 21.93
CA GLY A 205 22.68 21.08 20.52
C GLY A 205 22.86 19.86 19.64
N ILE A 206 22.37 18.72 20.10
CA ILE A 206 22.51 17.46 19.38
C ILE A 206 21.39 17.21 18.38
N ASP A 207 21.77 16.94 17.14
CA ASP A 207 20.82 16.49 16.13
C ASP A 207 20.71 14.98 16.24
N VAL A 208 19.51 14.51 16.57
CA VAL A 208 19.34 13.10 16.90
C VAL A 208 19.36 12.22 15.65
N ARG A 209 18.81 12.71 14.55
CA ARG A 209 18.72 11.91 13.33
C ARG A 209 20.07 11.46 12.79
N GLN A 210 21.09 12.29 12.97
CA GLN A 210 22.42 11.93 12.50
C GLN A 210 23.11 11.00 13.49
N GLU A 211 23.00 11.28 14.79
CA GLU A 211 23.63 10.42 15.77
C GLU A 211 22.92 9.07 15.82
N LEU A 212 21.76 8.98 15.18
CA LEU A 212 21.17 7.71 14.80
C LEU A 212 21.85 7.11 13.58
N LEU A 213 22.04 7.94 12.56
CA LEU A 213 22.63 7.52 11.30
C LEU A 213 24.09 7.13 11.45
N LYS A 214 24.82 7.82 12.32
CA LYS A 214 26.22 7.50 12.55
C LYS A 214 26.36 6.18 13.30
N PHE A 215 25.53 6.02 14.32
CA PHE A 215 25.49 4.78 15.11
C PHE A 215 25.14 3.60 14.20
N HIS A 216 24.18 3.80 13.31
CA HIS A 216 23.80 2.78 12.35
C HIS A 216 24.93 2.53 11.37
N SER A 217 25.62 3.60 11.00
CA SER A 217 26.75 3.49 10.07
C SER A 217 27.95 2.81 10.72
N ALA A 218 28.23 3.18 11.97
CA ALA A 218 29.42 2.72 12.66
C ALA A 218 29.31 1.31 13.23
N TYR A 219 28.12 0.95 13.72
CA TYR A 219 27.97 -0.29 14.46
C TYR A 219 27.18 -1.37 13.73
N TYR A 220 26.25 -0.97 12.86
CA TYR A 220 25.49 -1.95 12.10
C TYR A 220 26.32 -2.42 10.91
N SER A 221 27.41 -3.12 11.22
CA SER A 221 28.31 -3.69 10.23
C SER A 221 28.00 -5.16 10.03
N SER A 222 28.28 -5.68 8.84
CA SER A 222 28.01 -7.08 8.52
C SER A 222 28.87 -7.98 9.40
N ASN A 223 29.98 -7.43 9.88
CA ASN A 223 30.91 -8.14 10.74
C ASN A 223 30.25 -8.59 12.04
N LEU A 224 29.28 -7.81 12.52
CA LEU A 224 28.61 -8.10 13.77
C LEU A 224 27.19 -8.65 13.60
N MET A 225 26.91 -9.27 12.46
CA MET A 225 25.54 -9.71 12.19
C MET A 225 25.40 -11.21 11.98
N ALA A 226 24.23 -11.73 12.37
CA ALA A 226 23.88 -13.13 12.16
C ALA A 226 22.45 -13.25 11.65
N VAL A 227 22.24 -14.11 10.67
CA VAL A 227 20.94 -14.24 10.02
C VAL A 227 20.44 -15.68 10.00
N VAL A 228 19.17 -15.87 10.35
CA VAL A 228 18.53 -17.17 10.23
C VAL A 228 17.22 -17.05 9.46
N VAL A 229 17.06 -17.85 8.42
CA VAL A 229 15.84 -17.82 7.60
C VAL A 229 15.19 -19.19 7.51
N LEU A 230 13.89 -19.24 7.76
CA LEU A 230 13.14 -20.49 7.73
C LEU A 230 12.01 -20.39 6.72
N GLY A 231 11.96 -21.34 5.79
CA GLY A 231 10.93 -21.35 4.76
C GLY A 231 10.71 -22.71 4.14
N ARG A 232 9.73 -22.81 3.24
CA ARG A 232 9.45 -24.06 2.55
C ARG A 232 10.49 -24.35 1.47
N GLU A 233 11.15 -23.28 1.00
CA GLU A 233 12.12 -23.39 -0.09
C GLU A 233 13.26 -24.36 0.22
N SER A 234 13.87 -24.89 -0.82
CA SER A 234 15.03 -25.76 -0.68
C SER A 234 16.21 -24.99 -0.08
N LEU A 235 17.16 -25.72 0.49
CA LEU A 235 18.33 -25.10 1.10
C LEU A 235 19.09 -24.22 0.12
N ASP A 236 19.17 -24.65 -1.14
CA ASP A 236 19.86 -23.88 -2.16
C ASP A 236 19.06 -22.66 -2.61
N ASP A 237 17.74 -22.75 -2.57
CA ASP A 237 16.89 -21.63 -2.91
C ASP A 237 16.97 -20.56 -1.82
N LEU A 238 17.18 -21.00 -0.59
CA LEU A 238 17.31 -20.08 0.53
C LEU A 238 18.70 -19.46 0.52
N THR A 239 19.67 -20.19 -0.01
CA THR A 239 21.03 -19.66 -0.12
C THR A 239 21.06 -18.50 -1.11
N ASN A 240 20.38 -18.67 -2.23
CA ASN A 240 20.34 -17.63 -3.25
C ASN A 240 19.57 -16.42 -2.74
N LEU A 241 18.65 -16.67 -1.82
CA LEU A 241 17.80 -15.62 -1.29
C LEU A 241 18.55 -14.68 -0.34
N VAL A 242 19.32 -15.26 0.57
CA VAL A 242 20.08 -14.49 1.54
C VAL A 242 21.20 -13.74 0.85
N VAL A 243 21.92 -14.45 -0.01
CA VAL A 243 23.04 -13.87 -0.75
C VAL A 243 22.59 -12.69 -1.61
N LYS A 244 21.42 -12.83 -2.22
CA LYS A 244 20.85 -11.77 -3.04
C LYS A 244 20.70 -10.44 -2.29
N LEU A 245 20.30 -10.50 -1.03
CA LEU A 245 19.87 -9.30 -0.31
C LEU A 245 20.62 -9.00 0.98
N PHE A 246 21.69 -9.72 1.25
CA PHE A 246 22.47 -9.48 2.45
C PHE A 246 23.94 -9.37 2.11
N SER A 247 24.25 -9.48 0.83
CA SER A 247 25.60 -9.26 0.35
C SER A 247 25.86 -7.76 0.28
N GLU A 248 24.79 -6.98 0.36
CA GLU A 248 24.91 -5.53 0.30
C GLU A 248 25.28 -4.90 1.64
N VAL A 249 25.09 -5.64 2.73
CA VAL A 249 25.49 -5.11 4.03
C VAL A 249 27.01 -5.00 4.09
N GLU A 250 27.51 -3.78 4.15
CA GLU A 250 28.94 -3.55 4.04
C GLU A 250 29.66 -3.84 5.34
N ASN A 251 30.93 -4.23 5.21
CA ASN A 251 31.76 -4.66 6.33
C ASN A 251 32.72 -3.56 6.79
N LYS A 252 32.31 -2.80 7.80
CA LYS A 252 33.17 -1.79 8.40
C LYS A 252 34.31 -2.38 9.22
N ASN A 253 34.27 -3.70 9.39
CA ASN A 253 35.21 -4.49 10.21
C ASN A 253 35.29 -4.03 11.67
N VAL A 254 34.14 -3.78 12.26
CA VAL A 254 34.05 -3.32 13.64
C VAL A 254 34.55 -4.26 14.72
N PRO A 255 35.50 -3.78 15.55
CA PRO A 255 35.98 -4.63 16.65
C PRO A 255 34.85 -4.92 17.64
N LEU A 256 34.63 -6.20 17.91
CA LEU A 256 33.58 -6.63 18.83
C LEU A 256 33.90 -6.16 20.26
N PRO A 257 32.99 -5.37 20.86
CA PRO A 257 33.17 -4.81 22.20
C PRO A 257 33.42 -5.88 23.27
N GLU A 258 34.43 -5.65 24.10
CA GLU A 258 34.69 -6.52 25.24
C GLU A 258 34.78 -5.70 26.52
N PHE A 259 34.50 -6.35 27.64
CA PHE A 259 34.48 -5.70 28.93
C PHE A 259 35.22 -6.55 29.95
N PRO A 260 36.56 -6.61 29.83
CA PRO A 260 37.38 -7.48 30.69
C PRO A 260 37.28 -7.13 32.17
N GLU A 261 37.34 -5.84 32.50
CA GLU A 261 37.28 -5.40 33.89
C GLU A 261 35.86 -5.48 34.43
N HIS A 262 35.72 -6.14 35.57
CA HIS A 262 34.42 -6.32 36.20
C HIS A 262 33.89 -5.02 36.77
N PRO A 263 32.60 -4.74 36.55
CA PRO A 263 31.95 -3.54 37.11
C PRO A 263 31.98 -3.53 38.64
N PHE A 264 32.03 -4.72 39.25
CA PHE A 264 32.10 -4.83 40.70
C PHE A 264 33.52 -5.09 41.15
N GLN A 265 34.25 -4.01 41.44
CA GLN A 265 35.58 -4.12 41.99
C GLN A 265 35.52 -4.27 43.49
N GLU A 266 36.68 -4.25 44.13
CA GLU A 266 36.79 -4.55 45.56
C GLU A 266 36.12 -3.47 46.41
N GLU A 267 35.93 -2.29 45.83
CA GLU A 267 35.24 -1.21 46.52
C GLU A 267 33.73 -1.48 46.54
N HIS A 268 33.28 -2.37 45.68
CA HIS A 268 31.86 -2.70 45.59
C HIS A 268 31.54 -4.07 46.17
N LEU A 269 32.49 -4.64 46.91
CA LEU A 269 32.28 -5.94 47.52
C LEU A 269 32.17 -5.84 49.04
N LYS A 270 31.66 -6.90 49.67
CA LYS A 270 31.36 -6.93 51.10
C LYS A 270 30.43 -5.78 51.46
N GLN A 271 29.47 -5.50 50.58
CA GLN A 271 28.55 -4.38 50.76
C GLN A 271 27.12 -4.86 51.03
N LEU A 272 26.40 -4.10 51.83
CA LEU A 272 25.00 -4.41 52.14
C LEU A 272 24.09 -3.33 51.58
N TYR A 273 22.98 -3.75 50.96
CA TYR A 273 22.03 -2.81 50.38
C TYR A 273 20.63 -3.03 50.94
N LYS A 274 20.13 -2.03 51.67
CA LYS A 274 18.78 -2.08 52.20
C LYS A 274 17.86 -1.29 51.28
N ILE A 275 16.92 -1.97 50.63
CA ILE A 275 16.14 -1.36 49.55
C ILE A 275 14.64 -1.34 49.85
N VAL A 276 13.99 -0.24 49.46
CA VAL A 276 12.54 -0.11 49.58
C VAL A 276 11.82 -0.45 48.28
N PRO A 277 10.90 -1.42 48.32
CA PRO A 277 10.16 -1.89 47.15
C PRO A 277 8.85 -1.16 46.92
N ILE A 278 8.20 -1.42 45.78
CA ILE A 278 6.89 -0.88 45.50
C ILE A 278 5.81 -1.78 46.09
N LYS A 279 5.85 -3.06 45.72
CA LYS A 279 4.97 -4.05 46.32
C LYS A 279 5.48 -4.43 47.71
N ASP A 280 4.62 -5.08 48.49
CA ASP A 280 5.03 -5.56 49.82
C ASP A 280 5.70 -6.92 49.69
N ILE A 281 7.00 -6.91 49.45
CA ILE A 281 7.75 -8.14 49.25
C ILE A 281 8.97 -8.19 50.17
N ARG A 282 9.47 -9.41 50.41
CA ARG A 282 10.67 -9.59 51.20
C ARG A 282 11.62 -10.56 50.49
N ASN A 283 12.74 -10.02 50.04
CA ASN A 283 13.69 -10.82 49.28
C ASN A 283 15.15 -10.53 49.64
N LEU A 284 15.97 -11.57 49.59
CA LEU A 284 17.39 -11.45 49.89
C LEU A 284 18.20 -11.80 48.65
N TYR A 285 18.98 -10.83 48.16
CA TYR A 285 19.75 -11.03 46.94
C TYR A 285 21.24 -11.11 47.22
N VAL A 286 21.79 -12.31 47.14
CA VAL A 286 23.22 -12.51 47.31
C VAL A 286 23.89 -12.65 45.95
N THR A 287 24.93 -11.87 45.70
CA THR A 287 25.58 -11.85 44.40
C THR A 287 27.09 -12.01 44.49
N PHE A 288 27.63 -12.92 43.67
CA PHE A 288 29.07 -13.12 43.58
C PHE A 288 29.57 -12.78 42.17
N PRO A 289 30.54 -11.86 42.08
CA PRO A 289 31.18 -11.56 40.80
C PRO A 289 32.08 -12.70 40.32
N ILE A 290 31.86 -13.15 39.09
CA ILE A 290 32.65 -14.24 38.51
C ILE A 290 33.07 -13.88 37.08
N PRO A 291 34.17 -14.49 36.59
CA PRO A 291 34.59 -14.23 35.22
C PRO A 291 33.62 -14.81 34.19
N ASP A 292 33.80 -14.43 32.93
CA ASP A 292 32.92 -14.88 31.87
C ASP A 292 33.12 -16.37 31.59
N LEU A 293 32.13 -17.19 31.97
CA LEU A 293 32.23 -18.64 31.84
C LEU A 293 31.70 -19.17 30.52
N GLN A 294 31.31 -18.26 29.64
CA GLN A 294 30.77 -18.62 28.32
C GLN A 294 31.78 -19.45 27.54
N LYS A 295 33.05 -19.13 27.75
CA LYS A 295 34.16 -19.82 27.10
C LYS A 295 34.15 -21.33 27.38
N TYR A 296 33.67 -21.71 28.56
CA TYR A 296 33.70 -23.09 29.01
C TYR A 296 32.40 -23.86 28.75
N TYR A 297 31.63 -23.43 27.75
CA TYR A 297 30.29 -23.96 27.55
C TYR A 297 30.17 -25.48 27.35
N LYS A 298 31.23 -26.10 26.86
CA LYS A 298 31.22 -27.56 26.64
C LYS A 298 31.18 -28.33 27.96
N SER A 299 31.77 -27.75 29.00
CA SER A 299 31.75 -28.37 30.32
C SER A 299 30.72 -27.70 31.23
N ASN A 300 30.57 -26.39 31.05
CA ASN A 300 29.56 -25.60 31.77
C ASN A 300 29.61 -25.77 33.28
N PRO A 301 30.67 -25.24 33.92
CA PRO A 301 30.82 -25.36 35.38
C PRO A 301 29.77 -24.60 36.17
N GLY A 302 29.27 -23.50 35.61
CA GLY A 302 28.25 -22.70 36.27
C GLY A 302 26.94 -23.44 36.43
N HIS A 303 26.61 -24.28 35.47
CA HIS A 303 25.37 -25.06 35.52
C HIS A 303 25.45 -26.12 36.60
N TYR A 304 26.61 -26.76 36.72
CA TYR A 304 26.83 -27.80 37.71
C TYR A 304 26.53 -27.29 39.12
N LEU A 305 27.15 -26.15 39.46
CA LEU A 305 26.95 -25.55 40.77
C LEU A 305 25.53 -25.02 40.93
N GLY A 306 24.98 -24.46 39.86
CA GLY A 306 23.62 -23.94 39.89
C GLY A 306 22.60 -25.02 40.18
N HIS A 307 22.83 -26.20 39.62
CA HIS A 307 21.95 -27.33 39.83
C HIS A 307 21.99 -27.79 41.29
N LEU A 308 23.17 -27.74 41.89
CA LEU A 308 23.36 -28.18 43.26
C LEU A 308 22.88 -27.17 44.28
N ILE A 309 23.33 -25.93 44.16
CA ILE A 309 22.93 -24.87 45.06
C ILE A 309 21.43 -24.59 44.95
N GLY A 310 20.95 -24.57 43.70
CA GLY A 310 19.55 -24.29 43.44
C GLY A 310 18.65 -25.50 43.58
N HIS A 311 19.22 -26.61 44.02
CA HIS A 311 18.44 -27.84 44.18
C HIS A 311 17.37 -27.65 45.26
N GLU A 312 16.23 -28.30 45.09
CA GLU A 312 15.11 -28.14 46.01
C GLU A 312 14.67 -29.48 46.59
N GLY A 313 15.41 -30.53 46.23
CA GLY A 313 15.12 -31.86 46.73
C GLY A 313 15.58 -32.01 48.16
N PRO A 314 15.49 -33.23 48.70
CA PRO A 314 15.91 -33.52 50.07
C PRO A 314 17.39 -33.26 50.31
N GLY A 315 17.71 -32.67 51.45
CA GLY A 315 19.09 -32.40 51.85
C GLY A 315 19.65 -31.13 51.25
N SER A 316 18.85 -30.46 50.42
CA SER A 316 19.27 -29.25 49.74
C SER A 316 19.22 -28.03 50.65
N LEU A 317 19.83 -26.94 50.19
CA LEU A 317 19.87 -25.69 50.94
C LEU A 317 18.48 -25.08 51.17
N LEU A 318 17.68 -25.05 50.10
CA LEU A 318 16.32 -24.51 50.17
C LEU A 318 15.49 -25.33 51.14
N SER A 319 15.71 -26.64 51.10
CA SER A 319 14.94 -27.60 51.89
C SER A 319 15.07 -27.31 53.37
N GLU A 320 16.14 -26.62 53.76
CA GLU A 320 16.40 -26.38 55.17
C GLU A 320 16.07 -24.97 55.62
N LEU A 321 16.32 -24.01 54.75
CA LEU A 321 15.90 -22.63 54.95
C LEU A 321 14.37 -22.53 54.98
N LYS A 322 13.71 -23.46 54.31
CA LYS A 322 12.26 -23.51 54.28
C LYS A 322 11.75 -24.24 55.52
N SER A 323 12.59 -25.13 56.05
CA SER A 323 12.25 -25.90 57.24
C SER A 323 12.32 -25.04 58.51
N LYS A 324 13.26 -24.10 58.53
CA LYS A 324 13.40 -23.18 59.66
C LYS A 324 12.41 -22.03 59.57
N GLY A 325 11.63 -22.01 58.49
CA GLY A 325 10.62 -20.99 58.31
C GLY A 325 11.22 -19.63 57.99
N TRP A 326 12.34 -19.66 57.28
CA TRP A 326 13.04 -18.43 56.93
C TRP A 326 12.78 -18.01 55.48
N VAL A 327 12.76 -18.98 54.56
CA VAL A 327 12.46 -18.71 53.16
C VAL A 327 11.37 -19.64 52.62
N ASN A 328 10.91 -19.37 51.41
CA ASN A 328 9.95 -20.23 50.74
C ASN A 328 10.45 -20.70 49.38
N THR A 329 11.11 -19.80 48.66
CA THR A 329 11.64 -20.10 47.33
C THR A 329 13.12 -19.75 47.23
N LEU A 330 13.81 -20.37 46.28
CA LEU A 330 15.22 -20.10 46.05
C LEU A 330 15.59 -20.26 44.59
N VAL A 331 16.34 -19.31 44.06
CA VAL A 331 16.95 -19.46 42.75
C VAL A 331 18.44 -19.20 42.85
N GLY A 332 19.24 -20.10 42.27
CA GLY A 332 20.68 -19.96 42.33
C GLY A 332 21.33 -20.44 41.05
N GLY A 333 22.44 -19.80 40.69
CA GLY A 333 23.16 -20.18 39.50
C GLY A 333 23.77 -18.98 38.82
N GLN A 334 24.30 -19.19 37.62
CA GLN A 334 24.99 -18.14 36.89
C GLN A 334 24.04 -17.21 36.14
N LYS A 335 24.28 -15.91 36.29
CA LYS A 335 23.54 -14.88 35.57
C LYS A 335 24.49 -14.12 34.65
N GLU A 336 24.23 -14.17 33.35
CA GLU A 336 25.08 -13.50 32.37
C GLU A 336 25.14 -11.99 32.62
N GLY A 337 26.31 -11.42 32.44
CA GLY A 337 26.49 -9.98 32.52
C GLY A 337 26.82 -9.47 31.14
N ALA A 338 28.06 -9.70 30.72
CA ALA A 338 28.47 -9.36 29.36
C ALA A 338 29.76 -10.11 29.01
N ARG A 339 30.32 -9.80 27.86
CA ARG A 339 31.56 -10.42 27.42
C ARG A 339 32.70 -9.94 28.29
N GLY A 340 33.12 -10.77 29.24
CA GLY A 340 34.21 -10.40 30.13
C GLY A 340 33.86 -10.57 31.60
N PHE A 341 32.56 -10.64 31.90
CA PHE A 341 32.12 -10.79 33.27
C PHE A 341 30.74 -11.45 33.39
N MET A 342 30.58 -12.27 34.42
CA MET A 342 29.30 -12.87 34.75
C MET A 342 29.00 -12.67 36.23
N PHE A 343 27.90 -13.27 36.69
CA PHE A 343 27.55 -13.23 38.10
C PHE A 343 27.13 -14.60 38.58
N PHE A 344 27.36 -14.89 39.85
CA PHE A 344 26.74 -16.04 40.47
C PHE A 344 25.83 -15.54 41.58
N ILE A 345 24.56 -15.93 41.53
CA ILE A 345 23.58 -15.39 42.46
C ILE A 345 22.89 -16.47 43.27
N ILE A 346 22.48 -16.11 44.47
CA ILE A 346 21.63 -16.96 45.30
C ILE A 346 20.53 -16.08 45.89
N ASN A 347 19.33 -16.15 45.30
CA ASN A 347 18.22 -15.31 45.70
C ASN A 347 17.10 -16.09 46.37
N VAL A 348 16.65 -15.59 47.52
CA VAL A 348 15.55 -16.20 48.25
C VAL A 348 14.48 -15.18 48.58
N ASP A 349 13.24 -15.63 48.72
CA ASP A 349 12.20 -14.79 49.28
C ASP A 349 12.28 -14.93 50.80
N LEU A 350 11.75 -13.97 51.53
CA LEU A 350 11.89 -14.00 52.97
C LEU A 350 10.55 -14.07 53.69
N THR A 351 10.50 -14.87 54.74
CA THR A 351 9.37 -14.84 55.66
C THR A 351 9.58 -13.65 56.57
N GLU A 352 8.65 -13.43 57.51
CA GLU A 352 8.79 -12.29 58.40
C GLU A 352 9.95 -12.46 59.38
N GLU A 353 10.19 -13.69 59.83
CA GLU A 353 11.28 -13.92 60.76
C GLU A 353 12.51 -14.45 60.03
N GLY A 354 12.35 -14.67 58.73
CA GLY A 354 13.50 -14.96 57.88
C GLY A 354 14.20 -13.64 57.63
N LEU A 355 13.44 -12.56 57.73
CA LEU A 355 13.96 -11.21 57.56
C LEU A 355 14.83 -10.82 58.74
N LEU A 356 14.58 -11.44 59.89
CA LEU A 356 15.31 -11.11 61.11
C LEU A 356 16.50 -12.03 61.33
N HIS A 357 16.61 -13.06 60.50
CA HIS A 357 17.71 -14.02 60.64
C HIS A 357 18.51 -14.12 59.34
N VAL A 358 18.63 -13.00 58.65
CA VAL A 358 19.34 -12.94 57.37
C VAL A 358 20.81 -13.33 57.49
N GLU A 359 21.46 -12.86 58.55
CA GLU A 359 22.86 -13.19 58.80
C GLU A 359 23.04 -14.70 58.90
N ASP A 360 22.07 -15.35 59.53
CA ASP A 360 22.10 -16.81 59.69
C ASP A 360 21.78 -17.51 58.37
N ILE A 361 20.88 -16.92 57.58
CA ILE A 361 20.50 -17.48 56.30
C ILE A 361 21.71 -17.55 55.37
N ILE A 362 22.43 -16.44 55.27
CA ILE A 362 23.63 -16.36 54.45
C ILE A 362 24.71 -17.31 54.98
N LEU A 363 24.76 -17.48 56.30
CA LEU A 363 25.67 -18.43 56.93
C LEU A 363 25.40 -19.85 56.45
N HIS A 364 24.12 -20.21 56.39
CA HIS A 364 23.72 -21.53 55.90
C HIS A 364 24.12 -21.71 54.45
N MET A 365 24.12 -20.61 53.70
CA MET A 365 24.53 -20.64 52.30
C MET A 365 25.99 -21.02 52.20
N PHE A 366 26.82 -20.38 53.00
CA PHE A 366 28.25 -20.68 52.99
C PHE A 366 28.54 -22.05 53.59
N GLN A 367 27.65 -22.51 54.45
CA GLN A 367 27.78 -23.86 55.01
C GLN A 367 27.53 -24.91 53.93
N TYR A 368 26.61 -24.62 53.01
CA TYR A 368 26.31 -25.51 51.91
C TYR A 368 27.45 -25.49 50.89
N ILE A 369 28.03 -24.30 50.71
CA ILE A 369 29.14 -24.14 49.79
C ILE A 369 30.34 -24.96 50.25
N GLN A 370 30.58 -24.98 51.56
CA GLN A 370 31.71 -25.72 52.11
C GLN A 370 31.44 -27.21 52.17
N LYS A 371 30.17 -27.59 52.10
CA LYS A 371 29.81 -28.98 51.92
C LYS A 371 30.20 -29.46 50.52
N LEU A 372 30.00 -28.59 49.53
CA LEU A 372 30.37 -28.89 48.16
C LEU A 372 31.88 -28.99 48.02
N ARG A 373 32.59 -28.08 48.68
CA ARG A 373 34.04 -28.08 48.62
C ARG A 373 34.61 -29.29 49.34
N ALA A 374 33.95 -29.72 50.40
CA ALA A 374 34.46 -30.79 51.24
C ALA A 374 34.38 -32.17 50.58
N GLU A 375 33.38 -32.38 49.72
CA GLU A 375 33.26 -33.67 49.06
C GLU A 375 33.61 -33.59 47.58
N GLY A 376 33.98 -32.40 47.12
CA GLY A 376 34.50 -32.22 45.77
C GLY A 376 33.54 -32.49 44.64
N PRO A 377 34.00 -32.28 43.40
CA PRO A 377 33.21 -32.46 42.17
C PRO A 377 32.75 -33.90 42.00
N GLN A 378 31.46 -34.08 41.71
CA GLN A 378 30.90 -35.41 41.55
C GLN A 378 30.60 -35.69 40.08
N GLU A 379 31.33 -36.62 39.48
CA GLU A 379 31.19 -36.88 38.04
C GLU A 379 29.81 -37.46 37.71
N TRP A 380 29.27 -38.27 38.61
CA TRP A 380 27.97 -38.89 38.39
C TRP A 380 26.89 -37.82 38.24
N VAL A 381 27.07 -36.71 38.94
CA VAL A 381 26.16 -35.57 38.82
C VAL A 381 26.22 -35.01 37.41
N PHE A 382 27.45 -34.77 36.93
CA PHE A 382 27.68 -34.26 35.59
C PHE A 382 27.01 -35.12 34.53
N GLN A 383 27.09 -36.40 34.77
CA GLN A 383 26.59 -37.47 33.92
C GLN A 383 25.06 -37.42 33.85
N GLU A 384 24.46 -37.17 35.01
CA GLU A 384 23.02 -37.03 35.12
C GLU A 384 22.56 -35.78 34.38
N LEU A 385 23.29 -34.68 34.56
CA LEU A 385 22.98 -33.44 33.86
C LEU A 385 23.22 -33.59 32.36
N LYS A 386 24.17 -34.44 32.01
CA LYS A 386 24.49 -34.69 30.60
C LYS A 386 23.41 -35.51 29.91
N ASP A 387 23.02 -36.61 30.55
CA ASP A 387 22.01 -37.49 29.98
C ASP A 387 20.66 -36.79 29.90
N LEU A 388 20.36 -35.95 30.87
CA LEU A 388 19.09 -35.23 30.87
C LEU A 388 19.05 -34.25 29.70
N ASN A 389 20.15 -33.55 29.49
CA ASN A 389 20.25 -32.63 28.36
C ASN A 389 20.26 -33.37 27.03
N ALA A 390 20.83 -34.58 27.03
CA ALA A 390 20.86 -35.41 25.83
C ALA A 390 19.45 -35.84 25.45
N VAL A 391 18.70 -36.32 26.45
CA VAL A 391 17.32 -36.72 26.23
C VAL A 391 16.45 -35.54 25.84
N ALA A 392 16.63 -34.42 26.55
CA ALA A 392 15.86 -33.22 26.28
C ALA A 392 16.06 -32.73 24.84
N PHE A 393 17.27 -32.91 24.33
CA PHE A 393 17.58 -32.47 22.97
C PHE A 393 17.04 -33.41 21.90
N ARG A 394 17.09 -34.71 22.18
CA ARG A 394 16.66 -35.71 21.22
C ARG A 394 15.16 -35.54 20.97
N PHE A 395 14.41 -35.52 22.06
CA PHE A 395 12.96 -35.42 21.99
C PHE A 395 12.46 -33.99 22.20
N LYS A 396 13.29 -33.03 21.80
CA LYS A 396 12.94 -31.62 21.91
C LYS A 396 11.70 -31.29 21.07
N ASP A 397 10.73 -30.64 21.69
CA ASP A 397 9.52 -30.21 20.96
C ASP A 397 9.85 -29.24 19.85
N LYS A 398 9.12 -29.31 18.75
CA LYS A 398 9.37 -28.42 17.62
C LYS A 398 8.97 -26.99 17.97
N GLU A 399 9.80 -26.05 17.58
CA GLU A 399 9.59 -24.64 17.90
C GLU A 399 8.95 -23.89 16.74
N ARG A 400 8.16 -22.88 17.08
CA ARG A 400 7.55 -22.01 16.08
C ARG A 400 8.63 -21.16 15.43
N PRO A 401 8.57 -21.01 14.10
CA PRO A 401 9.59 -20.38 13.27
C PRO A 401 10.09 -19.04 13.79
N ARG A 402 9.18 -18.17 14.20
CA ARG A 402 9.52 -16.82 14.64
C ARG A 402 10.50 -16.82 15.80
N GLY A 403 10.17 -17.54 16.87
CA GLY A 403 11.03 -17.60 18.04
C GLY A 403 12.28 -18.42 17.79
N TYR A 404 12.17 -19.41 16.91
CA TYR A 404 13.28 -20.31 16.60
C TYR A 404 14.41 -19.55 15.90
N THR A 405 14.06 -18.82 14.84
CA THR A 405 15.04 -18.05 14.09
C THR A 405 15.64 -16.95 14.96
N SER A 406 14.80 -16.36 15.79
CA SER A 406 15.23 -15.29 16.68
C SER A 406 16.30 -15.73 17.66
N LYS A 407 16.12 -16.93 18.22
CA LYS A 407 17.06 -17.42 19.22
C LYS A 407 18.37 -17.87 18.58
N ILE A 408 18.27 -18.60 17.47
CA ILE A 408 19.45 -19.10 16.78
C ILE A 408 20.31 -17.95 16.28
N ALA A 409 19.66 -16.90 15.77
CA ALA A 409 20.37 -15.74 15.27
C ALA A 409 21.23 -15.11 16.36
N GLY A 410 20.79 -15.26 17.60
CA GLY A 410 21.53 -14.72 18.74
C GLY A 410 22.70 -15.59 19.15
N ILE A 411 22.52 -16.90 19.02
CA ILE A 411 23.54 -17.85 19.47
C ILE A 411 24.47 -18.25 18.34
N LEU A 412 24.32 -17.60 17.19
CA LEU A 412 25.24 -17.80 16.07
C LEU A 412 26.55 -17.07 16.31
N HIS A 413 26.57 -16.21 17.33
CA HIS A 413 27.75 -15.42 17.65
C HIS A 413 28.69 -16.13 18.64
N TYR A 414 28.19 -17.15 19.33
CA TYR A 414 28.94 -17.76 20.42
C TYR A 414 29.43 -19.16 20.10
N TYR A 415 28.84 -19.79 19.10
CA TYR A 415 29.18 -21.17 18.77
C TYR A 415 29.40 -21.36 17.27
N PRO A 416 30.23 -22.36 16.91
CA PRO A 416 30.43 -22.73 15.50
C PRO A 416 29.10 -23.08 14.83
N LEU A 417 29.04 -22.94 13.51
CA LEU A 417 27.81 -23.18 12.77
C LEU A 417 27.23 -24.56 13.01
N GLU A 418 28.09 -25.55 13.17
CA GLU A 418 27.63 -26.94 13.29
C GLU A 418 27.10 -27.24 14.68
N GLU A 419 27.47 -26.43 15.66
CA GLU A 419 27.11 -26.70 17.06
C GLU A 419 25.93 -25.86 17.54
N VAL A 420 25.47 -24.92 16.72
CA VAL A 420 24.47 -23.93 17.17
C VAL A 420 23.20 -24.56 17.73
N LEU A 421 22.83 -25.73 17.23
CA LEU A 421 21.60 -26.37 17.64
C LEU A 421 21.84 -27.19 18.91
N THR A 422 23.08 -27.61 19.10
CA THR A 422 23.43 -28.54 20.16
C THR A 422 24.20 -27.92 21.33
N ALA A 423 24.84 -26.79 21.05
CA ALA A 423 25.79 -26.19 22.01
C ALA A 423 25.15 -25.90 23.37
N GLU A 424 23.96 -25.31 23.34
CA GLU A 424 23.28 -24.92 24.57
C GLU A 424 22.81 -26.16 25.32
N TYR A 425 22.63 -27.27 24.60
CA TYR A 425 22.14 -28.49 25.23
C TYR A 425 23.07 -29.58 25.72
N LEU A 426 24.07 -29.91 24.92
CA LEU A 426 24.85 -31.11 25.15
C LEU A 426 26.12 -30.72 25.91
N LEU A 427 26.48 -31.52 26.91
CA LEU A 427 27.75 -31.39 27.59
C LEU A 427 28.69 -32.49 27.14
N GLU A 428 29.98 -32.17 27.10
CA GLU A 428 30.97 -33.10 26.57
C GLU A 428 32.15 -33.34 27.50
N GLU A 429 32.56 -32.32 28.26
CA GLU A 429 33.74 -32.48 29.10
C GLU A 429 33.50 -32.25 30.58
N PHE A 430 34.06 -33.13 31.40
CA PHE A 430 34.06 -32.98 32.85
C PHE A 430 35.29 -32.21 33.30
N ARG A 431 35.10 -31.02 33.86
CA ARG A 431 36.24 -30.22 34.28
C ARG A 431 36.16 -29.84 35.77
N PRO A 432 36.66 -30.73 36.64
CA PRO A 432 36.62 -30.52 38.09
C PRO A 432 37.37 -29.27 38.53
N ASP A 433 38.37 -28.88 37.74
CA ASP A 433 39.15 -27.68 38.04
C ASP A 433 38.30 -26.44 37.88
N LEU A 434 37.53 -26.37 36.80
CA LEU A 434 36.63 -25.25 36.57
C LEU A 434 35.54 -25.25 37.63
N ILE A 435 35.12 -26.44 38.02
CA ILE A 435 34.13 -26.61 39.08
C ILE A 435 34.60 -25.99 40.39
N GLU A 436 35.85 -26.24 40.73
CA GLU A 436 36.40 -25.84 42.03
C GLU A 436 36.87 -24.39 42.06
N MET A 437 37.29 -23.87 40.91
CA MET A 437 37.73 -22.48 40.84
C MET A 437 36.56 -21.50 40.82
N VAL A 438 35.46 -21.86 40.18
CA VAL A 438 34.25 -21.05 40.26
C VAL A 438 33.78 -21.09 41.71
N LEU A 439 33.90 -22.27 42.30
CA LEU A 439 33.49 -22.50 43.68
C LEU A 439 34.36 -21.67 44.63
N ASP A 440 35.58 -21.35 44.19
CA ASP A 440 36.54 -20.60 45.00
C ASP A 440 36.25 -19.11 44.99
N LYS A 441 35.34 -18.68 44.12
CA LYS A 441 35.00 -17.26 44.05
C LYS A 441 33.63 -17.02 44.68
N LEU A 442 33.14 -18.01 45.43
CA LEU A 442 31.87 -17.89 46.13
C LEU A 442 32.11 -17.70 47.63
N ARG A 443 33.25 -17.07 47.94
CA ARG A 443 33.65 -16.85 49.32
C ARG A 443 33.08 -15.55 49.90
N PRO A 444 32.93 -15.49 51.24
CA PRO A 444 32.37 -14.32 51.92
C PRO A 444 33.12 -13.01 51.67
N GLU A 445 34.41 -13.08 51.34
CA GLU A 445 35.19 -11.86 51.17
C GLU A 445 34.86 -11.07 49.90
N ASN A 446 34.16 -11.70 48.95
CA ASN A 446 33.76 -10.99 47.73
C ASN A 446 32.25 -11.06 47.51
N VAL A 447 31.48 -10.97 48.60
CA VAL A 447 30.04 -11.14 48.54
C VAL A 447 29.32 -9.80 48.40
N ARG A 448 28.15 -9.83 47.80
CA ARG A 448 27.28 -8.67 47.73
C ARG A 448 25.87 -9.04 48.18
N VAL A 449 25.40 -8.34 49.21
CA VAL A 449 24.12 -8.66 49.82
C VAL A 449 23.12 -7.52 49.66
N ALA A 450 21.92 -7.85 49.21
CA ALA A 450 20.86 -6.85 49.06
C ALA A 450 19.57 -7.35 49.68
N ILE A 451 19.00 -6.55 50.57
CA ILE A 451 17.75 -6.90 51.22
C ILE A 451 16.62 -5.96 50.79
N VAL A 452 15.52 -6.55 50.33
CA VAL A 452 14.38 -5.79 49.86
C VAL A 452 13.17 -5.99 50.77
N SER A 453 12.78 -4.94 51.48
CA SER A 453 11.65 -4.99 52.40
C SER A 453 11.07 -3.60 52.64
N LYS A 454 9.76 -3.56 52.93
CA LYS A 454 9.10 -2.29 53.24
C LYS A 454 9.55 -1.71 54.58
N SER A 455 10.20 -2.55 55.39
CA SER A 455 10.63 -2.14 56.72
C SER A 455 11.73 -1.08 56.70
N PHE A 456 12.34 -0.89 55.52
CA PHE A 456 13.42 0.07 55.37
C PHE A 456 12.90 1.44 55.00
N GLU A 457 11.57 1.56 54.90
CA GLU A 457 10.95 2.82 54.50
C GLU A 457 11.17 3.89 55.57
N GLY A 458 11.74 5.02 55.15
CA GLY A 458 12.05 6.10 56.05
C GLY A 458 13.49 6.08 56.51
N LYS A 459 14.06 4.88 56.60
CA LYS A 459 15.42 4.71 57.08
C LYS A 459 16.47 4.76 55.95
N THR A 460 16.02 5.09 54.75
CA THR A 460 16.90 5.14 53.58
C THR A 460 17.54 6.52 53.44
N ASP A 461 18.70 6.57 52.80
CA ASP A 461 19.42 7.84 52.64
C ASP A 461 19.54 8.28 51.18
N ARG A 462 19.87 7.35 50.27
CA ARG A 462 20.11 7.73 48.89
C ARG A 462 18.96 7.29 47.98
N THR A 463 18.99 7.73 46.74
CA THR A 463 17.91 7.54 45.79
C THR A 463 18.50 7.23 44.41
N GLU A 464 18.06 6.13 43.80
CA GLU A 464 18.52 5.76 42.48
C GLU A 464 18.00 6.75 41.44
N GLU A 465 18.86 7.07 40.47
CA GLU A 465 18.63 8.19 39.56
C GLU A 465 17.44 8.03 38.61
N TRP A 466 17.37 6.89 37.93
CA TRP A 466 16.40 6.70 36.85
C TRP A 466 15.02 6.23 37.29
N TYR A 467 14.97 5.39 38.32
CA TYR A 467 13.71 4.80 38.75
C TYR A 467 13.23 5.42 40.06
N GLY A 468 14.14 6.06 40.78
CA GLY A 468 13.81 6.70 42.05
C GLY A 468 13.78 5.72 43.21
N THR A 469 14.63 4.69 43.14
CA THR A 469 14.64 3.64 44.16
C THR A 469 15.19 4.13 45.49
N GLN A 470 14.36 4.04 46.53
CA GLN A 470 14.78 4.42 47.89
C GLN A 470 15.61 3.35 48.55
N TYR A 471 16.85 3.65 48.91
CA TYR A 471 17.66 2.64 49.60
C TYR A 471 18.84 3.19 50.41
N LYS A 472 19.64 2.26 50.93
CA LYS A 472 20.72 2.57 51.86
C LYS A 472 21.89 1.60 51.67
N GLN A 473 23.12 2.12 51.69
CA GLN A 473 24.29 1.29 51.41
C GLN A 473 25.20 1.21 52.63
N GLU A 474 25.41 -0.01 53.12
CA GLU A 474 26.27 -0.24 54.28
C GLU A 474 27.44 -1.15 53.90
N ALA A 475 28.58 -0.97 54.56
CA ALA A 475 29.66 -1.93 54.45
C ALA A 475 29.41 -3.05 55.45
N ILE A 476 29.34 -4.28 54.96
CA ILE A 476 29.09 -5.42 55.84
C ILE A 476 30.21 -5.51 56.87
N PRO A 477 29.84 -5.43 58.16
CA PRO A 477 30.79 -5.48 59.28
C PRO A 477 31.73 -6.67 59.18
N ASP A 478 33.02 -6.43 59.39
CA ASP A 478 34.05 -7.45 59.20
C ASP A 478 33.88 -8.54 60.25
N GLU A 479 33.15 -8.23 61.32
CA GLU A 479 32.79 -9.23 62.32
C GLU A 479 32.05 -10.35 61.62
N VAL A 480 31.08 -9.97 60.80
CA VAL A 480 30.20 -10.89 60.10
C VAL A 480 30.93 -11.74 59.05
N ILE A 481 31.79 -11.10 58.26
CA ILE A 481 32.56 -11.81 57.24
C ILE A 481 33.34 -12.97 57.87
N LYS A 482 33.93 -12.70 59.02
CA LYS A 482 34.74 -13.71 59.70
C LYS A 482 33.91 -14.92 60.13
N LYS A 483 32.63 -14.70 60.42
CA LYS A 483 31.78 -15.81 60.85
C LYS A 483 31.31 -16.61 59.65
N TRP A 484 31.22 -15.94 58.51
CA TRP A 484 30.90 -16.61 57.25
C TRP A 484 32.09 -17.39 56.71
N GLN A 485 33.28 -16.81 56.79
CA GLN A 485 34.50 -17.48 56.35
C GLN A 485 34.75 -18.74 57.17
N ASN A 486 34.51 -18.64 58.46
CA ASN A 486 34.63 -19.79 59.36
C ASN A 486 33.29 -20.50 59.48
N ALA A 487 32.86 -21.11 58.39
CA ALA A 487 31.58 -21.81 58.34
C ALA A 487 31.85 -23.31 58.45
N ASP A 488 31.42 -23.89 59.56
CA ASP A 488 31.47 -25.33 59.74
C ASP A 488 30.59 -26.07 58.76
N LEU A 489 30.77 -27.38 58.69
CA LEU A 489 29.89 -28.22 57.89
C LEU A 489 28.63 -28.52 58.66
N ASN A 490 27.49 -28.17 58.07
CA ASN A 490 26.20 -28.49 58.65
C ASN A 490 25.79 -29.90 58.25
N GLY A 491 25.57 -30.75 59.25
CA GLY A 491 25.15 -32.12 59.02
C GLY A 491 23.79 -32.30 58.38
N LYS A 492 23.05 -31.20 58.19
CA LYS A 492 21.75 -31.28 57.54
C LYS A 492 21.82 -30.93 56.06
N PHE A 493 23.02 -30.85 55.51
CA PHE A 493 23.19 -30.65 54.08
C PHE A 493 23.81 -31.88 53.40
N LYS A 494 22.96 -32.68 52.75
CA LYS A 494 23.41 -33.84 51.97
C LYS A 494 23.22 -33.59 50.48
N LEU A 495 24.18 -34.04 49.68
CA LEU A 495 24.08 -33.90 48.23
C LEU A 495 22.87 -34.68 47.71
N PRO A 496 22.20 -34.14 46.69
CA PRO A 496 21.05 -34.82 46.08
C PRO A 496 21.39 -36.24 45.68
N THR A 497 20.49 -37.18 45.97
CA THR A 497 20.71 -38.58 45.62
C THR A 497 20.42 -38.83 44.13
N LYS A 498 20.38 -40.10 43.76
CA LYS A 498 20.08 -40.52 42.40
C LYS A 498 18.72 -40.01 41.93
N ASN A 499 18.68 -39.41 40.75
CA ASN A 499 17.40 -38.96 40.21
C ASN A 499 16.65 -40.13 39.61
N GLU A 500 15.51 -40.46 40.20
CA GLU A 500 14.80 -41.67 39.83
C GLU A 500 13.61 -41.41 38.91
N PHE A 501 13.47 -40.17 38.47
CA PHE A 501 12.39 -39.85 37.54
C PHE A 501 12.91 -39.78 36.12
N ILE A 502 14.21 -40.02 35.96
CA ILE A 502 14.83 -40.01 34.64
C ILE A 502 14.25 -41.11 33.76
N PRO A 503 13.64 -40.72 32.64
CA PRO A 503 12.96 -41.66 31.73
C PRO A 503 13.92 -42.61 31.05
N THR A 504 13.47 -43.84 30.85
CA THR A 504 14.25 -44.87 30.17
C THR A 504 13.43 -45.47 29.03
N ASN A 505 12.11 -45.35 29.15
CA ASN A 505 11.18 -45.83 28.15
C ASN A 505 10.74 -44.73 27.19
N PHE A 506 11.24 -44.77 25.96
CA PHE A 506 10.88 -43.78 24.95
C PHE A 506 10.16 -44.41 23.77
N GLU A 507 9.71 -45.64 23.93
CA GLU A 507 9.03 -46.36 22.86
C GLU A 507 7.70 -45.72 22.51
N ILE A 508 7.64 -45.14 21.31
CA ILE A 508 6.39 -44.58 20.80
C ILE A 508 5.45 -45.70 20.38
N LEU A 509 4.37 -45.87 21.14
CA LEU A 509 3.40 -46.94 20.89
C LEU A 509 2.77 -46.78 19.53
N PRO A 510 2.58 -47.90 18.81
CA PRO A 510 1.99 -47.88 17.47
C PRO A 510 0.56 -47.35 17.46
N LEU A 511 0.18 -46.69 16.37
CA LEU A 511 -1.15 -46.13 16.25
C LEU A 511 -2.20 -47.24 16.21
N GLU A 512 -3.19 -47.13 17.11
CA GLU A 512 -4.25 -48.14 17.19
C GLU A 512 -5.14 -48.14 15.95
N LYS A 513 -5.82 -49.26 15.73
CA LYS A 513 -6.68 -49.41 14.57
C LYS A 513 -7.89 -48.48 14.63
N GLU A 514 -8.38 -48.23 15.84
CA GLU A 514 -9.56 -47.38 16.03
C GLU A 514 -9.16 -45.98 16.48
N ALA A 515 -7.99 -45.53 16.06
CA ALA A 515 -7.49 -44.20 16.42
C ALA A 515 -8.30 -43.10 15.75
N THR A 516 -8.40 -41.95 16.41
CA THR A 516 -9.22 -40.84 15.93
C THR A 516 -8.38 -39.59 15.70
N PRO A 517 -8.72 -38.80 14.66
CA PRO A 517 -8.01 -37.55 14.37
C PRO A 517 -8.32 -36.45 15.37
N TYR A 518 -9.51 -36.52 15.97
CA TYR A 518 -9.91 -35.59 17.01
C TYR A 518 -10.19 -36.36 18.30
N PRO A 519 -10.08 -35.70 19.46
CA PRO A 519 -10.34 -36.36 20.74
C PRO A 519 -11.72 -37.02 20.81
N ALA A 520 -11.75 -38.30 21.15
CA ALA A 520 -13.00 -39.04 21.25
C ALA A 520 -13.42 -39.21 22.69
N LEU A 521 -14.71 -39.07 22.96
CA LEU A 521 -15.23 -39.32 24.30
C LEU A 521 -15.31 -40.82 24.54
N ILE A 522 -14.45 -41.31 25.43
CA ILE A 522 -14.34 -42.75 25.66
C ILE A 522 -14.85 -43.16 27.04
N LYS A 523 -15.32 -42.19 27.83
CA LYS A 523 -15.95 -42.48 29.11
C LYS A 523 -16.89 -41.36 29.51
N ASP A 524 -18.15 -41.70 29.72
CA ASP A 524 -19.16 -40.70 30.05
C ASP A 524 -20.02 -41.16 31.22
N THR A 525 -19.44 -41.12 32.41
CA THR A 525 -20.17 -41.45 33.62
C THR A 525 -20.55 -40.19 34.37
N ALA A 526 -21.26 -40.35 35.48
CA ALA A 526 -21.66 -39.23 36.32
C ALA A 526 -20.45 -38.68 37.05
N MET A 527 -19.43 -39.53 37.19
CA MET A 527 -18.23 -39.18 37.93
C MET A 527 -17.20 -38.50 37.05
N SER A 528 -17.07 -38.96 35.81
CA SER A 528 -16.03 -38.43 34.93
C SER A 528 -16.40 -38.43 33.45
N LYS A 529 -15.81 -37.48 32.72
CA LYS A 529 -15.95 -37.42 31.27
C LYS A 529 -14.56 -37.42 30.64
N LEU A 530 -14.20 -38.51 29.97
CA LEU A 530 -12.83 -38.69 29.48
C LEU A 530 -12.68 -38.49 27.98
N TRP A 531 -11.93 -37.46 27.61
CA TRP A 531 -11.57 -37.21 26.21
C TRP A 531 -10.17 -37.74 25.93
N PHE A 532 -10.02 -38.48 24.84
CA PHE A 532 -8.74 -39.11 24.55
C PHE A 532 -8.36 -39.07 23.07
N LYS A 533 -7.08 -38.81 22.81
CA LYS A 533 -6.54 -38.99 21.48
C LYS A 533 -5.08 -39.42 21.54
N GLN A 534 -4.78 -40.55 20.90
CA GLN A 534 -3.42 -41.00 20.74
C GLN A 534 -2.72 -40.10 19.72
N ASP A 535 -1.51 -39.64 20.04
CA ASP A 535 -0.77 -38.74 19.15
C ASP A 535 -0.51 -39.38 17.79
N ASP A 536 -0.82 -38.64 16.73
CA ASP A 536 -0.70 -39.15 15.38
C ASP A 536 0.18 -38.26 14.50
N LYS A 537 0.87 -37.30 15.11
CA LYS A 537 1.65 -36.34 14.33
C LYS A 537 3.09 -36.16 14.80
N PHE A 538 3.31 -36.12 16.11
CA PHE A 538 4.61 -35.75 16.67
C PHE A 538 5.49 -36.95 17.04
N PHE A 539 4.85 -37.98 17.60
CA PHE A 539 5.53 -39.23 17.92
C PHE A 539 6.74 -39.04 18.84
N LEU A 540 6.51 -38.39 19.97
CA LEU A 540 7.51 -38.29 21.03
C LEU A 540 7.06 -39.21 22.16
N PRO A 541 7.91 -39.37 23.19
CA PRO A 541 7.53 -40.22 24.33
C PRO A 541 6.74 -39.41 25.35
N LYS A 542 6.47 -38.15 25.03
CA LYS A 542 5.66 -37.30 25.89
C LYS A 542 4.15 -37.53 25.88
N ALA A 543 3.48 -37.03 26.91
CA ALA A 543 2.03 -37.11 26.99
C ALA A 543 1.49 -36.04 27.94
N ASN A 544 0.32 -35.50 27.63
CA ASN A 544 -0.30 -34.48 28.47
C ASN A 544 -1.58 -34.99 29.13
N LEU A 545 -1.61 -34.94 30.46
CA LEU A 545 -2.78 -35.39 31.21
C LEU A 545 -3.47 -34.18 31.85
N ASN A 546 -4.55 -33.72 31.22
CA ASN A 546 -5.30 -32.58 31.73
C ASN A 546 -6.58 -32.99 32.46
N PHE A 547 -6.78 -32.45 33.65
CA PHE A 547 -7.97 -32.74 34.46
C PHE A 547 -8.64 -31.47 34.95
N GLU A 548 -9.96 -31.43 34.88
CA GLU A 548 -10.69 -30.36 35.52
C GLU A 548 -11.68 -30.93 36.53
N PHE A 549 -11.47 -30.60 37.79
CA PHE A 549 -12.34 -31.04 38.87
C PHE A 549 -13.40 -29.99 39.16
N PHE A 550 -14.67 -30.39 39.07
CA PHE A 550 -15.77 -29.47 39.35
C PHE A 550 -16.31 -29.65 40.76
N SER A 551 -16.47 -28.53 41.45
CA SER A 551 -17.07 -28.52 42.79
C SER A 551 -17.63 -27.15 43.11
N PRO A 552 -18.88 -27.13 43.60
CA PRO A 552 -19.56 -25.89 43.97
C PRO A 552 -18.89 -25.22 45.17
N PHE A 553 -18.20 -26.02 45.97
CA PHE A 553 -17.60 -25.53 47.20
C PHE A 553 -16.32 -24.76 46.95
N ALA A 554 -15.90 -24.69 45.69
CA ALA A 554 -14.64 -24.02 45.34
C ALA A 554 -14.79 -22.50 45.22
N TYR A 555 -15.95 -22.04 44.78
CA TYR A 555 -16.15 -20.62 44.52
C TYR A 555 -17.51 -20.15 45.01
N VAL A 556 -18.04 -20.84 46.02
CA VAL A 556 -19.35 -20.52 46.56
C VAL A 556 -19.35 -19.14 47.22
N ASP A 557 -18.25 -18.83 47.90
CA ASP A 557 -18.09 -17.54 48.57
C ASP A 557 -16.61 -17.19 48.68
N PRO A 558 -16.30 -15.90 48.94
CA PRO A 558 -14.90 -15.46 49.07
C PRO A 558 -14.08 -16.29 50.05
N LEU A 559 -14.72 -16.78 51.11
CA LEU A 559 -14.03 -17.59 52.10
C LEU A 559 -13.50 -18.89 51.50
N HIS A 560 -14.36 -19.58 50.75
CA HIS A 560 -13.99 -20.87 50.17
C HIS A 560 -13.03 -20.73 49.00
N SER A 561 -13.16 -19.66 48.24
CA SER A 561 -12.23 -19.41 47.14
C SER A 561 -10.83 -19.15 47.70
N ASN A 562 -10.78 -18.62 48.92
CA ASN A 562 -9.52 -18.42 49.61
C ASN A 562 -8.96 -19.75 50.08
N MET A 563 -9.82 -20.55 50.70
CA MET A 563 -9.38 -21.83 51.24
C MET A 563 -8.98 -22.78 50.13
N ALA A 564 -9.68 -22.69 49.01
CA ALA A 564 -9.38 -23.51 47.84
C ALA A 564 -7.98 -23.19 47.33
N TYR A 565 -7.64 -21.91 47.31
CA TYR A 565 -6.31 -21.48 46.92
C TYR A 565 -5.27 -21.98 47.91
N LEU A 566 -5.49 -21.70 49.19
CA LEU A 566 -4.56 -22.09 50.25
C LEU A 566 -4.33 -23.59 50.27
N TYR A 567 -5.40 -24.35 50.08
CA TYR A 567 -5.31 -25.80 50.09
C TYR A 567 -4.39 -26.33 48.99
N LEU A 568 -4.51 -25.75 47.80
CA LEU A 568 -3.70 -26.18 46.66
C LEU A 568 -2.27 -25.67 46.74
N GLU A 569 -2.07 -24.53 47.40
CA GLU A 569 -0.72 -23.99 47.50
C GLU A 569 0.02 -24.61 48.68
N LEU A 570 -0.73 -25.10 49.67
CA LEU A 570 -0.15 -25.91 50.74
C LEU A 570 0.24 -27.29 50.23
N LEU A 571 -0.59 -27.82 49.35
CA LEU A 571 -0.36 -29.14 48.77
C LEU A 571 0.87 -29.15 47.88
N LYS A 572 0.98 -28.16 47.00
CA LYS A 572 2.14 -28.04 46.11
C LYS A 572 3.42 -27.85 46.92
N ASP A 573 3.32 -27.12 48.03
CA ASP A 573 4.48 -26.84 48.88
C ASP A 573 5.03 -28.14 49.47
N SER A 574 4.13 -29.02 49.87
CA SER A 574 4.51 -30.29 50.48
C SER A 574 5.10 -31.25 49.45
N LEU A 575 4.64 -31.15 48.21
CA LEU A 575 5.09 -32.02 47.14
C LEU A 575 6.38 -31.54 46.47
N ASN A 576 6.83 -30.35 46.84
CA ASN A 576 7.94 -29.72 46.15
C ASN A 576 9.23 -30.53 46.12
N GLU A 577 9.68 -30.98 47.28
CA GLU A 577 10.91 -31.78 47.36
C GLU A 577 10.83 -33.03 46.49
N TYR A 578 9.66 -33.66 46.49
CA TYR A 578 9.43 -34.87 45.71
C TYR A 578 9.36 -34.58 44.22
N ALA A 579 8.61 -33.54 43.88
CA ALA A 579 8.32 -33.26 42.47
C ALA A 579 9.45 -32.55 41.75
N TYR A 580 10.37 -31.95 42.50
CA TYR A 580 11.47 -31.22 41.88
C TYR A 580 12.35 -32.15 41.05
N ALA A 581 12.60 -33.33 41.58
CA ALA A 581 13.39 -34.34 40.87
C ALA A 581 12.73 -34.70 39.55
N ALA A 582 11.41 -34.75 39.55
CA ALA A 582 10.66 -35.09 38.35
C ALA A 582 10.75 -34.00 37.28
N GLU A 583 10.71 -32.74 37.71
CA GLU A 583 10.76 -31.63 36.75
C GLU A 583 12.11 -31.59 36.05
N LEU A 584 13.17 -31.90 36.78
CA LEU A 584 14.50 -31.97 36.21
C LEU A 584 14.54 -33.10 35.19
N ALA A 585 13.71 -34.12 35.43
CA ALA A 585 13.65 -35.28 34.55
C ALA A 585 12.56 -35.12 33.50
N GLY A 586 12.14 -33.88 33.26
CA GLY A 586 11.19 -33.57 32.21
C GLY A 586 9.75 -33.95 32.50
N LEU A 587 9.41 -34.06 33.78
CA LEU A 587 8.04 -34.39 34.19
C LEU A 587 7.49 -33.35 35.15
N SER A 588 6.66 -32.44 34.63
CA SER A 588 6.13 -31.33 35.43
C SER A 588 4.62 -31.40 35.61
N TYR A 589 4.12 -30.72 36.65
CA TYR A 589 2.68 -30.66 36.89
C TYR A 589 2.23 -29.26 37.29
N ASP A 590 1.01 -28.92 36.90
CA ASP A 590 0.42 -27.64 37.28
C ASP A 590 -0.88 -27.87 38.05
N LEU A 591 -1.01 -27.21 39.20
CA LEU A 591 -2.18 -27.36 40.04
C LEU A 591 -2.63 -26.00 40.59
N GLN A 592 -3.83 -25.57 40.19
CA GLN A 592 -4.36 -24.27 40.60
C GLN A 592 -5.87 -24.32 40.77
N ASN A 593 -6.42 -23.40 41.55
CA ASN A 593 -7.86 -23.33 41.79
C ASN A 593 -8.62 -22.53 40.73
N THR A 594 -9.70 -23.11 40.20
CA THR A 594 -10.54 -22.40 39.25
C THR A 594 -11.83 -21.95 39.91
N ILE A 595 -12.59 -21.11 39.21
CA ILE A 595 -13.87 -20.65 39.71
C ILE A 595 -14.90 -21.77 39.68
N TYR A 596 -14.55 -22.89 39.06
CA TYR A 596 -15.46 -24.02 38.94
C TYR A 596 -14.98 -25.19 39.79
N GLY A 597 -13.75 -25.09 40.28
CA GLY A 597 -13.16 -26.17 41.05
C GLY A 597 -11.64 -26.16 40.99
N MET A 598 -11.05 -27.33 40.79
CA MET A 598 -9.60 -27.47 40.64
C MET A 598 -9.18 -27.81 39.21
N TYR A 599 -7.94 -27.46 38.87
CA TYR A 599 -7.36 -27.82 37.57
C TYR A 599 -5.99 -28.46 37.74
N LEU A 600 -5.85 -29.68 37.23
CA LEU A 600 -4.57 -30.39 37.31
C LEU A 600 -4.08 -30.78 35.92
N SER A 601 -2.82 -30.50 35.64
CA SER A 601 -2.23 -30.85 34.35
C SER A 601 -0.83 -31.42 34.51
N VAL A 602 -0.65 -32.65 34.03
CA VAL A 602 0.65 -33.31 34.08
C VAL A 602 1.23 -33.44 32.67
N LYS A 603 2.37 -32.78 32.44
CA LYS A 603 3.01 -32.76 31.13
C LYS A 603 4.43 -33.32 31.21
N GLY A 604 4.91 -33.89 30.11
CA GLY A 604 6.25 -34.42 30.04
C GLY A 604 6.29 -35.82 29.48
N TYR A 605 7.38 -36.54 29.74
CA TYR A 605 7.53 -37.90 29.25
C TYR A 605 6.51 -38.83 29.90
N ASN A 606 5.97 -39.77 29.13
CA ASN A 606 4.96 -40.70 29.61
C ASN A 606 5.47 -41.68 30.66
N ASP A 607 6.77 -41.98 30.61
CA ASP A 607 7.36 -43.09 31.35
C ASP A 607 7.15 -43.18 32.87
N LYS A 608 7.39 -42.08 33.57
CA LYS A 608 7.28 -42.08 35.04
C LYS A 608 6.04 -41.25 35.36
N GLN A 609 5.22 -41.00 34.35
CA GLN A 609 4.09 -40.09 34.48
C GLN A 609 2.98 -40.61 35.41
N PRO A 610 2.59 -41.89 35.30
CA PRO A 610 1.55 -42.34 36.23
C PRO A 610 1.98 -42.35 37.70
N ILE A 611 3.28 -42.49 37.96
CA ILE A 611 3.79 -42.48 39.33
C ILE A 611 3.55 -41.13 40.01
N LEU A 612 3.91 -40.06 39.33
CA LEU A 612 3.74 -38.70 39.87
C LEU A 612 2.27 -38.37 40.10
N LEU A 613 1.44 -38.66 39.11
CA LEU A 613 0.01 -38.36 39.20
C LEU A 613 -0.64 -39.07 40.39
N LYS A 614 -0.30 -40.35 40.58
CA LYS A 614 -0.85 -41.10 41.70
C LYS A 614 -0.40 -40.46 43.01
N LYS A 615 0.85 -40.02 43.06
CA LYS A 615 1.39 -39.39 44.25
C LYS A 615 0.69 -38.07 44.54
N ILE A 616 0.27 -37.38 43.48
CA ILE A 616 -0.43 -36.10 43.62
C ILE A 616 -1.82 -36.28 44.19
N ILE A 617 -2.64 -37.10 43.54
CA ILE A 617 -4.03 -37.32 43.94
C ILE A 617 -4.11 -37.92 45.34
N GLU A 618 -3.18 -38.81 45.64
CA GLU A 618 -3.18 -39.50 46.92
C GLU A 618 -2.79 -38.54 48.05
N LYS A 619 -1.92 -37.59 47.74
CA LYS A 619 -1.55 -36.55 48.71
C LYS A 619 -2.68 -35.55 48.80
N MET A 620 -3.36 -35.37 47.69
CA MET A 620 -4.48 -34.45 47.58
C MET A 620 -5.59 -34.91 48.54
N ALA A 621 -5.85 -36.21 48.55
CA ALA A 621 -6.96 -36.76 49.33
C ALA A 621 -6.65 -37.16 50.77
N THR A 622 -5.38 -37.10 51.14
CA THR A 622 -4.96 -37.41 52.51
C THR A 622 -4.03 -36.35 53.04
N PHE A 623 -4.30 -35.10 52.69
CA PHE A 623 -3.40 -34.02 53.04
C PHE A 623 -3.43 -33.77 54.54
N GLU A 624 -2.25 -33.73 55.14
CA GLU A 624 -2.08 -33.31 56.53
C GLU A 624 -1.33 -32.00 56.54
N ILE A 625 -1.93 -30.98 57.17
CA ILE A 625 -1.41 -29.63 57.08
C ILE A 625 -0.43 -29.28 58.20
N ASP A 626 0.74 -28.78 57.82
CA ASP A 626 1.68 -28.23 58.79
C ASP A 626 1.25 -26.82 59.15
N GLU A 627 1.02 -26.58 60.44
CA GLU A 627 0.45 -25.30 60.85
C GLU A 627 1.35 -24.12 60.54
N LYS A 628 2.67 -24.29 60.69
CA LYS A 628 3.57 -23.15 60.46
C LYS A 628 3.86 -22.95 58.97
N ARG A 629 3.36 -23.84 58.12
CA ARG A 629 3.46 -23.62 56.69
C ARG A 629 2.16 -22.95 56.26
N PHE A 630 1.13 -23.16 57.08
CA PHE A 630 -0.17 -22.52 56.89
C PHE A 630 -0.05 -21.03 57.22
N GLU A 631 0.68 -20.73 58.30
CA GLU A 631 0.93 -19.36 58.71
C GLU A 631 1.68 -18.57 57.63
N ILE A 632 2.74 -19.17 57.11
CA ILE A 632 3.61 -18.50 56.15
C ILE A 632 2.89 -18.23 54.83
N ILE A 633 2.28 -19.28 54.28
CA ILE A 633 1.60 -19.18 52.99
C ILE A 633 0.40 -18.23 53.05
N LYS A 634 -0.32 -18.26 54.17
CA LYS A 634 -1.43 -17.33 54.35
C LYS A 634 -0.94 -15.89 54.30
N GLU A 635 0.15 -15.63 55.01
CA GLU A 635 0.73 -14.29 55.07
C GLU A 635 1.20 -13.85 53.69
N ALA A 636 1.75 -14.78 52.93
CA ALA A 636 2.19 -14.49 51.57
C ALA A 636 1.01 -14.19 50.67
N TYR A 637 -0.07 -14.96 50.85
CA TYR A 637 -1.28 -14.77 50.06
C TYR A 637 -1.94 -13.43 50.39
N MET A 638 -1.86 -13.03 51.65
CA MET A 638 -2.36 -11.73 52.09
C MET A 638 -1.63 -10.61 51.35
N ARG A 639 -0.31 -10.75 51.24
CA ARG A 639 0.49 -9.74 50.55
C ARG A 639 0.18 -9.76 49.05
N SER A 640 0.04 -10.96 48.49
CA SER A 640 -0.20 -11.11 47.05
C SER A 640 -1.48 -10.43 46.60
N LEU A 641 -2.53 -10.51 47.41
CA LEU A 641 -3.78 -9.83 47.09
C LEU A 641 -3.64 -8.32 47.17
N ASN A 642 -2.94 -7.83 48.18
CA ASN A 642 -2.74 -6.40 48.34
C ASN A 642 -1.75 -5.83 47.35
N ASN A 643 -0.83 -6.70 46.88
CA ASN A 643 0.15 -6.29 45.88
C ASN A 643 -0.51 -6.05 44.53
N PHE A 644 -1.78 -6.41 44.41
CA PHE A 644 -2.52 -6.20 43.17
C PHE A 644 -2.68 -4.71 42.91
N ARG A 645 -2.62 -3.94 43.98
CA ARG A 645 -2.70 -2.48 43.93
C ARG A 645 -1.61 -1.88 43.05
N ALA A 646 -0.49 -2.58 42.91
CA ALA A 646 0.68 -2.02 42.26
C ALA A 646 0.89 -2.51 40.83
N GLU A 647 -0.04 -3.29 40.30
CA GLU A 647 0.08 -3.71 38.91
C GLU A 647 -0.42 -2.61 37.98
N GLN A 648 -0.08 -2.72 36.71
CA GLN A 648 -0.27 -1.64 35.76
C GLN A 648 -1.74 -1.34 35.47
N PRO A 649 -2.05 -0.06 35.21
CA PRO A 649 -3.42 0.44 34.99
C PRO A 649 -4.20 -0.33 33.93
N HIS A 650 -3.54 -0.82 32.90
CA HIS A 650 -4.25 -1.52 31.84
C HIS A 650 -4.69 -2.90 32.32
N GLN A 651 -3.95 -3.49 33.25
CA GLN A 651 -4.34 -4.76 33.84
C GLN A 651 -5.50 -4.58 34.80
N HIS A 652 -5.50 -3.46 35.51
CA HIS A 652 -6.62 -3.09 36.37
C HIS A 652 -7.88 -2.95 35.53
N ALA A 653 -7.75 -2.29 34.39
CA ALA A 653 -8.87 -2.07 33.48
C ALA A 653 -9.45 -3.40 33.01
N MET A 654 -8.57 -4.37 32.75
CA MET A 654 -9.02 -5.71 32.35
C MET A 654 -9.67 -6.43 33.53
N TYR A 655 -9.11 -6.22 34.71
CA TYR A 655 -9.62 -6.86 35.92
C TYR A 655 -11.03 -6.42 36.26
N TYR A 656 -11.31 -5.14 36.12
CA TYR A 656 -12.63 -4.59 36.43
C TYR A 656 -13.68 -5.06 35.43
N LEU A 657 -13.32 -5.10 34.15
CA LEU A 657 -14.26 -5.51 33.11
C LEU A 657 -14.69 -6.96 33.31
N ARG A 658 -13.75 -7.80 33.68
CA ARG A 658 -14.02 -9.22 33.88
C ARG A 658 -14.94 -9.39 35.09
N LEU A 659 -14.79 -8.54 36.09
CA LEU A 659 -15.70 -8.50 37.23
C LEU A 659 -17.11 -8.06 36.83
N LEU A 660 -17.17 -7.08 35.93
CA LEU A 660 -18.44 -6.50 35.51
C LEU A 660 -19.25 -7.44 34.62
N MET A 661 -18.58 -8.19 33.75
CA MET A 661 -19.26 -8.93 32.70
C MET A 661 -19.47 -10.41 33.01
N THR A 662 -19.05 -10.85 34.19
CA THR A 662 -19.27 -12.24 34.58
C THR A 662 -20.30 -12.32 35.70
N GLU A 663 -21.14 -13.34 35.63
CA GLU A 663 -22.24 -13.52 36.57
C GLU A 663 -21.76 -13.51 38.01
N VAL A 664 -20.78 -14.36 38.32
CA VAL A 664 -20.25 -14.45 39.67
C VAL A 664 -18.75 -14.20 39.69
N ALA A 665 -18.32 -13.20 40.46
CA ALA A 665 -16.90 -12.87 40.57
C ALA A 665 -16.61 -12.11 41.86
N TRP A 666 -15.74 -12.70 42.69
CA TRP A 666 -15.34 -12.07 43.94
C TRP A 666 -14.16 -11.14 43.72
N THR A 667 -14.31 -9.89 44.15
CA THR A 667 -13.23 -8.92 44.04
C THR A 667 -12.10 -9.30 45.00
N LYS A 668 -10.91 -8.79 44.71
CA LYS A 668 -9.75 -9.10 45.54
C LYS A 668 -9.89 -8.46 46.93
N ASP A 669 -10.66 -7.39 47.03
CA ASP A 669 -10.84 -6.71 48.32
C ASP A 669 -11.83 -7.49 49.19
N GLU A 670 -12.67 -8.30 48.56
CA GLU A 670 -13.58 -9.18 49.29
C GLU A 670 -12.86 -10.44 49.74
N LEU A 671 -11.77 -10.77 49.05
CA LEU A 671 -10.99 -11.96 49.37
C LEU A 671 -10.10 -11.76 50.58
N LYS A 672 -9.86 -10.50 50.93
CA LYS A 672 -8.96 -10.16 52.02
C LYS A 672 -9.71 -10.13 53.34
N GLU A 673 -10.96 -9.67 53.26
CA GLU A 673 -11.82 -9.62 54.42
C GLU A 673 -12.19 -11.02 54.86
N ALA A 674 -12.31 -11.92 53.89
CA ALA A 674 -12.67 -13.30 54.19
C ALA A 674 -11.45 -14.14 54.56
N LEU A 675 -10.27 -13.56 54.40
CA LEU A 675 -9.03 -14.30 54.64
C LEU A 675 -8.67 -14.33 56.13
N ASP A 676 -9.09 -13.30 56.86
CA ASP A 676 -8.78 -13.22 58.28
C ASP A 676 -9.51 -14.28 59.11
N ASP A 677 -10.60 -14.82 58.57
CA ASP A 677 -11.38 -15.84 59.27
C ASP A 677 -11.02 -17.26 58.85
N VAL A 678 -10.06 -17.39 57.94
CA VAL A 678 -9.63 -18.72 57.51
C VAL A 678 -8.68 -19.30 58.56
N THR A 679 -9.26 -19.99 59.54
CA THR A 679 -8.46 -20.64 60.57
C THR A 679 -7.99 -22.00 60.08
N LEU A 680 -6.98 -22.55 60.74
CA LEU A 680 -6.48 -23.88 60.40
C LEU A 680 -7.55 -24.97 60.56
N PRO A 681 -8.29 -24.98 61.69
CA PRO A 681 -9.32 -26.03 61.80
C PRO A 681 -10.43 -25.92 60.76
N ARG A 682 -10.70 -24.71 60.30
CA ARG A 682 -11.78 -24.48 59.35
C ARG A 682 -11.34 -24.80 57.92
N LEU A 683 -10.03 -24.68 57.67
CA LEU A 683 -9.46 -25.09 56.40
C LEU A 683 -9.36 -26.60 56.29
N LYS A 684 -8.95 -27.24 57.39
CA LYS A 684 -8.78 -28.68 57.43
C LYS A 684 -10.13 -29.37 57.31
N ALA A 685 -11.20 -28.63 57.58
CA ALA A 685 -12.56 -29.15 57.46
C ALA A 685 -13.12 -28.86 56.07
N PHE A 686 -12.49 -27.92 55.36
CA PHE A 686 -12.92 -27.55 54.02
C PHE A 686 -12.53 -28.61 52.98
N ILE A 687 -11.33 -29.18 53.17
CA ILE A 687 -10.78 -30.13 52.20
C ILE A 687 -11.66 -31.37 51.98
N PRO A 688 -12.10 -32.05 53.08
CA PRO A 688 -12.94 -33.23 52.83
C PRO A 688 -14.25 -32.87 52.16
N GLN A 689 -14.75 -31.66 52.44
CA GLN A 689 -16.03 -31.22 51.90
C GLN A 689 -15.93 -30.80 50.45
N LEU A 690 -14.78 -30.26 50.07
CA LEU A 690 -14.50 -29.96 48.68
C LEU A 690 -14.44 -31.23 47.84
N LEU A 691 -13.80 -32.25 48.39
CA LEU A 691 -13.62 -33.52 47.68
C LEU A 691 -14.79 -34.46 47.88
N SER A 692 -15.83 -33.99 48.56
CA SER A 692 -16.98 -34.84 48.89
C SER A 692 -17.67 -35.36 47.64
N ARG A 693 -18.12 -34.46 46.77
CA ARG A 693 -18.64 -34.87 45.48
C ARG A 693 -18.10 -33.99 44.35
N LEU A 694 -17.60 -34.66 43.32
CA LEU A 694 -16.92 -33.99 42.21
C LEU A 694 -17.38 -34.51 40.85
N HIS A 695 -16.94 -33.83 39.80
CA HIS A 695 -17.06 -34.31 38.44
C HIS A 695 -15.77 -34.03 37.69
N ILE A 696 -15.15 -35.07 37.13
CA ILE A 696 -13.86 -34.90 36.48
C ILE A 696 -13.92 -34.95 34.95
N GLU A 697 -13.77 -33.80 34.31
CA GLU A 697 -13.65 -33.78 32.86
C GLU A 697 -12.16 -33.72 32.51
N ALA A 698 -11.70 -34.73 31.80
CA ALA A 698 -10.27 -34.87 31.52
C ALA A 698 -9.97 -35.05 30.05
N LEU A 699 -8.76 -34.64 29.65
CA LEU A 699 -8.25 -34.88 28.31
C LEU A 699 -6.88 -35.55 28.38
N LEU A 700 -6.81 -36.80 27.90
CA LEU A 700 -5.54 -37.52 27.89
C LEU A 700 -5.01 -37.64 26.46
N HIS A 701 -3.94 -36.89 26.18
CA HIS A 701 -3.40 -36.73 24.84
C HIS A 701 -1.89 -36.98 24.79
N GLY A 702 -1.45 -37.81 23.84
CA GLY A 702 -0.03 -38.05 23.68
C GLY A 702 0.31 -39.49 23.36
N ASN A 703 1.45 -39.96 23.87
CA ASN A 703 1.90 -41.32 23.61
C ASN A 703 1.34 -42.30 24.64
N ILE A 704 0.02 -42.48 24.61
CA ILE A 704 -0.66 -43.46 25.44
C ILE A 704 -1.82 -44.09 24.70
N THR A 705 -2.19 -45.30 25.08
CA THR A 705 -3.30 -46.00 24.43
C THR A 705 -4.61 -45.71 25.15
N LYS A 706 -5.72 -46.07 24.52
CA LYS A 706 -7.05 -45.88 25.09
C LYS A 706 -7.14 -46.60 26.43
N GLN A 707 -6.62 -47.81 26.46
CA GLN A 707 -6.60 -48.64 27.66
C GLN A 707 -5.80 -48.02 28.79
N ALA A 708 -4.64 -47.45 28.46
CA ALA A 708 -3.84 -46.79 29.47
C ALA A 708 -4.56 -45.55 29.98
N ALA A 709 -5.19 -44.83 29.05
CA ALA A 709 -5.95 -43.63 29.38
C ALA A 709 -7.13 -43.92 30.30
N LEU A 710 -7.89 -44.96 29.97
CA LEU A 710 -9.00 -45.39 30.79
C LEU A 710 -8.51 -45.82 32.17
N GLY A 711 -7.31 -46.39 32.20
CA GLY A 711 -6.70 -46.83 33.45
C GLY A 711 -6.24 -45.66 34.28
N ILE A 712 -5.66 -44.67 33.62
CA ILE A 712 -5.21 -43.46 34.30
C ILE A 712 -6.40 -42.76 34.94
N MET A 713 -7.42 -42.49 34.13
CA MET A 713 -8.61 -41.79 34.60
C MET A 713 -9.28 -42.55 35.74
N GLN A 714 -9.33 -43.86 35.62
CA GLN A 714 -10.02 -44.70 36.59
C GLN A 714 -9.23 -44.73 37.90
N MET A 715 -7.90 -44.63 37.79
CA MET A 715 -7.05 -44.65 38.99
C MET A 715 -7.13 -43.34 39.74
N VAL A 716 -7.46 -42.27 39.04
CA VAL A 716 -7.73 -41.01 39.70
C VAL A 716 -9.03 -41.07 40.49
N GLU A 717 -10.04 -41.71 39.92
CA GLU A 717 -11.33 -41.79 40.58
C GLU A 717 -11.28 -42.68 41.81
N ASP A 718 -10.75 -43.90 41.65
CA ASP A 718 -10.61 -44.83 42.78
C ASP A 718 -9.84 -44.19 43.94
N THR A 719 -8.77 -43.46 43.63
CA THR A 719 -7.98 -42.83 44.67
C THR A 719 -8.83 -41.85 45.47
N LEU A 720 -9.76 -41.18 44.80
CA LEU A 720 -10.67 -40.23 45.46
C LEU A 720 -11.83 -40.92 46.18
N ILE A 721 -12.37 -41.97 45.57
CA ILE A 721 -13.50 -42.71 46.15
C ILE A 721 -13.02 -43.40 47.42
N GLU A 722 -11.73 -43.62 47.51
CA GLU A 722 -11.13 -44.39 48.59
C GLU A 722 -10.66 -43.52 49.77
N HIS A 723 -9.86 -42.49 49.51
CA HIS A 723 -9.32 -41.67 50.59
C HIS A 723 -10.25 -40.54 51.00
N ALA A 724 -11.11 -40.12 50.07
CA ALA A 724 -11.97 -38.97 50.34
C ALA A 724 -13.44 -39.35 50.22
N HIS A 725 -13.69 -40.60 49.83
CA HIS A 725 -15.04 -41.13 49.65
C HIS A 725 -15.87 -40.27 48.70
N THR A 726 -15.27 -39.91 47.58
CA THR A 726 -15.93 -39.07 46.59
C THR A 726 -16.96 -39.85 45.77
N LYS A 727 -18.15 -39.31 45.64
CA LYS A 727 -19.17 -39.88 44.75
C LYS A 727 -19.64 -38.75 43.82
N PRO A 728 -20.33 -39.08 42.71
CA PRO A 728 -20.50 -38.06 41.68
C PRO A 728 -21.38 -36.86 42.05
N LEU A 729 -21.13 -35.79 41.32
CA LEU A 729 -21.88 -34.55 41.39
C LEU A 729 -23.10 -34.66 40.47
N LEU A 730 -24.13 -33.86 40.70
CA LEU A 730 -25.33 -33.97 39.88
C LEU A 730 -25.29 -32.94 38.75
N PRO A 731 -25.78 -33.35 37.56
CA PRO A 731 -25.64 -32.61 36.30
C PRO A 731 -26.03 -31.14 36.40
N SER A 732 -27.09 -30.86 37.17
CA SER A 732 -27.59 -29.50 37.34
C SER A 732 -26.57 -28.59 38.03
N GLN A 733 -25.60 -29.19 38.72
CA GLN A 733 -24.58 -28.45 39.45
C GLN A 733 -23.37 -28.17 38.56
N LEU A 734 -23.46 -28.57 37.29
CA LEU A 734 -22.30 -28.56 36.41
C LEU A 734 -22.37 -27.43 35.38
N VAL A 735 -23.18 -26.43 35.67
CA VAL A 735 -23.34 -25.31 34.75
C VAL A 735 -22.36 -24.19 35.08
N ARG A 736 -21.97 -23.43 34.06
CA ARG A 736 -20.97 -22.39 34.22
C ARG A 736 -21.63 -21.03 34.41
N TYR A 737 -20.81 -19.99 34.41
CA TYR A 737 -21.30 -18.64 34.65
C TYR A 737 -21.63 -17.96 33.33
N ARG A 738 -22.66 -17.11 33.35
CA ARG A 738 -23.09 -16.42 32.15
C ARG A 738 -22.44 -15.04 32.06
N GLU A 739 -22.59 -14.39 30.91
CA GLU A 739 -22.07 -13.04 30.76
C GLU A 739 -23.24 -12.05 30.73
N VAL A 740 -23.04 -10.90 31.36
CA VAL A 740 -24.05 -9.85 31.40
C VAL A 740 -24.42 -9.39 30.00
N GLN A 741 -25.73 -9.37 29.71
CA GLN A 741 -26.20 -8.91 28.42
C GLN A 741 -26.46 -7.42 28.46
N LEU A 742 -25.80 -6.68 27.58
CA LEU A 742 -25.92 -5.24 27.56
C LEU A 742 -27.12 -4.82 26.71
N PRO A 743 -27.82 -3.75 27.13
CA PRO A 743 -28.96 -3.24 26.37
C PRO A 743 -28.51 -2.60 25.05
N ASP A 744 -29.37 -2.67 24.04
CA ASP A 744 -29.06 -2.05 22.76
C ASP A 744 -28.92 -0.53 22.93
N ARG A 745 -27.98 0.04 22.20
CA ARG A 745 -27.74 1.49 22.19
C ARG A 745 -27.39 2.05 23.58
N GLY A 746 -26.84 1.19 24.43
CA GLY A 746 -26.46 1.59 25.78
C GLY A 746 -24.96 1.76 25.96
N TRP A 747 -24.57 2.64 26.88
CA TRP A 747 -23.17 2.85 27.19
C TRP A 747 -22.95 3.03 28.70
N PHE A 748 -22.09 2.18 29.26
CA PHE A 748 -21.77 2.23 30.69
C PHE A 748 -20.28 2.49 30.91
N VAL A 749 -19.96 3.22 31.97
CA VAL A 749 -18.58 3.53 32.30
C VAL A 749 -18.28 3.30 33.78
N TYR A 750 -17.26 2.49 34.05
CA TYR A 750 -16.78 2.26 35.40
C TYR A 750 -15.44 2.97 35.58
N GLN A 751 -15.27 3.67 36.69
CA GLN A 751 -14.10 4.50 36.91
C GLN A 751 -13.38 4.22 38.23
N GLN A 752 -12.10 3.90 38.15
CA GLN A 752 -11.28 3.74 39.36
C GLN A 752 -9.93 4.43 39.18
N ARG A 753 -9.14 4.45 40.25
CA ARG A 753 -7.85 5.11 40.24
C ARG A 753 -6.73 4.14 40.60
N ASN A 754 -5.56 4.34 40.01
CA ASN A 754 -4.38 3.55 40.34
C ASN A 754 -3.47 4.31 41.29
N GLU A 755 -3.39 3.85 42.53
CA GLU A 755 -2.65 4.56 43.58
C GLU A 755 -1.13 4.54 43.35
N VAL A 756 -0.64 3.60 42.54
CA VAL A 756 0.81 3.44 42.34
C VAL A 756 1.33 4.06 41.04
N HIS A 757 0.77 3.62 39.91
CA HIS A 757 1.24 4.04 38.60
C HIS A 757 0.69 5.40 38.17
N ASN A 758 1.51 6.15 37.43
CA ASN A 758 1.17 7.50 37.01
C ASN A 758 0.63 7.57 35.58
N ASN A 759 0.17 6.44 35.05
CA ASN A 759 -0.50 6.44 33.76
C ASN A 759 -1.94 6.00 33.89
N SER A 760 -2.74 6.35 32.90
CA SER A 760 -4.14 5.99 32.89
C SER A 760 -4.29 4.73 32.06
N GLY A 761 -5.33 3.95 32.35
CA GLY A 761 -5.61 2.76 31.59
C GLY A 761 -7.07 2.76 31.18
N ILE A 762 -7.38 2.06 30.10
CA ILE A 762 -8.75 2.00 29.63
C ILE A 762 -9.00 0.74 28.80
N GLU A 763 -10.14 0.10 29.02
CA GLU A 763 -10.59 -0.94 28.13
C GLU A 763 -11.99 -0.61 27.62
N ILE A 764 -12.15 -0.59 26.30
CA ILE A 764 -13.45 -0.37 25.70
C ILE A 764 -13.97 -1.69 25.14
N TYR A 765 -15.17 -2.08 25.55
CA TYR A 765 -15.72 -3.35 25.13
C TYR A 765 -17.02 -3.16 24.35
N TYR A 766 -16.94 -3.39 23.05
CA TYR A 766 -18.12 -3.38 22.20
C TYR A 766 -18.64 -4.80 22.06
N GLN A 767 -19.69 -5.11 22.81
CA GLN A 767 -20.20 -6.47 22.88
C GLN A 767 -21.07 -6.81 21.68
N THR A 768 -20.74 -7.93 21.02
CA THR A 768 -21.59 -8.49 19.98
C THR A 768 -22.43 -9.59 20.61
N ASP A 769 -23.16 -10.36 19.81
CA ASP A 769 -24.04 -11.35 20.42
C ASP A 769 -23.23 -12.65 20.57
N MET A 770 -23.92 -13.77 20.85
CA MET A 770 -23.26 -15.02 21.23
C MET A 770 -22.25 -15.52 20.20
N GLN A 771 -21.36 -16.39 20.63
CA GLN A 771 -20.41 -17.04 19.73
C GLN A 771 -21.16 -18.01 18.82
N SER A 772 -21.25 -17.65 17.55
CA SER A 772 -21.82 -18.51 16.52
C SER A 772 -20.85 -18.62 15.37
N THR A 773 -20.89 -19.74 14.65
CA THR A 773 -19.98 -19.96 13.52
C THR A 773 -19.98 -18.76 12.58
N SER A 774 -21.14 -18.14 12.42
CA SER A 774 -21.26 -16.91 11.62
C SER A 774 -20.70 -15.71 12.37
N GLU A 775 -21.29 -15.43 13.53
CA GLU A 775 -20.95 -14.24 14.31
C GLU A 775 -19.47 -14.18 14.69
N ASN A 776 -18.85 -15.34 14.87
CA ASN A 776 -17.42 -15.41 15.19
C ASN A 776 -16.55 -14.78 14.13
N MET A 777 -16.80 -15.16 12.88
CA MET A 777 -15.93 -14.75 11.78
C MET A 777 -16.13 -13.31 11.33
N PHE A 778 -17.31 -12.75 11.60
CA PHE A 778 -17.53 -11.34 11.29
C PHE A 778 -16.70 -10.48 12.24
N LEU A 779 -16.60 -10.93 13.48
CA LEU A 779 -15.79 -10.26 14.49
C LEU A 779 -14.30 -10.40 14.15
N GLU A 780 -13.87 -11.63 13.87
CA GLU A 780 -12.44 -11.91 13.71
C GLU A 780 -11.91 -11.39 12.38
N LEU A 781 -12.79 -11.16 11.41
CA LEU A 781 -12.38 -10.54 10.15
C LEU A 781 -12.23 -9.05 10.32
N PHE A 782 -13.21 -8.43 10.99
CA PHE A 782 -13.16 -7.01 11.27
C PHE A 782 -11.94 -6.68 12.13
N ALA A 783 -11.68 -7.54 13.10
CA ALA A 783 -10.53 -7.38 13.99
C ALA A 783 -9.24 -7.46 13.19
N GLN A 784 -9.22 -8.36 12.22
CA GLN A 784 -8.06 -8.55 11.34
C GLN A 784 -7.76 -7.31 10.53
N ILE A 785 -8.81 -6.69 9.99
CA ILE A 785 -8.65 -5.52 9.16
C ILE A 785 -8.17 -4.32 9.96
N ILE A 786 -8.70 -4.14 11.16
CA ILE A 786 -8.37 -2.98 11.97
C ILE A 786 -7.11 -3.20 12.81
N SER A 787 -6.58 -4.42 12.79
CA SER A 787 -5.41 -4.78 13.60
C SER A 787 -4.24 -3.84 13.38
N GLU A 788 -3.73 -3.81 12.15
CA GLU A 788 -2.62 -2.93 11.79
C GLU A 788 -2.94 -1.43 11.92
N PRO A 789 -4.08 -0.97 11.38
CA PRO A 789 -4.36 0.46 11.53
C PRO A 789 -4.54 0.93 12.98
N ALA A 790 -5.02 0.07 13.87
CA ALA A 790 -5.18 0.44 15.26
C ALA A 790 -3.82 0.74 15.88
N PHE A 791 -2.87 -0.15 15.65
CA PHE A 791 -1.51 0.07 16.14
C PHE A 791 -0.90 1.28 15.45
N ASN A 792 -1.16 1.40 14.15
CA ASN A 792 -0.60 2.48 13.35
C ASN A 792 -1.10 3.85 13.80
N THR A 793 -2.40 3.94 14.05
CA THR A 793 -3.02 5.21 14.37
C THR A 793 -2.82 5.63 15.82
N LEU A 794 -3.30 4.79 16.74
CA LEU A 794 -3.30 5.13 18.16
C LEU A 794 -1.90 5.20 18.77
N ARG A 795 -0.93 4.51 18.17
CA ARG A 795 0.44 4.58 18.67
C ARG A 795 1.41 5.25 17.71
N THR A 796 1.67 4.62 16.57
CA THR A 796 2.71 5.10 15.65
C THR A 796 2.46 6.54 15.22
N LYS A 797 1.20 6.92 15.04
CA LYS A 797 0.87 8.26 14.59
C LYS A 797 0.55 9.22 15.75
N GLU A 798 -0.45 8.88 16.56
CA GLU A 798 -0.89 9.80 17.63
C GLU A 798 -0.14 9.61 18.94
N GLN A 799 0.57 8.50 19.08
CA GLN A 799 1.41 8.23 20.25
C GLN A 799 0.67 8.39 21.57
N LEU A 800 -0.46 7.70 21.69
CA LEU A 800 -1.24 7.73 22.92
C LEU A 800 -0.51 7.00 24.03
N GLY A 801 0.05 5.85 23.71
CA GLY A 801 0.80 5.07 24.67
C GLY A 801 1.65 4.01 24.03
N TYR A 802 2.46 3.34 24.85
CA TYR A 802 3.27 2.23 24.39
C TYR A 802 2.40 0.99 24.21
N ILE A 803 1.47 0.78 25.14
CA ILE A 803 0.56 -0.36 25.08
C ILE A 803 -0.74 0.02 24.38
N VAL A 804 -0.88 -0.43 23.13
CA VAL A 804 -2.09 -0.23 22.36
C VAL A 804 -2.54 -1.56 21.78
N PHE A 805 -3.66 -2.09 22.27
CA PHE A 805 -4.12 -3.41 21.89
C PHE A 805 -5.51 -3.37 21.27
N SER A 806 -5.71 -4.20 20.25
CA SER A 806 -7.00 -4.35 19.61
C SER A 806 -7.23 -5.82 19.27
N GLY A 807 -8.49 -6.24 19.29
CA GLY A 807 -8.83 -7.61 18.97
C GLY A 807 -10.07 -8.10 19.69
N PRO A 808 -10.48 -9.34 19.41
CA PRO A 808 -11.69 -9.92 20.00
C PRO A 808 -11.57 -10.24 21.48
N ARG A 809 -12.70 -10.23 22.17
CA ARG A 809 -12.80 -10.70 23.54
C ARG A 809 -13.82 -11.83 23.66
N ARG A 810 -13.38 -12.95 24.22
CA ARG A 810 -14.26 -14.10 24.40
C ARG A 810 -14.33 -14.54 25.85
N ALA A 811 -15.54 -14.56 26.39
CA ALA A 811 -15.77 -15.01 27.76
C ALA A 811 -17.17 -15.56 27.91
N ASN A 812 -17.28 -16.68 28.62
CA ASN A 812 -18.56 -17.28 28.95
C ASN A 812 -19.44 -17.59 27.75
N GLY A 813 -18.83 -17.71 26.58
CA GLY A 813 -19.56 -18.04 25.36
C GLY A 813 -20.08 -16.83 24.62
N ILE A 814 -19.66 -15.65 25.06
CA ILE A 814 -20.08 -14.40 24.43
C ILE A 814 -18.87 -13.62 23.97
N GLN A 815 -18.95 -13.03 22.78
CA GLN A 815 -17.82 -12.33 22.20
C GLN A 815 -18.06 -10.84 22.00
N GLY A 816 -17.04 -10.14 21.54
CA GLY A 816 -17.11 -8.71 21.30
C GLY A 816 -15.73 -8.17 20.94
N LEU A 817 -15.67 -6.88 20.62
CA LEU A 817 -14.41 -6.25 20.28
C LEU A 817 -13.89 -5.43 21.46
N ARG A 818 -12.59 -5.51 21.73
CA ARG A 818 -12.01 -4.76 22.84
C ARG A 818 -10.83 -3.91 22.41
N PHE A 819 -10.71 -2.74 23.03
CA PHE A 819 -9.55 -1.88 22.86
C PHE A 819 -8.88 -1.67 24.21
N ILE A 820 -7.56 -1.88 24.26
CA ILE A 820 -6.80 -1.68 25.49
C ILE A 820 -5.68 -0.68 25.27
N ILE A 821 -5.69 0.39 26.06
CA ILE A 821 -4.68 1.45 25.94
C ILE A 821 -4.17 1.88 27.32
N GLN A 822 -2.85 1.94 27.46
CA GLN A 822 -2.23 2.54 28.64
C GLN A 822 -1.52 3.82 28.23
N SER A 823 -1.96 4.95 28.80
CA SER A 823 -1.49 6.25 28.34
C SER A 823 -1.29 7.24 29.48
N GLU A 824 -0.79 8.43 29.14
CA GLU A 824 -0.67 9.51 30.11
C GLU A 824 -1.90 10.40 30.04
N LYS A 825 -2.47 10.48 28.84
CA LYS A 825 -3.68 11.23 28.58
C LYS A 825 -4.88 10.57 29.26
N PRO A 826 -5.86 11.37 29.72
CA PRO A 826 -7.06 10.86 30.41
C PRO A 826 -7.90 9.92 29.54
N PRO A 827 -8.57 8.95 30.17
CA PRO A 827 -9.38 7.93 29.49
C PRO A 827 -10.46 8.53 28.60
N HIS A 828 -11.06 9.63 29.03
CA HIS A 828 -12.14 10.26 28.27
C HIS A 828 -11.62 10.81 26.94
N TYR A 829 -10.32 11.08 26.88
CA TYR A 829 -9.69 11.52 25.63
C TYR A 829 -9.36 10.33 24.75
N LEU A 830 -8.86 9.27 25.38
CA LEU A 830 -8.56 8.03 24.67
C LEU A 830 -9.83 7.47 24.04
N GLU A 831 -10.96 7.67 24.74
CA GLU A 831 -12.27 7.28 24.25
C GLU A 831 -12.57 7.89 22.87
N SER A 832 -12.39 9.20 22.76
CA SER A 832 -12.70 9.89 21.52
C SER A 832 -11.79 9.43 20.39
N ARG A 833 -10.50 9.31 20.68
CA ARG A 833 -9.52 8.88 19.69
C ARG A 833 -9.91 7.54 19.09
N VAL A 834 -10.34 6.62 19.95
CA VAL A 834 -10.76 5.30 19.51
C VAL A 834 -12.00 5.40 18.64
N GLU A 835 -12.96 6.21 19.10
CA GLU A 835 -14.19 6.41 18.35
C GLU A 835 -13.92 7.09 17.01
N ALA A 836 -12.91 7.96 16.99
CA ALA A 836 -12.50 8.62 15.77
C ALA A 836 -11.86 7.63 14.82
N PHE A 837 -11.10 6.69 15.40
CA PHE A 837 -10.42 5.66 14.62
C PHE A 837 -11.43 4.72 13.96
N LEU A 838 -12.53 4.43 14.64
CA LEU A 838 -13.54 3.53 14.09
C LEU A 838 -14.21 4.16 12.89
N ILE A 839 -14.40 5.48 12.92
CA ILE A 839 -14.96 6.16 11.77
C ILE A 839 -13.93 6.16 10.65
N THR A 840 -12.66 6.35 11.02
CA THR A 840 -11.55 6.28 10.08
C THR A 840 -11.52 4.93 9.36
N MET A 841 -11.75 3.84 10.10
CA MET A 841 -11.74 2.50 9.52
C MET A 841 -12.87 2.30 8.54
N GLU A 842 -14.05 2.79 8.90
CA GLU A 842 -15.27 2.56 8.12
C GLU A 842 -15.09 3.08 6.69
N LYS A 843 -14.65 4.33 6.55
CA LYS A 843 -14.46 4.91 5.24
C LYS A 843 -13.15 4.45 4.61
N SER A 844 -12.53 3.46 5.23
CA SER A 844 -11.40 2.76 4.65
C SER A 844 -11.79 1.36 4.18
N ILE A 845 -12.84 0.81 4.79
CA ILE A 845 -13.39 -0.46 4.33
C ILE A 845 -14.19 -0.28 3.04
N GLU A 846 -14.74 0.91 2.86
CA GLU A 846 -15.40 1.25 1.61
C GLU A 846 -14.46 1.49 0.44
N ASP A 847 -13.25 1.97 0.69
CA ASP A 847 -12.40 2.31 -0.43
C ASP A 847 -11.18 1.40 -0.46
N MET A 848 -11.38 0.15 -0.03
CA MET A 848 -10.37 -0.87 -0.23
C MET A 848 -10.86 -1.81 -1.33
N THR A 849 -9.97 -2.10 -2.28
CA THR A 849 -10.31 -2.94 -3.43
C THR A 849 -10.74 -4.34 -3.01
N GLU A 850 -11.61 -4.95 -3.82
CA GLU A 850 -12.20 -6.23 -3.47
C GLU A 850 -11.16 -7.33 -3.42
N GLU A 851 -10.02 -7.13 -4.09
CA GLU A 851 -8.89 -8.04 -3.92
C GLU A 851 -8.19 -7.76 -2.60
N ALA A 852 -8.13 -6.48 -2.21
CA ALA A 852 -7.46 -6.10 -0.96
C ALA A 852 -8.28 -6.56 0.22
N PHE A 853 -9.54 -6.94 -0.06
CA PHE A 853 -10.43 -7.46 0.96
C PHE A 853 -10.17 -8.95 1.15
N GLN A 854 -10.08 -9.65 0.04
CA GLN A 854 -9.82 -11.09 0.04
C GLN A 854 -8.37 -11.41 0.39
N LYS A 855 -7.55 -10.38 0.54
CA LYS A 855 -6.21 -10.55 1.06
C LYS A 855 -6.27 -10.64 2.58
N HIS A 856 -7.16 -9.85 3.18
CA HIS A 856 -7.36 -9.92 4.62
C HIS A 856 -7.98 -11.25 5.03
N ILE A 857 -8.86 -11.76 4.18
CA ILE A 857 -9.51 -13.04 4.43
C ILE A 857 -8.52 -14.19 4.46
N GLN A 858 -7.63 -14.24 3.48
CA GLN A 858 -6.69 -15.34 3.43
C GLN A 858 -5.63 -15.15 4.50
N ALA A 859 -5.43 -13.90 4.91
CA ALA A 859 -4.53 -13.60 6.02
C ALA A 859 -5.08 -14.25 7.29
N LEU A 860 -6.33 -13.96 7.60
CA LEU A 860 -6.99 -14.55 8.76
C LEU A 860 -7.08 -16.06 8.61
N ALA A 861 -7.37 -16.52 7.39
CA ALA A 861 -7.52 -17.93 7.11
C ALA A 861 -6.25 -18.71 7.44
N ILE A 862 -5.11 -18.19 7.00
CA ILE A 862 -3.82 -18.83 7.25
C ILE A 862 -3.54 -18.91 8.75
N ARG A 863 -3.89 -17.84 9.48
CA ARG A 863 -3.65 -17.79 10.91
C ARG A 863 -4.47 -18.83 11.66
N ARG A 864 -5.70 -19.05 11.21
CA ARG A 864 -6.60 -20.00 11.86
C ARG A 864 -6.25 -21.43 11.48
N LEU A 865 -5.69 -21.58 10.28
CA LEU A 865 -5.40 -22.88 9.71
C LEU A 865 -3.94 -23.23 9.90
N ASP A 866 -3.27 -22.56 10.83
CA ASP A 866 -1.90 -22.90 11.15
C ASP A 866 -1.96 -24.03 12.17
N LYS A 867 -1.42 -25.17 11.78
CA LYS A 867 -1.51 -26.33 12.64
C LYS A 867 -0.43 -26.29 13.70
N PRO A 868 -0.69 -26.94 14.85
CA PRO A 868 0.34 -26.89 15.89
C PRO A 868 1.61 -27.63 15.50
N LYS A 869 2.67 -27.42 16.25
CA LYS A 869 3.95 -28.01 15.89
C LYS A 869 4.53 -28.80 17.06
N LYS A 870 3.92 -28.65 18.22
CA LYS A 870 4.26 -29.48 19.37
C LYS A 870 2.99 -30.00 20.02
N LEU A 871 3.14 -31.05 20.82
CA LEU A 871 2.00 -31.72 21.43
C LEU A 871 1.18 -30.79 22.31
N SER A 872 1.85 -30.09 23.23
CA SER A 872 1.16 -29.22 24.18
C SER A 872 0.40 -28.11 23.47
N ALA A 873 0.82 -27.76 22.26
CA ALA A 873 0.15 -26.73 21.48
C ALA A 873 -1.16 -27.25 20.91
N GLU A 874 -1.14 -28.52 20.51
CA GLU A 874 -2.35 -29.17 20.00
C GLU A 874 -3.31 -29.43 21.15
N SER A 875 -2.77 -29.86 22.28
CA SER A 875 -3.56 -30.16 23.47
C SER A 875 -4.30 -28.92 23.97
N ALA A 876 -3.66 -27.76 23.83
CA ALA A 876 -4.25 -26.50 24.26
C ALA A 876 -5.52 -26.18 23.46
N LYS A 877 -5.47 -26.49 22.17
CA LYS A 877 -6.59 -26.18 21.28
C LYS A 877 -7.78 -27.11 21.56
N TYR A 878 -7.50 -28.38 21.80
CA TYR A 878 -8.52 -29.35 22.19
C TYR A 878 -9.11 -29.00 23.55
N TRP A 879 -8.23 -28.69 24.50
CA TRP A 879 -8.64 -28.37 25.86
C TRP A 879 -9.48 -27.10 25.89
N GLY A 880 -9.22 -26.20 24.94
CA GLY A 880 -10.00 -24.98 24.85
C GLY A 880 -11.45 -25.25 24.51
N GLU A 881 -11.69 -26.21 23.62
CA GLU A 881 -13.04 -26.56 23.22
C GLU A 881 -13.80 -27.26 24.33
N ILE A 882 -13.06 -27.96 25.19
CA ILE A 882 -13.67 -28.75 26.25
C ILE A 882 -14.10 -27.86 27.42
N ILE A 883 -13.22 -26.96 27.85
CA ILE A 883 -13.55 -26.06 28.96
C ILE A 883 -14.51 -24.96 28.52
N SER A 884 -14.54 -24.68 27.22
CA SER A 884 -15.49 -23.73 26.64
C SER A 884 -16.87 -24.37 26.59
N GLN A 885 -16.90 -25.68 26.79
CA GLN A 885 -18.07 -26.52 26.67
C GLN A 885 -18.73 -26.34 25.30
N GLN A 886 -17.90 -26.15 24.27
CA GLN A 886 -18.38 -26.07 22.89
C GLN A 886 -18.02 -27.32 22.11
N TYR A 887 -16.88 -27.92 22.43
CA TYR A 887 -16.45 -29.18 21.84
C TYR A 887 -16.43 -29.17 20.31
N ASN A 888 -16.04 -28.05 19.73
CA ASN A 888 -15.96 -27.94 18.27
C ASN A 888 -14.55 -28.18 17.76
N PHE A 889 -14.17 -29.45 17.70
CA PHE A 889 -12.79 -29.83 17.36
C PHE A 889 -12.43 -29.56 15.91
N ASP A 890 -13.43 -29.48 15.03
CA ASP A 890 -13.17 -29.17 13.64
C ASP A 890 -13.54 -27.71 13.37
N ARG A 891 -13.32 -26.86 14.37
CA ARG A 891 -13.68 -25.45 14.29
C ARG A 891 -12.98 -24.75 13.14
N ASP A 892 -11.69 -25.02 12.96
CA ASP A 892 -10.87 -24.32 11.99
C ASP A 892 -11.41 -24.50 10.57
N ASN A 893 -11.37 -25.73 10.07
CA ASN A 893 -11.91 -26.05 8.75
C ASN A 893 -13.37 -25.60 8.59
N THR A 894 -14.12 -25.63 9.68
CA THR A 894 -15.52 -25.21 9.66
C THR A 894 -15.64 -23.70 9.46
N GLU A 895 -14.99 -22.94 10.34
CA GLU A 895 -15.12 -21.49 10.33
C GLU A 895 -14.33 -20.83 9.20
N VAL A 896 -13.18 -21.39 8.84
CA VAL A 896 -12.39 -20.85 7.75
C VAL A 896 -13.14 -20.97 6.42
N ALA A 897 -13.84 -22.09 6.23
CA ALA A 897 -14.64 -22.30 5.03
C ALA A 897 -15.71 -21.23 4.89
N TYR A 898 -16.36 -20.90 6.01
CA TYR A 898 -17.42 -19.89 6.02
C TYR A 898 -16.86 -18.49 5.81
N LEU A 899 -15.63 -18.27 6.28
CA LEU A 899 -14.98 -16.98 6.19
C LEU A 899 -14.86 -16.50 4.74
N LYS A 900 -14.54 -17.43 3.85
CA LYS A 900 -14.31 -17.13 2.44
C LYS A 900 -15.59 -16.67 1.73
N THR A 901 -16.73 -17.00 2.32
CA THR A 901 -18.05 -16.69 1.76
C THR A 901 -18.36 -15.21 1.89
N LEU A 902 -17.70 -14.58 2.86
CA LEU A 902 -17.95 -13.19 3.25
C LEU A 902 -17.65 -12.16 2.16
N THR A 903 -18.55 -11.21 2.01
CA THR A 903 -18.35 -10.12 1.07
C THR A 903 -17.96 -8.87 1.84
N LYS A 904 -17.52 -7.84 1.11
CA LYS A 904 -17.11 -6.61 1.74
C LYS A 904 -18.29 -5.90 2.38
N GLU A 905 -19.48 -6.10 1.80
CA GLU A 905 -20.68 -5.45 2.32
C GLU A 905 -21.17 -6.12 3.59
N ASP A 906 -20.90 -7.42 3.73
CA ASP A 906 -21.32 -8.14 4.94
C ASP A 906 -20.68 -7.55 6.19
N ILE A 907 -19.40 -7.22 6.07
CA ILE A 907 -18.66 -6.61 7.18
C ILE A 907 -19.16 -5.20 7.41
N ILE A 908 -19.48 -4.52 6.32
CA ILE A 908 -19.99 -3.16 6.37
C ILE A 908 -21.25 -3.03 7.23
N LYS A 909 -22.27 -3.83 6.96
CA LYS A 909 -23.51 -3.75 7.73
C LYS A 909 -23.32 -4.27 9.15
N PHE A 910 -22.36 -5.17 9.34
CA PHE A 910 -22.03 -5.66 10.66
C PHE A 910 -21.51 -4.53 11.53
N TYR A 911 -20.68 -3.67 10.93
CA TYR A 911 -20.18 -2.50 11.63
C TYR A 911 -21.32 -1.53 11.89
N LYS A 912 -22.08 -1.27 10.84
CA LYS A 912 -23.18 -0.31 10.87
C LYS A 912 -24.26 -0.66 11.88
N GLU A 913 -24.51 -1.96 12.07
CA GLU A 913 -25.58 -2.43 12.94
C GLU A 913 -25.08 -2.66 14.36
N MET A 914 -23.89 -3.25 14.48
CA MET A 914 -23.38 -3.64 15.79
C MET A 914 -22.38 -2.62 16.38
N LEU A 915 -21.35 -2.28 15.62
CA LEU A 915 -20.19 -1.55 16.17
C LEU A 915 -20.20 -0.04 15.95
N ALA A 916 -20.87 0.42 14.90
CA ALA A 916 -20.92 1.85 14.56
C ALA A 916 -21.46 2.70 15.70
N VAL A 917 -21.18 4.00 15.63
CA VAL A 917 -21.65 4.92 16.65
C VAL A 917 -23.19 5.04 16.64
N ASP A 918 -23.79 4.92 15.46
CA ASP A 918 -25.24 5.02 15.33
C ASP A 918 -25.95 3.72 15.69
N ALA A 919 -25.17 2.66 15.87
CA ALA A 919 -25.66 1.29 15.89
C ALA A 919 -26.90 1.09 16.74
N PRO A 920 -27.90 0.39 16.16
CA PRO A 920 -29.15 0.04 16.82
C PRO A 920 -28.87 -0.91 17.96
N ARG A 921 -27.86 -1.76 17.77
CA ARG A 921 -27.47 -2.73 18.77
C ARG A 921 -26.09 -2.53 19.40
N ARG A 922 -25.68 -1.28 19.54
CA ARG A 922 -24.40 -0.97 20.18
C ARG A 922 -24.34 -1.26 21.67
N HIS A 923 -23.41 -2.12 22.06
CA HIS A 923 -23.28 -2.51 23.46
C HIS A 923 -21.88 -2.16 23.96
N LYS A 924 -21.76 -1.00 24.61
CA LYS A 924 -20.45 -0.46 24.96
C LYS A 924 -20.24 -0.30 26.45
N VAL A 925 -19.21 -0.97 26.98
CA VAL A 925 -18.78 -0.77 28.36
C VAL A 925 -17.35 -0.27 28.37
N SER A 926 -17.07 0.74 29.20
CA SER A 926 -15.74 1.30 29.29
C SER A 926 -15.24 1.29 30.72
N VAL A 927 -14.01 0.80 30.89
CA VAL A 927 -13.36 0.83 32.19
C VAL A 927 -12.30 1.92 32.18
N HIS A 928 -12.43 2.87 33.11
CA HIS A 928 -11.49 3.97 33.19
C HIS A 928 -10.64 3.91 34.45
N VAL A 929 -9.40 3.45 34.31
CA VAL A 929 -8.45 3.49 35.41
C VAL A 929 -7.61 4.76 35.32
N LEU A 930 -7.86 5.70 36.23
CA LEU A 930 -7.17 6.98 36.20
C LEU A 930 -5.73 6.85 36.70
N ALA A 931 -4.91 7.84 36.35
CA ALA A 931 -3.54 7.91 36.83
C ALA A 931 -3.50 8.29 38.30
N ARG A 932 -2.31 8.28 38.89
CA ARG A 932 -2.15 8.54 40.32
C ARG A 932 -2.61 9.94 40.74
N GLU A 933 -2.48 10.92 39.84
CA GLU A 933 -2.71 12.31 40.23
C GLU A 933 -3.97 12.96 39.66
N MET A 934 -4.50 12.41 38.57
CA MET A 934 -5.69 12.99 37.97
C MET A 934 -6.95 12.69 38.80
N ASN A 950 -3.14 18.44 11.38
CA ASN A 950 -4.03 18.06 12.46
C ASN A 950 -4.39 16.58 12.42
N LEU A 951 -5.22 16.15 13.36
CA LEU A 951 -5.63 14.75 13.45
C LEU A 951 -7.12 14.56 13.14
N SER A 952 -7.54 13.31 13.11
CA SER A 952 -8.93 12.96 12.81
C SER A 952 -9.70 13.07 14.10
N GLN A 953 -10.87 13.69 14.06
CA GLN A 953 -11.63 13.84 15.30
C GLN A 953 -12.92 13.03 15.35
N ALA A 954 -13.44 12.91 16.57
CA ALA A 954 -14.45 11.93 16.92
C ALA A 954 -15.86 12.45 16.75
N PRO A 955 -16.84 11.54 16.62
CA PRO A 955 -18.25 11.95 16.62
C PRO A 955 -18.71 12.32 18.01
N ALA A 956 -19.83 13.03 18.11
CA ALA A 956 -20.38 13.39 19.41
C ALA A 956 -20.96 12.14 20.07
N LEU A 957 -20.54 11.88 21.30
CA LEU A 957 -20.94 10.66 22.00
C LEU A 957 -22.00 10.92 23.06
N PRO A 958 -22.91 9.96 23.26
CA PRO A 958 -23.97 10.08 24.28
C PRO A 958 -23.39 10.10 25.70
N GLN A 959 -24.20 10.53 26.66
CA GLN A 959 -23.78 10.58 28.06
C GLN A 959 -23.93 9.19 28.69
N PRO A 960 -22.81 8.57 29.10
CA PRO A 960 -22.83 7.20 29.64
C PRO A 960 -23.33 7.13 31.08
N GLU A 961 -24.07 6.08 31.41
CA GLU A 961 -24.48 5.86 32.79
C GLU A 961 -23.30 5.31 33.58
N VAL A 962 -22.83 6.09 34.56
CA VAL A 962 -21.68 5.70 35.35
C VAL A 962 -21.98 4.62 36.38
N ILE A 963 -21.33 3.48 36.23
CA ILE A 963 -21.46 2.38 37.19
C ILE A 963 -20.78 2.72 38.50
N GLN A 964 -21.57 2.82 39.57
CA GLN A 964 -21.04 3.18 40.88
C GLN A 964 -21.03 1.98 41.81
N ASN A 965 -21.77 0.93 41.43
CA ASN A 965 -21.75 -0.32 42.18
C ASN A 965 -21.80 -1.50 41.22
N MET A 966 -20.82 -2.40 41.35
CA MET A 966 -20.68 -3.51 40.42
C MET A 966 -21.84 -4.50 40.47
N THR A 967 -22.16 -4.96 41.68
CA THR A 967 -23.22 -5.96 41.84
C THR A 967 -24.59 -5.38 41.55
N GLU A 968 -24.78 -4.11 41.87
CA GLU A 968 -26.04 -3.42 41.61
C GLU A 968 -26.27 -3.29 40.11
N PHE A 969 -25.19 -3.06 39.38
CA PHE A 969 -25.22 -2.96 37.93
C PHE A 969 -25.60 -4.29 37.27
N LYS A 970 -24.98 -5.36 37.73
CA LYS A 970 -25.23 -6.70 37.20
C LYS A 970 -26.63 -7.17 37.56
N ARG A 971 -27.10 -6.73 38.72
CA ARG A 971 -28.41 -7.09 39.23
C ARG A 971 -29.52 -6.56 38.34
N GLY A 972 -29.28 -5.40 37.73
CA GLY A 972 -30.27 -4.75 36.90
C GLY A 972 -30.14 -5.00 35.41
N LEU A 973 -29.54 -6.12 35.03
CA LEU A 973 -29.37 -6.44 33.61
C LEU A 973 -29.59 -7.92 33.32
N PRO A 974 -30.05 -8.23 32.10
CA PRO A 974 -30.26 -9.64 31.71
C PRO A 974 -28.95 -10.41 31.59
N LEU A 975 -29.05 -11.74 31.56
CA LEU A 975 -27.88 -12.58 31.38
C LEU A 975 -27.99 -13.40 30.10
N PHE A 976 -26.91 -13.46 29.35
CA PHE A 976 -26.85 -14.23 28.12
C PHE A 976 -27.06 -15.72 28.40
N PRO A 977 -27.57 -16.45 27.39
CA PRO A 977 -27.65 -17.91 27.49
C PRO A 977 -26.27 -18.53 27.34
N LEU A 978 -26.18 -19.84 27.55
CA LEU A 978 -24.92 -20.56 27.37
C LEU A 978 -24.92 -21.26 26.02
N VAL A 979 -23.77 -21.27 25.36
CA VAL A 979 -23.67 -21.86 24.02
C VAL A 979 -23.93 -23.36 24.06
N LYS A 980 -24.78 -23.82 23.14
CA LYS A 980 -25.08 -25.24 23.04
C LYS A 980 -23.91 -25.95 22.35
N PRO A 981 -23.46 -27.07 22.96
CA PRO A 981 -22.25 -27.80 22.57
C PRO A 981 -22.30 -28.43 21.17
N HIS A 982 -21.14 -28.86 20.69
CA HIS A 982 -20.98 -29.50 19.38
C HIS A 982 -21.59 -28.67 18.26
N ASN B 14 -36.35 -7.94 -6.66
CA ASN B 14 -37.38 -6.94 -6.37
C ASN B 14 -37.86 -6.40 -7.72
N ASN B 15 -37.01 -6.49 -8.73
CA ASN B 15 -37.38 -6.08 -10.08
C ASN B 15 -36.89 -7.12 -11.09
N PRO B 16 -37.84 -7.73 -11.82
CA PRO B 16 -37.54 -8.77 -12.81
C PRO B 16 -36.70 -8.25 -13.97
N ALA B 17 -36.74 -6.94 -14.21
CA ALA B 17 -35.99 -6.35 -15.31
C ALA B 17 -34.51 -6.18 -14.96
N ILE B 18 -34.17 -6.48 -13.72
CA ILE B 18 -32.78 -6.37 -13.25
C ILE B 18 -32.28 -7.67 -12.64
N LYS B 19 -31.14 -8.16 -13.17
CA LYS B 19 -30.59 -9.43 -12.70
C LYS B 19 -29.98 -9.30 -11.30
N ARG B 20 -29.09 -8.32 -11.12
CA ARG B 20 -28.48 -8.09 -9.82
C ARG B 20 -28.11 -6.62 -9.68
N ILE B 21 -27.80 -6.21 -8.46
CA ILE B 21 -27.48 -4.81 -8.18
C ILE B 21 -26.07 -4.72 -7.60
N GLY B 22 -25.31 -3.72 -8.03
CA GLY B 22 -24.00 -3.45 -7.48
C GLY B 22 -24.05 -3.01 -6.04
N ASN B 23 -23.36 -3.74 -5.18
CA ASN B 23 -23.34 -3.42 -3.76
C ASN B 23 -22.67 -2.08 -3.55
N HIS B 24 -21.39 -1.97 -3.89
CA HIS B 24 -20.68 -0.71 -3.79
C HIS B 24 -19.68 -0.55 -4.91
N ILE B 25 -19.83 0.52 -5.68
CA ILE B 25 -18.87 0.85 -6.71
C ILE B 25 -17.74 1.61 -6.02
N THR B 26 -16.58 0.96 -5.89
CA THR B 26 -15.45 1.55 -5.19
C THR B 26 -14.95 2.78 -5.94
N LYS B 27 -14.94 3.91 -5.24
CA LYS B 27 -14.57 5.18 -5.85
C LYS B 27 -13.45 5.86 -5.09
N SER B 28 -12.94 6.95 -5.67
CA SER B 28 -11.91 7.75 -5.03
C SER B 28 -12.48 8.43 -3.79
N PRO B 29 -11.67 8.56 -2.72
CA PRO B 29 -12.12 9.21 -1.49
C PRO B 29 -12.52 10.67 -1.72
N GLU B 30 -11.91 11.31 -2.71
CA GLU B 30 -12.19 12.70 -3.03
C GLU B 30 -13.36 12.81 -4.00
N ASP B 31 -13.83 11.66 -4.49
CA ASP B 31 -14.94 11.62 -5.43
C ASP B 31 -16.26 11.69 -4.68
N LYS B 32 -17.00 12.78 -4.85
CA LYS B 32 -18.24 12.94 -4.12
C LYS B 32 -19.47 12.66 -4.99
N ARG B 33 -19.23 12.10 -6.18
CA ARG B 33 -20.32 11.56 -6.99
C ARG B 33 -20.76 10.23 -6.41
N GLU B 34 -21.97 9.81 -6.74
CA GLU B 34 -22.48 8.54 -6.28
C GLU B 34 -22.73 7.58 -7.45
N TYR B 35 -22.28 6.34 -7.28
CA TYR B 35 -22.36 5.34 -8.32
C TYR B 35 -23.18 4.15 -7.88
N ARG B 36 -23.76 3.45 -8.84
CA ARG B 36 -24.35 2.15 -8.58
C ARG B 36 -24.38 1.35 -9.89
N GLY B 37 -23.85 0.14 -9.82
CA GLY B 37 -23.78 -0.74 -10.98
C GLY B 37 -24.95 -1.70 -11.04
N LEU B 38 -25.35 -2.06 -12.25
CA LEU B 38 -26.48 -2.96 -12.44
C LEU B 38 -26.27 -3.89 -13.61
N GLU B 39 -26.84 -5.10 -13.51
CA GLU B 39 -26.92 -5.98 -14.65
C GLU B 39 -28.39 -6.22 -14.94
N LEU B 40 -28.85 -5.77 -16.11
CA LEU B 40 -30.25 -5.91 -16.48
C LEU B 40 -30.65 -7.35 -16.76
N ALA B 41 -31.94 -7.57 -16.95
CA ALA B 41 -32.47 -8.89 -17.23
C ALA B 41 -31.94 -9.40 -18.57
N ASN B 42 -31.72 -8.49 -19.50
CA ASN B 42 -31.21 -8.86 -20.82
C ASN B 42 -29.69 -8.97 -20.84
N GLY B 43 -29.06 -8.77 -19.70
CA GLY B 43 -27.63 -8.99 -19.56
C GLY B 43 -26.75 -7.76 -19.73
N ILE B 44 -27.39 -6.59 -19.84
CA ILE B 44 -26.64 -5.36 -20.01
C ILE B 44 -26.01 -4.89 -18.71
N LYS B 45 -24.69 -4.71 -18.73
CA LYS B 45 -23.97 -4.20 -17.58
C LYS B 45 -24.06 -2.67 -17.56
N VAL B 46 -24.60 -2.12 -16.49
CA VAL B 46 -24.88 -0.69 -16.42
C VAL B 46 -24.26 -0.02 -15.20
N LEU B 47 -23.61 1.13 -15.40
CA LEU B 47 -23.15 1.97 -14.30
C LEU B 47 -23.88 3.30 -14.29
N LEU B 48 -24.35 3.69 -13.10
CA LEU B 48 -25.09 4.94 -12.96
C LEU B 48 -24.31 5.96 -12.14
N ILE B 49 -24.02 7.10 -12.74
CA ILE B 49 -23.29 8.15 -12.06
C ILE B 49 -24.21 9.31 -11.72
N SER B 50 -24.29 9.63 -10.43
CA SER B 50 -25.13 10.74 -9.99
C SER B 50 -24.28 11.92 -9.51
N ASP B 51 -24.36 13.04 -10.21
CA ASP B 51 -23.67 14.26 -9.83
C ASP B 51 -24.58 15.47 -10.01
N PRO B 52 -25.25 15.88 -8.92
CA PRO B 52 -26.25 16.95 -8.93
C PRO B 52 -25.70 18.32 -9.34
N THR B 53 -24.39 18.46 -9.44
CA THR B 53 -23.78 19.76 -9.72
C THR B 53 -23.45 19.98 -11.19
N THR B 54 -23.39 18.91 -11.97
CA THR B 54 -22.94 18.99 -13.35
C THR B 54 -23.90 19.83 -14.21
N ASP B 55 -23.35 20.58 -15.15
CA ASP B 55 -24.17 21.40 -16.03
C ASP B 55 -24.57 20.60 -17.26
N LYS B 56 -23.78 19.57 -17.56
CA LYS B 56 -24.10 18.68 -18.67
C LYS B 56 -24.26 17.25 -18.19
N SER B 57 -25.35 16.62 -18.61
CA SER B 57 -25.56 15.21 -18.34
C SER B 57 -25.08 14.40 -19.54
N SER B 58 -24.75 13.13 -19.32
CA SER B 58 -24.19 12.31 -20.39
C SER B 58 -24.54 10.83 -20.29
N ALA B 59 -24.48 10.15 -21.42
CA ALA B 59 -24.68 8.71 -21.47
C ALA B 59 -23.83 8.09 -22.58
N ALA B 60 -23.49 6.81 -22.42
CA ALA B 60 -22.69 6.12 -23.42
C ALA B 60 -22.99 4.63 -23.45
N LEU B 61 -22.87 4.04 -24.63
CA LEU B 61 -23.08 2.60 -24.80
C LEU B 61 -21.91 2.00 -25.58
N ASP B 62 -21.43 0.84 -25.13
CA ASP B 62 -20.33 0.16 -25.80
C ASP B 62 -20.70 -1.27 -26.17
N VAL B 63 -20.78 -1.53 -27.47
CA VAL B 63 -21.01 -2.87 -27.98
C VAL B 63 -19.67 -3.59 -28.18
N HIS B 64 -19.59 -4.83 -27.73
CA HIS B 64 -18.33 -5.57 -27.75
C HIS B 64 -18.03 -6.21 -29.11
N ILE B 65 -18.65 -5.69 -30.17
CA ILE B 65 -18.33 -6.11 -31.53
C ILE B 65 -17.60 -4.99 -32.29
N GLY B 66 -16.55 -5.36 -33.02
CA GLY B 66 -15.76 -4.38 -33.75
C GLY B 66 -15.45 -4.80 -35.18
N SER B 67 -14.39 -4.21 -35.74
CA SER B 67 -14.01 -4.47 -37.13
C SER B 67 -13.49 -5.89 -37.34
N LEU B 68 -13.08 -6.54 -36.26
CA LEU B 68 -12.61 -7.91 -36.33
C LEU B 68 -13.74 -8.86 -36.69
N SER B 69 -14.97 -8.45 -36.39
CA SER B 69 -16.14 -9.27 -36.68
C SER B 69 -16.76 -8.92 -38.03
N ASP B 70 -16.06 -8.09 -38.81
CA ASP B 70 -16.51 -7.76 -40.16
C ASP B 70 -16.51 -9.00 -41.05
N PRO B 71 -17.54 -9.13 -41.89
CA PRO B 71 -17.54 -10.22 -42.88
C PRO B 71 -16.39 -10.03 -43.87
N PRO B 72 -15.68 -11.12 -44.20
CA PRO B 72 -14.50 -11.08 -45.07
C PRO B 72 -14.78 -10.49 -46.45
N ASN B 73 -16.02 -10.62 -46.92
CA ASN B 73 -16.40 -10.13 -48.24
C ASN B 73 -16.82 -8.66 -48.23
N ILE B 74 -17.09 -8.13 -47.05
CA ILE B 74 -17.47 -6.73 -46.91
C ILE B 74 -16.63 -6.06 -45.83
N ALA B 75 -15.42 -5.66 -46.19
CA ALA B 75 -14.50 -5.06 -45.24
C ALA B 75 -15.00 -3.70 -44.78
N GLY B 76 -15.01 -3.47 -43.47
CA GLY B 76 -15.41 -2.19 -42.92
C GLY B 76 -16.90 -2.01 -42.70
N LEU B 77 -17.60 -3.12 -42.51
CA LEU B 77 -19.05 -3.08 -42.34
C LEU B 77 -19.45 -2.51 -40.98
N SER B 78 -18.77 -2.94 -39.93
CA SER B 78 -19.09 -2.50 -38.56
C SER B 78 -18.83 -1.02 -38.37
N HIS B 79 -17.81 -0.51 -39.06
CA HIS B 79 -17.52 0.92 -39.05
C HIS B 79 -18.62 1.69 -39.76
N PHE B 80 -19.07 1.15 -40.88
CA PHE B 80 -20.11 1.76 -41.67
C PHE B 80 -21.43 1.77 -40.89
N LEU B 81 -21.66 0.71 -40.12
CA LEU B 81 -22.86 0.57 -39.31
C LEU B 81 -22.93 1.67 -38.26
N GLN B 82 -21.77 2.06 -37.74
CA GLN B 82 -21.68 3.15 -36.77
C GLN B 82 -22.21 4.46 -37.36
N HIS B 83 -21.77 4.79 -38.57
CA HIS B 83 -22.20 6.01 -39.24
C HIS B 83 -23.70 6.01 -39.52
N MET B 84 -24.23 4.85 -39.88
CA MET B 84 -25.61 4.75 -40.32
C MET B 84 -26.60 4.83 -39.16
N LEU B 85 -26.13 4.53 -37.96
CA LEU B 85 -26.98 4.54 -36.78
C LEU B 85 -27.45 5.95 -36.46
N PHE B 86 -26.62 6.93 -36.78
CA PHE B 86 -26.94 8.34 -36.53
C PHE B 86 -27.99 8.89 -37.49
N LEU B 87 -28.25 8.16 -38.58
CA LEU B 87 -29.05 8.70 -39.67
C LEU B 87 -30.54 8.35 -39.60
N GLY B 88 -31.03 8.02 -38.41
CA GLY B 88 -32.45 7.83 -38.24
C GLY B 88 -32.87 6.47 -37.71
N THR B 89 -33.88 6.49 -36.84
CA THR B 89 -34.47 5.28 -36.31
C THR B 89 -35.96 5.27 -36.64
N LYS B 90 -36.66 4.21 -36.22
CA LYS B 90 -38.06 4.06 -36.58
C LYS B 90 -38.97 4.94 -35.72
N LYS B 91 -38.54 5.25 -34.50
CA LYS B 91 -39.30 6.12 -33.62
C LYS B 91 -39.01 7.59 -33.93
N TYR B 92 -37.82 7.85 -34.45
CA TYR B 92 -37.44 9.20 -34.86
C TYR B 92 -36.91 9.18 -36.29
N PRO B 93 -37.82 9.14 -37.26
CA PRO B 93 -37.50 8.96 -38.68
C PRO B 93 -36.69 10.10 -39.26
N LYS B 94 -36.75 11.27 -38.64
CA LYS B 94 -36.03 12.43 -39.15
C LYS B 94 -34.54 12.13 -39.15
N GLU B 95 -33.91 12.30 -40.31
CA GLU B 95 -32.54 11.84 -40.54
C GLU B 95 -31.54 12.49 -39.59
N ASN B 96 -31.86 13.69 -39.11
CA ASN B 96 -30.95 14.41 -38.23
C ASN B 96 -31.60 14.88 -36.94
N GLU B 97 -32.68 14.23 -36.54
CA GLU B 97 -33.37 14.56 -35.31
C GLU B 97 -32.43 14.44 -34.12
N TYR B 98 -31.58 13.41 -34.14
CA TYR B 98 -30.63 13.17 -33.07
C TYR B 98 -29.59 14.27 -32.96
N SER B 99 -28.92 14.57 -34.07
CA SER B 99 -27.86 15.58 -34.06
C SER B 99 -28.43 16.98 -33.84
N GLN B 100 -29.65 17.21 -34.33
CA GLN B 100 -30.30 18.51 -34.17
C GLN B 100 -30.76 18.74 -32.73
N PHE B 101 -31.25 17.68 -32.09
CA PHE B 101 -31.71 17.79 -30.71
C PHE B 101 -30.59 18.19 -29.77
N LEU B 102 -29.46 17.50 -29.88
CA LEU B 102 -28.31 17.79 -29.02
C LEU B 102 -27.79 19.20 -29.30
N SER B 103 -27.88 19.60 -30.57
CA SER B 103 -27.45 20.95 -30.97
C SER B 103 -28.33 22.02 -30.34
N GLU B 104 -29.62 21.73 -30.24
CA GLU B 104 -30.58 22.69 -29.69
C GLU B 104 -30.63 22.64 -28.16
N HIS B 105 -29.84 21.77 -27.55
CA HIS B 105 -29.84 21.63 -26.10
C HIS B 105 -28.43 21.54 -25.51
N ALA B 106 -27.52 22.32 -26.08
CA ALA B 106 -26.15 22.45 -25.58
C ALA B 106 -25.43 21.11 -25.45
N GLY B 107 -25.57 20.28 -26.48
CA GLY B 107 -24.97 18.95 -26.44
C GLY B 107 -24.12 18.63 -27.66
N SER B 108 -23.34 17.57 -27.54
CA SER B 108 -22.52 17.09 -28.64
C SER B 108 -22.54 15.57 -28.67
N SER B 109 -22.07 14.98 -29.77
CA SER B 109 -22.03 13.52 -29.89
C SER B 109 -20.91 13.06 -30.80
N ASN B 110 -20.45 11.84 -30.56
CA ASN B 110 -19.41 11.22 -31.37
C ASN B 110 -19.39 9.72 -31.14
N ALA B 111 -18.61 9.00 -31.93
CA ALA B 111 -18.50 7.56 -31.77
C ALA B 111 -17.22 7.05 -32.41
N PHE B 112 -16.78 5.85 -32.01
CA PHE B 112 -15.64 5.23 -32.67
C PHE B 112 -15.79 3.72 -32.75
N THR B 113 -15.04 3.11 -33.66
CA THR B 113 -15.09 1.67 -33.88
C THR B 113 -13.69 1.06 -33.85
N SER B 114 -13.37 0.37 -32.76
CA SER B 114 -12.09 -0.31 -32.64
C SER B 114 -12.20 -1.76 -33.12
N GLY B 115 -11.17 -2.55 -32.83
CA GLY B 115 -11.15 -3.94 -33.26
C GLY B 115 -12.20 -4.78 -32.58
N GLU B 116 -12.44 -4.51 -31.29
CA GLU B 116 -13.37 -5.32 -30.50
C GLU B 116 -14.53 -4.50 -29.94
N HIS B 117 -14.60 -3.23 -30.29
CA HIS B 117 -15.64 -2.36 -29.72
C HIS B 117 -16.21 -1.35 -30.70
N THR B 118 -17.50 -1.10 -30.59
CA THR B 118 -18.13 0.04 -31.24
C THR B 118 -18.76 0.87 -30.13
N ASN B 119 -18.24 2.08 -29.94
CA ASN B 119 -18.58 2.89 -28.78
C ASN B 119 -19.33 4.17 -29.13
N TYR B 120 -20.50 4.34 -28.53
CA TYR B 120 -21.33 5.53 -28.75
C TYR B 120 -21.44 6.36 -27.48
N TYR B 121 -21.40 7.69 -27.62
CA TYR B 121 -21.50 8.58 -26.47
C TYR B 121 -22.02 9.97 -26.84
N PHE B 122 -22.55 10.68 -25.84
CA PHE B 122 -23.03 12.04 -26.03
C PHE B 122 -23.10 12.79 -24.71
N ASP B 123 -23.15 14.12 -24.79
CA ASP B 123 -23.51 14.95 -23.63
C ASP B 123 -24.64 15.90 -24.02
N VAL B 124 -25.29 16.48 -23.02
CA VAL B 124 -26.44 17.34 -23.25
C VAL B 124 -26.74 18.13 -21.97
N SER B 125 -27.51 19.19 -22.09
CA SER B 125 -27.96 19.94 -20.92
C SER B 125 -28.64 19.01 -19.94
N HIS B 126 -28.32 19.18 -18.65
CA HIS B 126 -28.75 18.25 -17.62
C HIS B 126 -30.27 18.11 -17.50
N GLU B 127 -31.00 19.10 -18.01
CA GLU B 127 -32.45 19.09 -17.91
C GLU B 127 -33.11 18.26 -19.01
N HIS B 128 -32.40 18.06 -20.12
CA HIS B 128 -32.98 17.34 -21.26
C HIS B 128 -32.28 16.01 -21.50
N LEU B 129 -31.89 15.34 -20.42
CA LEU B 129 -31.23 14.05 -20.51
C LEU B 129 -32.10 12.96 -21.12
N GLU B 130 -33.33 12.83 -20.63
CA GLU B 130 -34.22 11.78 -21.11
C GLU B 130 -34.52 11.92 -22.60
N GLY B 131 -34.73 13.16 -23.04
CA GLY B 131 -35.03 13.43 -24.44
C GLY B 131 -33.92 12.94 -25.34
N ALA B 132 -32.68 13.17 -24.92
CA ALA B 132 -31.51 12.76 -25.69
C ALA B 132 -31.29 11.26 -25.59
N LEU B 133 -31.47 10.72 -24.38
CA LEU B 133 -31.23 9.30 -24.14
C LEU B 133 -32.25 8.43 -24.87
N ASP B 134 -33.47 8.92 -25.00
CA ASP B 134 -34.52 8.21 -25.70
C ASP B 134 -34.15 8.02 -27.16
N ARG B 135 -33.78 9.13 -27.81
CA ARG B 135 -33.36 9.11 -29.21
C ARG B 135 -32.10 8.25 -29.38
N PHE B 136 -31.22 8.30 -28.39
CA PHE B 136 -29.98 7.54 -28.40
C PHE B 136 -30.27 6.04 -28.30
N ALA B 137 -31.21 5.69 -27.44
CA ALA B 137 -31.55 4.29 -27.19
C ALA B 137 -32.16 3.63 -28.44
N GLN B 138 -32.78 4.45 -29.28
CA GLN B 138 -33.44 3.94 -30.49
C GLN B 138 -32.42 3.40 -31.49
N PHE B 139 -31.16 3.81 -31.35
CA PHE B 139 -30.09 3.35 -32.22
C PHE B 139 -29.93 1.84 -32.15
N PHE B 140 -30.23 1.30 -30.98
CA PHE B 140 -30.00 -0.11 -30.71
C PHE B 140 -31.28 -0.91 -30.92
N LEU B 141 -32.42 -0.23 -30.93
CA LEU B 141 -33.70 -0.89 -31.15
C LEU B 141 -34.20 -1.06 -32.58
N SER B 142 -34.41 0.05 -33.27
CA SER B 142 -34.94 0.03 -34.63
C SER B 142 -34.34 1.08 -35.56
N PRO B 143 -33.08 0.89 -35.99
CA PRO B 143 -32.46 1.82 -36.93
C PRO B 143 -33.07 1.68 -38.33
N LEU B 144 -33.12 2.78 -39.08
CA LEU B 144 -33.75 2.75 -40.40
C LEU B 144 -32.84 2.14 -41.45
N PHE B 145 -31.58 2.56 -41.47
CA PHE B 145 -30.66 2.23 -42.56
C PHE B 145 -31.27 2.57 -43.91
N ASP B 146 -31.71 3.82 -44.03
CA ASP B 146 -32.33 4.33 -45.25
C ASP B 146 -31.42 4.16 -46.47
N GLU B 147 -32.00 3.71 -47.57
CA GLU B 147 -31.21 3.36 -48.75
C GLU B 147 -30.57 4.58 -49.40
N SER B 148 -31.28 5.71 -49.41
CA SER B 148 -30.74 6.96 -49.93
C SER B 148 -29.63 7.49 -49.04
N ALA B 149 -29.76 7.23 -47.74
CA ALA B 149 -28.74 7.63 -46.78
C ALA B 149 -27.54 6.70 -46.89
N LYS B 150 -27.77 5.48 -47.35
CA LYS B 150 -26.69 4.52 -47.50
C LYS B 150 -25.71 4.95 -48.60
N ASP B 151 -26.23 5.30 -49.77
CA ASP B 151 -25.38 5.70 -50.90
C ASP B 151 -24.81 7.11 -50.72
N ARG B 152 -25.26 7.81 -49.68
CA ARG B 152 -24.68 9.11 -49.36
C ARG B 152 -23.57 8.99 -48.32
N GLU B 153 -23.88 8.40 -47.17
CA GLU B 153 -22.93 8.36 -46.06
C GLU B 153 -21.72 7.49 -46.35
N VAL B 154 -21.81 6.65 -47.38
CA VAL B 154 -20.66 5.83 -47.80
C VAL B 154 -19.53 6.73 -48.28
N ASN B 155 -19.88 7.92 -48.76
CA ASN B 155 -18.89 8.89 -49.21
C ASN B 155 -18.09 9.48 -48.05
N ALA B 156 -18.76 9.66 -46.92
CA ALA B 156 -18.12 10.18 -45.72
C ALA B 156 -17.10 9.18 -45.17
N VAL B 157 -17.41 7.90 -45.30
CA VAL B 157 -16.50 6.84 -44.89
C VAL B 157 -15.30 6.79 -45.83
N ASP B 158 -15.58 6.88 -47.12
CA ASP B 158 -14.54 6.86 -48.15
C ASP B 158 -13.60 8.05 -48.00
N SER B 159 -14.15 9.20 -47.64
CA SER B 159 -13.35 10.40 -47.44
C SER B 159 -12.51 10.31 -46.16
N GLU B 160 -13.01 9.54 -45.19
CA GLU B 160 -12.28 9.32 -43.96
C GLU B 160 -11.03 8.49 -44.20
N HIS B 161 -11.17 7.41 -44.96
CA HIS B 161 -10.04 6.57 -45.31
C HIS B 161 -9.04 7.33 -46.17
N GLU B 162 -9.56 8.13 -47.10
CA GLU B 162 -8.72 8.95 -47.98
C GLU B 162 -7.84 9.90 -47.18
N LYS B 163 -8.38 10.38 -46.07
CA LYS B 163 -7.64 11.27 -45.18
C LYS B 163 -6.49 10.55 -44.51
N ASN B 164 -6.63 9.23 -44.36
CA ASN B 164 -5.64 8.42 -43.65
C ASN B 164 -4.66 7.70 -44.57
N VAL B 165 -4.89 7.80 -45.88
CA VAL B 165 -4.08 7.07 -46.85
C VAL B 165 -2.65 7.61 -46.89
N MET B 166 -2.51 8.93 -46.73
CA MET B 166 -1.19 9.55 -46.78
C MET B 166 -0.66 9.79 -45.38
N ASN B 167 -1.29 9.15 -44.40
CA ASN B 167 -0.88 9.23 -43.01
C ASN B 167 0.05 8.07 -42.68
N ASP B 168 1.30 8.40 -42.35
CA ASP B 168 2.32 7.38 -42.09
C ASP B 168 1.96 6.43 -40.96
N ALA B 169 1.22 6.92 -39.98
CA ALA B 169 0.81 6.10 -38.84
C ALA B 169 -0.18 5.02 -39.26
N TRP B 170 -1.12 5.41 -40.12
CA TRP B 170 -2.15 4.48 -40.60
C TRP B 170 -1.59 3.46 -41.57
N ARG B 171 -0.74 3.92 -42.48
CA ARG B 171 -0.10 3.03 -43.45
C ARG B 171 0.66 1.94 -42.73
N LEU B 172 1.34 2.35 -41.66
CA LEU B 172 2.12 1.45 -40.83
C LEU B 172 1.22 0.53 -40.02
N PHE B 173 0.11 1.11 -39.53
CA PHE B 173 -0.86 0.35 -38.75
C PHE B 173 -1.43 -0.81 -39.54
N GLN B 174 -1.80 -0.53 -40.78
CA GLN B 174 -2.39 -1.55 -41.64
C GLN B 174 -1.32 -2.48 -42.19
N LEU B 175 -0.09 -2.00 -42.25
CA LEU B 175 1.02 -2.81 -42.73
C LEU B 175 1.32 -3.97 -41.78
N GLU B 176 1.27 -3.69 -40.48
CA GLU B 176 1.49 -4.73 -39.48
C GLU B 176 0.41 -5.81 -39.58
N LYS B 177 -0.80 -5.39 -39.95
CA LYS B 177 -1.90 -6.33 -40.12
C LYS B 177 -1.70 -7.21 -41.36
N ALA B 178 -1.00 -6.66 -42.35
CA ALA B 178 -0.87 -7.32 -43.64
C ALA B 178 0.41 -8.13 -43.76
N THR B 179 1.13 -8.31 -42.64
CA THR B 179 2.37 -9.08 -42.65
C THR B 179 2.28 -10.25 -41.69
N GLY B 180 1.11 -10.43 -41.09
CA GLY B 180 0.87 -11.56 -40.21
C GLY B 180 0.11 -12.64 -40.93
N ASN B 181 -0.55 -13.51 -40.17
CA ASN B 181 -1.35 -14.58 -40.74
C ASN B 181 -2.45 -14.02 -41.66
N PRO B 182 -2.35 -14.32 -42.96
CA PRO B 182 -3.24 -13.82 -44.01
C PRO B 182 -4.70 -14.20 -43.77
N LYS B 183 -4.94 -15.30 -43.07
CA LYS B 183 -6.30 -15.71 -42.79
C LYS B 183 -6.61 -15.61 -41.30
N HIS B 184 -5.97 -14.64 -40.65
CA HIS B 184 -6.38 -14.19 -39.32
C HIS B 184 -7.24 -12.93 -39.44
N PRO B 185 -8.34 -12.86 -38.67
CA PRO B 185 -9.24 -11.69 -38.69
C PRO B 185 -8.50 -10.38 -38.38
N PHE B 186 -7.34 -10.48 -37.75
CA PHE B 186 -6.48 -9.33 -37.47
C PHE B 186 -6.02 -8.66 -38.76
N SER B 187 -5.95 -9.44 -39.83
CA SER B 187 -5.48 -8.97 -41.12
C SER B 187 -6.49 -8.07 -41.83
N LYS B 188 -7.72 -8.07 -41.31
CA LYS B 188 -8.81 -7.36 -41.96
C LYS B 188 -8.60 -5.85 -42.02
N PHE B 189 -9.08 -5.26 -43.11
CA PHE B 189 -9.05 -3.81 -43.29
C PHE B 189 -10.22 -3.22 -42.49
N GLY B 190 -9.90 -2.59 -41.37
CA GLY B 190 -10.92 -2.13 -40.44
C GLY B 190 -11.75 -1.00 -41.00
N THR B 191 -11.08 0.04 -41.49
CA THR B 191 -11.76 1.17 -42.10
C THR B 191 -12.40 0.66 -43.39
N GLY B 192 -13.38 1.38 -43.90
CA GLY B 192 -14.04 0.97 -45.13
C GLY B 192 -13.90 2.06 -46.17
N ASN B 193 -14.04 1.72 -47.44
CA ASN B 193 -14.09 2.74 -48.48
C ASN B 193 -15.26 2.48 -49.43
N LYS B 194 -15.39 3.34 -50.43
CA LYS B 194 -16.49 3.25 -51.37
C LYS B 194 -16.43 1.94 -52.16
N TYR B 195 -15.22 1.41 -52.32
CA TYR B 195 -15.03 0.17 -53.07
C TYR B 195 -15.59 -1.03 -52.31
N THR B 196 -15.11 -1.25 -51.09
CA THR B 196 -15.49 -2.43 -50.33
C THR B 196 -16.94 -2.37 -49.82
N LEU B 197 -17.48 -1.16 -49.75
CA LEU B 197 -18.83 -0.97 -49.22
C LEU B 197 -19.91 -0.79 -50.29
N GLU B 198 -19.56 -0.15 -51.41
CA GLU B 198 -20.54 0.06 -52.47
C GLU B 198 -20.18 -0.64 -53.77
N THR B 199 -19.01 -0.28 -54.31
CA THR B 199 -18.59 -0.75 -55.63
C THR B 199 -18.47 -2.27 -55.71
N ARG B 200 -17.63 -2.85 -54.85
CA ARG B 200 -17.37 -4.28 -54.89
C ARG B 200 -18.59 -5.14 -54.54
N PRO B 201 -19.40 -4.74 -53.54
CA PRO B 201 -20.61 -5.54 -53.31
C PRO B 201 -21.59 -5.53 -54.47
N ASN B 202 -21.78 -4.39 -55.11
CA ASN B 202 -22.70 -4.31 -56.25
C ASN B 202 -22.25 -5.20 -57.41
N GLN B 203 -20.94 -5.31 -57.59
CA GLN B 203 -20.39 -6.18 -58.61
C GLN B 203 -20.62 -7.64 -58.25
N GLU B 204 -20.64 -7.94 -56.96
CA GLU B 204 -20.84 -9.31 -56.48
C GLU B 204 -22.30 -9.57 -56.13
N GLY B 205 -23.18 -8.66 -56.53
CA GLY B 205 -24.60 -8.82 -56.32
C GLY B 205 -25.06 -8.78 -54.87
N ILE B 206 -24.24 -8.21 -54.00
CA ILE B 206 -24.59 -8.10 -52.57
C ILE B 206 -25.31 -6.79 -52.30
N ASP B 207 -26.50 -6.86 -51.72
CA ASP B 207 -27.18 -5.65 -51.28
C ASP B 207 -26.73 -5.34 -49.86
N VAL B 208 -26.14 -4.16 -49.69
CA VAL B 208 -25.44 -3.80 -48.46
C VAL B 208 -26.38 -3.51 -47.30
N ARG B 209 -27.54 -2.95 -47.60
CA ARG B 209 -28.50 -2.57 -46.56
C ARG B 209 -28.89 -3.77 -45.71
N GLN B 210 -28.85 -4.96 -46.29
CA GLN B 210 -29.22 -6.15 -45.54
C GLN B 210 -28.11 -6.61 -44.61
N GLU B 211 -26.90 -6.81 -45.13
CA GLU B 211 -25.84 -7.31 -44.26
C GLU B 211 -25.42 -6.26 -43.25
N LEU B 212 -25.93 -5.04 -43.39
CA LEU B 212 -25.92 -4.07 -42.30
C LEU B 212 -26.97 -4.45 -41.26
N LEU B 213 -28.18 -4.73 -41.72
CA LEU B 213 -29.30 -5.08 -40.86
C LEU B 213 -29.05 -6.43 -40.21
N LYS B 214 -28.38 -7.34 -40.93
CA LYS B 214 -28.04 -8.66 -40.38
C LYS B 214 -26.99 -8.49 -39.31
N PHE B 215 -25.97 -7.69 -39.62
CA PHE B 215 -24.90 -7.44 -38.67
C PHE B 215 -25.45 -6.84 -37.39
N HIS B 216 -26.34 -5.87 -37.57
CA HIS B 216 -26.99 -5.22 -36.45
C HIS B 216 -27.87 -6.20 -35.69
N SER B 217 -28.54 -7.07 -36.44
CA SER B 217 -29.39 -8.06 -35.81
C SER B 217 -28.55 -9.13 -35.11
N ALA B 218 -27.49 -9.58 -35.77
CA ALA B 218 -26.72 -10.72 -35.27
C ALA B 218 -25.75 -10.36 -34.16
N TYR B 219 -25.15 -9.17 -34.22
CA TYR B 219 -24.07 -8.84 -33.29
C TYR B 219 -24.44 -7.81 -32.23
N TYR B 220 -25.37 -6.91 -32.56
CA TYR B 220 -25.80 -5.91 -31.58
C TYR B 220 -26.82 -6.48 -30.60
N SER B 221 -26.36 -7.43 -29.78
CA SER B 221 -27.18 -8.03 -28.74
C SER B 221 -26.87 -7.39 -27.39
N SER B 222 -27.86 -7.36 -26.50
CA SER B 222 -27.72 -6.70 -25.21
C SER B 222 -26.70 -7.34 -24.27
N ASN B 223 -26.47 -8.64 -24.41
CA ASN B 223 -25.49 -9.34 -23.57
C ASN B 223 -24.08 -8.80 -23.79
N LEU B 224 -23.84 -8.28 -24.99
CA LEU B 224 -22.53 -7.76 -25.36
C LEU B 224 -22.52 -6.24 -25.25
N MET B 225 -23.40 -5.69 -24.44
CA MET B 225 -23.53 -4.24 -24.32
C MET B 225 -23.28 -3.75 -22.90
N ALA B 226 -22.77 -2.52 -22.81
CA ALA B 226 -22.56 -1.86 -21.54
C ALA B 226 -23.02 -0.42 -21.62
N VAL B 227 -23.70 0.05 -20.58
CA VAL B 227 -24.28 1.38 -20.58
C VAL B 227 -23.85 2.18 -19.36
N VAL B 228 -23.45 3.43 -19.58
CA VAL B 228 -23.12 4.34 -18.49
C VAL B 228 -23.90 5.65 -18.63
N VAL B 229 -24.62 6.02 -17.57
CA VAL B 229 -25.40 7.25 -17.60
C VAL B 229 -25.06 8.16 -16.42
N LEU B 230 -24.80 9.43 -16.74
CA LEU B 230 -24.42 10.42 -15.74
C LEU B 230 -25.41 11.59 -15.74
N GLY B 231 -25.99 11.88 -14.58
CA GLY B 231 -26.95 12.96 -14.49
C GLY B 231 -27.14 13.54 -13.11
N ARG B 232 -27.95 14.59 -13.01
CA ARG B 232 -28.25 15.23 -11.73
C ARG B 232 -29.25 14.42 -10.92
N GLU B 233 -30.06 13.62 -11.62
CA GLU B 233 -31.13 12.85 -11.00
C GLU B 233 -30.63 11.89 -9.92
N SER B 234 -31.53 11.50 -9.01
CA SER B 234 -31.17 10.55 -7.96
C SER B 234 -30.80 9.21 -8.57
N LEU B 235 -30.03 8.42 -7.84
CA LEU B 235 -29.60 7.11 -8.35
C LEU B 235 -30.78 6.21 -8.70
N ASP B 236 -31.82 6.21 -7.86
CA ASP B 236 -33.00 5.39 -8.14
C ASP B 236 -33.82 6.04 -9.23
N ASP B 237 -33.78 7.37 -9.27
CA ASP B 237 -34.45 8.11 -10.32
C ASP B 237 -33.71 7.92 -11.64
N LEU B 238 -32.39 7.77 -11.54
CA LEU B 238 -31.54 7.52 -12.70
C LEU B 238 -31.61 6.05 -13.06
N THR B 239 -31.87 5.22 -12.05
CA THR B 239 -32.03 3.77 -12.25
C THR B 239 -33.28 3.51 -13.05
N ASN B 240 -34.33 4.26 -12.75
CA ASN B 240 -35.59 4.08 -13.45
C ASN B 240 -35.47 4.47 -14.92
N LEU B 241 -34.55 5.38 -15.23
CA LEU B 241 -34.46 5.90 -16.59
C LEU B 241 -33.92 4.85 -17.56
N VAL B 242 -32.91 4.11 -17.11
CA VAL B 242 -32.27 3.11 -17.97
C VAL B 242 -33.19 1.94 -18.34
N VAL B 243 -33.89 1.41 -17.34
CA VAL B 243 -34.77 0.26 -17.54
C VAL B 243 -35.88 0.57 -18.55
N LYS B 244 -36.40 1.79 -18.49
CA LYS B 244 -37.44 2.22 -19.42
C LYS B 244 -37.00 2.04 -20.86
N LEU B 245 -35.71 2.25 -21.11
CA LEU B 245 -35.24 2.50 -22.45
C LEU B 245 -34.22 1.48 -22.93
N PHE B 246 -33.94 0.48 -22.11
CA PHE B 246 -32.95 -0.52 -22.50
C PHE B 246 -33.32 -1.96 -22.17
N SER B 247 -34.47 -2.17 -21.53
CA SER B 247 -34.93 -3.53 -21.27
C SER B 247 -35.57 -4.11 -22.51
N GLU B 248 -35.90 -3.24 -23.45
CA GLU B 248 -36.58 -3.64 -24.67
C GLU B 248 -35.52 -4.11 -25.67
N VAL B 249 -34.27 -3.79 -25.37
CA VAL B 249 -33.12 -4.26 -26.15
C VAL B 249 -33.03 -5.76 -26.01
N GLU B 250 -33.13 -6.47 -27.13
CA GLU B 250 -33.26 -7.92 -27.12
C GLU B 250 -31.91 -8.58 -26.84
N ASN B 251 -31.97 -9.73 -26.18
CA ASN B 251 -30.78 -10.48 -25.80
C ASN B 251 -30.53 -11.73 -26.64
N LYS B 252 -29.83 -11.57 -27.76
CA LYS B 252 -29.37 -12.71 -28.54
C LYS B 252 -28.15 -13.11 -27.76
N ASN B 253 -28.10 -14.36 -27.33
CA ASN B 253 -26.99 -14.78 -26.48
C ASN B 253 -25.83 -15.12 -27.41
N VAL B 254 -25.26 -14.06 -27.97
CA VAL B 254 -24.15 -14.12 -28.91
C VAL B 254 -22.83 -14.38 -28.21
N PRO B 255 -22.12 -15.44 -28.64
CA PRO B 255 -20.81 -15.78 -28.08
C PRO B 255 -19.77 -14.70 -28.36
N LEU B 256 -19.11 -14.22 -27.32
CA LEU B 256 -18.09 -13.20 -27.45
C LEU B 256 -16.90 -13.71 -28.27
N PRO B 257 -16.59 -13.03 -29.38
CA PRO B 257 -15.51 -13.43 -30.30
C PRO B 257 -14.17 -13.58 -29.59
N GLU B 258 -13.45 -14.68 -29.82
CA GLU B 258 -12.13 -14.84 -29.22
C GLU B 258 -11.10 -15.11 -30.30
N PHE B 259 -9.85 -14.77 -30.02
CA PHE B 259 -8.77 -14.95 -31.00
C PHE B 259 -7.55 -15.58 -30.35
N PRO B 260 -7.64 -16.88 -30.03
CA PRO B 260 -6.56 -17.58 -29.33
C PRO B 260 -5.27 -17.60 -30.13
N GLU B 261 -5.38 -17.85 -31.43
CA GLU B 261 -4.20 -17.94 -32.28
C GLU B 261 -3.62 -16.55 -32.57
N HIS B 262 -2.33 -16.40 -32.32
CA HIS B 262 -1.66 -15.13 -32.56
C HIS B 262 -1.53 -14.90 -34.07
N PRO B 263 -1.80 -13.67 -34.52
CA PRO B 263 -1.66 -13.31 -35.94
C PRO B 263 -0.23 -13.53 -36.43
N PHE B 264 0.72 -13.45 -35.52
CA PHE B 264 2.13 -13.65 -35.84
C PHE B 264 2.60 -15.06 -35.46
N GLN B 265 2.52 -15.99 -36.41
CA GLN B 265 3.06 -17.33 -36.19
C GLN B 265 4.55 -17.35 -36.49
N GLU B 266 5.15 -18.54 -36.42
CA GLU B 266 6.60 -18.65 -36.49
C GLU B 266 7.17 -18.29 -37.87
N GLU B 267 6.34 -18.37 -38.91
CA GLU B 267 6.77 -17.97 -40.24
C GLU B 267 6.81 -16.44 -40.35
N HIS B 268 6.16 -15.77 -39.40
CA HIS B 268 6.11 -14.31 -39.39
C HIS B 268 7.05 -13.74 -38.34
N LEU B 269 7.96 -14.58 -37.84
CA LEU B 269 8.93 -14.18 -36.85
C LEU B 269 10.33 -14.15 -37.46
N LYS B 270 11.26 -13.50 -36.77
CA LYS B 270 12.62 -13.30 -37.26
C LYS B 270 12.61 -12.63 -38.64
N GLN B 271 11.68 -11.71 -38.82
CA GLN B 271 11.49 -11.03 -40.09
C GLN B 271 11.87 -9.56 -40.00
N LEU B 272 12.42 -9.04 -41.08
CA LEU B 272 12.78 -7.62 -41.17
C LEU B 272 11.94 -6.93 -42.23
N TYR B 273 11.46 -5.73 -41.92
CA TYR B 273 10.63 -4.98 -42.86
C TYR B 273 11.20 -3.59 -43.11
N LYS B 274 11.64 -3.36 -44.35
CA LYS B 274 12.15 -2.06 -44.76
C LYS B 274 11.04 -1.28 -45.47
N ILE B 275 10.64 -0.15 -44.87
CA ILE B 275 9.44 0.56 -45.31
C ILE B 275 9.72 1.99 -45.77
N VAL B 276 9.04 2.42 -46.81
CA VAL B 276 9.14 3.79 -47.30
C VAL B 276 7.99 4.66 -46.78
N PRO B 277 8.34 5.76 -46.10
CA PRO B 277 7.35 6.68 -45.52
C PRO B 277 6.95 7.80 -46.47
N ILE B 278 5.94 8.57 -46.08
CA ILE B 278 5.54 9.74 -46.83
C ILE B 278 6.36 10.94 -46.38
N LYS B 279 6.36 11.19 -45.08
CA LYS B 279 7.22 12.22 -44.51
C LYS B 279 8.66 11.72 -44.43
N ASP B 280 9.59 12.65 -44.23
CA ASP B 280 10.99 12.29 -44.07
C ASP B 280 11.26 11.93 -42.62
N ILE B 281 11.04 10.66 -42.27
CA ILE B 281 11.22 10.19 -40.90
C ILE B 281 12.09 8.95 -40.83
N ARG B 282 12.67 8.72 -39.65
CA ARG B 282 13.49 7.54 -39.40
C ARG B 282 13.07 6.88 -38.10
N ASN B 283 12.51 5.68 -38.20
CA ASN B 283 12.02 4.97 -37.03
C ASN B 283 12.30 3.48 -37.05
N LEU B 284 12.56 2.93 -35.87
CA LEU B 284 12.81 1.50 -35.72
C LEU B 284 11.71 0.87 -34.87
N TYR B 285 10.98 -0.07 -35.45
CA TYR B 285 9.88 -0.72 -34.75
C TYR B 285 10.19 -2.17 -34.43
N VAL B 286 10.45 -2.44 -33.15
CA VAL B 286 10.66 -3.80 -32.66
C VAL B 286 9.38 -4.30 -32.00
N THR B 287 8.91 -5.47 -32.41
CA THR B 287 7.65 -6.00 -31.92
C THR B 287 7.79 -7.45 -31.44
N PHE B 288 7.29 -7.72 -30.24
CA PHE B 288 7.27 -9.08 -29.72
C PHE B 288 5.84 -9.56 -29.54
N PRO B 289 5.51 -10.69 -30.18
CA PRO B 289 4.20 -11.31 -29.96
C PRO B 289 4.10 -11.92 -28.56
N ILE B 290 3.06 -11.56 -27.82
CA ILE B 290 2.84 -12.07 -26.48
C ILE B 290 1.37 -12.47 -26.32
N PRO B 291 1.09 -13.40 -25.39
CA PRO B 291 -0.30 -13.79 -25.12
C PRO B 291 -1.09 -12.67 -24.45
N ASP B 292 -2.41 -12.82 -24.38
CA ASP B 292 -3.27 -11.81 -23.78
C ASP B 292 -3.04 -11.72 -22.28
N LEU B 293 -2.43 -10.61 -21.85
CA LEU B 293 -2.07 -10.41 -20.45
C LEU B 293 -3.19 -9.73 -19.66
N GLN B 294 -4.33 -9.50 -20.31
CA GLN B 294 -5.44 -8.81 -19.67
C GLN B 294 -5.93 -9.54 -18.42
N LYS B 295 -5.92 -10.87 -18.46
CA LYS B 295 -6.34 -11.66 -17.31
C LYS B 295 -5.42 -11.39 -16.11
N TYR B 296 -4.18 -11.00 -16.39
CA TYR B 296 -3.20 -10.74 -15.33
C TYR B 296 -3.22 -9.29 -14.88
N TYR B 297 -4.33 -8.59 -15.10
CA TYR B 297 -4.42 -7.16 -14.82
C TYR B 297 -4.16 -6.88 -13.35
N LYS B 298 -4.34 -7.91 -12.53
CA LYS B 298 -4.20 -7.79 -11.08
C LYS B 298 -2.78 -7.44 -10.67
N SER B 299 -1.79 -7.96 -11.39
CA SER B 299 -0.39 -7.62 -11.17
C SER B 299 0.13 -6.72 -12.28
N ASN B 300 -0.43 -6.91 -13.48
CA ASN B 300 -0.08 -6.14 -14.67
C ASN B 300 1.42 -6.19 -14.96
N PRO B 301 1.91 -7.37 -15.35
CA PRO B 301 3.35 -7.56 -15.59
C PRO B 301 3.85 -6.78 -16.80
N GLY B 302 2.98 -6.57 -17.78
CA GLY B 302 3.35 -5.85 -18.98
C GLY B 302 3.69 -4.41 -18.66
N HIS B 303 3.01 -3.86 -17.66
CA HIS B 303 3.25 -2.49 -17.24
C HIS B 303 4.60 -2.39 -16.52
N TYR B 304 4.89 -3.40 -15.69
CA TYR B 304 6.15 -3.43 -14.95
C TYR B 304 7.34 -3.40 -15.90
N LEU B 305 7.33 -4.27 -16.89
CA LEU B 305 8.41 -4.34 -17.87
C LEU B 305 8.45 -3.10 -18.74
N GLY B 306 7.26 -2.62 -19.10
CA GLY B 306 7.16 -1.43 -19.92
C GLY B 306 7.72 -0.22 -19.20
N HIS B 307 7.49 -0.15 -17.89
CA HIS B 307 7.98 0.97 -17.09
C HIS B 307 9.50 0.98 -17.04
N LEU B 308 10.09 -0.21 -17.00
CA LEU B 308 11.54 -0.35 -16.89
C LEU B 308 12.24 -0.14 -18.23
N ILE B 309 11.80 -0.85 -19.25
CA ILE B 309 12.37 -0.72 -20.59
C ILE B 309 12.14 0.68 -21.15
N GLY B 310 10.94 1.21 -20.94
CA GLY B 310 10.60 2.51 -21.47
C GLY B 310 11.08 3.66 -20.60
N HIS B 311 11.81 3.34 -19.54
CA HIS B 311 12.33 4.35 -18.64
C HIS B 311 13.31 5.27 -19.36
N GLU B 312 13.35 6.54 -18.94
CA GLU B 312 14.18 7.54 -19.61
C GLU B 312 15.18 8.19 -18.65
N GLY B 313 15.20 7.72 -17.41
CA GLY B 313 16.12 8.23 -16.42
C GLY B 313 17.53 7.70 -16.64
N PRO B 314 18.44 8.00 -15.71
CA PRO B 314 19.84 7.54 -15.79
C PRO B 314 19.96 6.02 -15.79
N GLY B 315 20.86 5.50 -16.62
CA GLY B 315 21.12 4.07 -16.66
C GLY B 315 20.13 3.30 -17.52
N SER B 316 19.16 4.01 -18.08
CA SER B 316 18.12 3.37 -18.87
C SER B 316 18.60 3.04 -20.28
N LEU B 317 17.81 2.25 -21.00
CA LEU B 317 18.15 1.86 -22.36
C LEU B 317 18.21 3.08 -23.25
N LEU B 318 17.23 3.96 -23.12
CA LEU B 318 17.19 5.18 -23.90
C LEU B 318 18.38 6.09 -23.64
N SER B 319 18.77 6.16 -22.37
CA SER B 319 19.79 7.11 -21.93
C SER B 319 21.14 6.96 -22.63
N GLU B 320 21.47 5.76 -23.10
CA GLU B 320 22.76 5.55 -23.75
C GLU B 320 22.63 5.44 -25.26
N LEU B 321 21.51 4.90 -25.75
CA LEU B 321 21.23 4.91 -27.17
C LEU B 321 21.18 6.36 -27.65
N LYS B 322 20.81 7.24 -26.73
CA LYS B 322 20.75 8.67 -26.97
C LYS B 322 22.13 9.28 -26.77
N SER B 323 22.94 8.65 -25.93
CA SER B 323 24.31 9.10 -25.66
C SER B 323 25.23 8.79 -26.83
N LYS B 324 24.97 7.67 -27.51
CA LYS B 324 25.74 7.29 -28.69
C LYS B 324 25.25 8.04 -29.91
N GLY B 325 24.19 8.83 -29.72
CA GLY B 325 23.64 9.65 -30.80
C GLY B 325 22.91 8.83 -31.83
N TRP B 326 22.27 7.75 -31.39
CA TRP B 326 21.56 6.86 -32.30
C TRP B 326 20.06 7.12 -32.30
N VAL B 327 19.49 7.36 -31.13
CA VAL B 327 18.07 7.66 -31.01
C VAL B 327 17.83 8.94 -30.21
N ASN B 328 16.59 9.40 -30.20
CA ASN B 328 16.19 10.56 -29.42
C ASN B 328 15.05 10.23 -28.46
N THR B 329 14.11 9.42 -28.95
CA THR B 329 12.94 9.02 -28.16
C THR B 329 12.78 7.51 -28.13
N LEU B 330 12.06 7.00 -27.14
CA LEU B 330 11.80 5.57 -27.01
C LEU B 330 10.45 5.31 -26.35
N VAL B 331 9.68 4.39 -26.92
CA VAL B 331 8.46 3.91 -26.30
C VAL B 331 8.47 2.40 -26.20
N GLY B 332 8.13 1.88 -25.02
CA GLY B 332 8.13 0.46 -24.78
C GLY B 332 7.00 0.03 -23.87
N GLY B 333 6.50 -1.18 -24.05
CA GLY B 333 5.44 -1.69 -23.21
C GLY B 333 4.48 -2.59 -23.96
N GLN B 334 3.39 -2.97 -23.30
CA GLN B 334 2.42 -3.87 -23.91
C GLN B 334 1.50 -3.10 -24.85
N LYS B 335 1.27 -3.66 -26.03
CA LYS B 335 0.33 -3.09 -26.98
C LYS B 335 -0.84 -4.04 -27.18
N GLU B 336 -2.04 -3.55 -26.90
CA GLU B 336 -3.25 -4.34 -27.00
C GLU B 336 -3.46 -4.87 -28.42
N GLY B 337 -3.89 -6.12 -28.52
CA GLY B 337 -4.26 -6.68 -29.81
C GLY B 337 -5.75 -6.98 -29.82
N ALA B 338 -6.11 -8.08 -29.15
CA ALA B 338 -7.51 -8.45 -28.95
C ALA B 338 -7.58 -9.52 -27.86
N ARG B 339 -8.76 -10.09 -27.63
CA ARG B 339 -8.87 -11.19 -26.70
C ARG B 339 -8.21 -12.44 -27.26
N GLY B 340 -7.02 -12.73 -26.73
CA GLY B 340 -6.26 -13.89 -27.15
C GLY B 340 -4.84 -13.57 -27.52
N PHE B 341 -4.57 -12.30 -27.84
CA PHE B 341 -3.22 -11.90 -28.20
C PHE B 341 -2.94 -10.42 -27.96
N MET B 342 -1.72 -10.15 -27.52
CA MET B 342 -1.23 -8.78 -27.38
C MET B 342 0.13 -8.65 -28.06
N PHE B 343 0.75 -7.49 -27.88
CA PHE B 343 2.09 -7.26 -28.40
C PHE B 343 2.95 -6.59 -27.34
N PHE B 344 4.24 -6.86 -27.37
CA PHE B 344 5.19 -6.06 -26.61
C PHE B 344 6.13 -5.42 -27.60
N ILE B 345 6.23 -4.10 -27.56
CA ILE B 345 7.01 -3.36 -28.54
C ILE B 345 8.07 -2.47 -27.90
N ILE B 346 9.14 -2.23 -28.66
CA ILE B 346 10.14 -1.24 -28.30
C ILE B 346 10.42 -0.38 -29.54
N ASN B 347 9.86 0.82 -29.57
CA ASN B 347 10.00 1.68 -30.73
C ASN B 347 10.85 2.91 -30.45
N VAL B 348 11.81 3.16 -31.33
CA VAL B 348 12.67 4.33 -31.23
C VAL B 348 12.68 5.08 -32.56
N ASP B 349 12.94 6.38 -32.51
CA ASP B 349 13.23 7.13 -33.73
C ASP B 349 14.73 6.99 -33.99
N LEU B 350 15.13 7.23 -35.23
CA LEU B 350 16.53 7.05 -35.59
C LEU B 350 17.17 8.36 -36.03
N THR B 351 18.41 8.56 -35.61
CA THR B 351 19.23 9.63 -36.15
C THR B 351 19.81 9.19 -37.49
N GLU B 352 20.63 10.03 -38.09
CA GLU B 352 21.23 9.71 -39.39
C GLU B 352 22.18 8.53 -39.26
N GLU B 353 22.87 8.47 -38.13
CA GLU B 353 23.83 7.40 -37.87
C GLU B 353 23.24 6.30 -36.99
N GLY B 354 22.01 6.53 -36.51
CA GLY B 354 21.27 5.48 -35.83
C GLY B 354 20.71 4.51 -36.85
N LEU B 355 20.52 5.01 -38.06
CA LEU B 355 20.00 4.21 -39.16
C LEU B 355 21.07 3.22 -39.63
N LEU B 356 22.33 3.56 -39.41
CA LEU B 356 23.43 2.74 -39.86
C LEU B 356 23.88 1.76 -38.78
N HIS B 357 23.31 1.90 -37.59
CA HIS B 357 23.65 1.04 -36.48
C HIS B 357 22.42 0.34 -35.92
N VAL B 358 21.47 0.02 -36.80
CA VAL B 358 20.23 -0.64 -36.38
C VAL B 358 20.52 -2.01 -35.75
N GLU B 359 21.43 -2.75 -36.38
CA GLU B 359 21.83 -4.05 -35.84
C GLU B 359 22.40 -3.90 -34.43
N ASP B 360 23.17 -2.84 -34.23
CA ASP B 360 23.79 -2.57 -32.94
C ASP B 360 22.79 -2.07 -31.90
N ILE B 361 21.83 -1.27 -32.34
CA ILE B 361 20.80 -0.74 -31.46
C ILE B 361 19.98 -1.87 -30.84
N ILE B 362 19.51 -2.78 -31.68
CA ILE B 362 18.71 -3.92 -31.22
C ILE B 362 19.49 -4.79 -30.24
N LEU B 363 20.79 -4.90 -30.46
CA LEU B 363 21.65 -5.63 -29.53
C LEU B 363 21.61 -5.00 -28.15
N HIS B 364 21.67 -3.67 -28.11
CA HIS B 364 21.62 -2.92 -26.87
C HIS B 364 20.28 -3.13 -26.16
N MET B 365 19.23 -3.35 -26.95
CA MET B 365 17.91 -3.61 -26.39
C MET B 365 17.95 -4.93 -25.63
N PHE B 366 18.51 -5.96 -26.25
CA PHE B 366 18.59 -7.28 -25.62
C PHE B 366 19.59 -7.29 -24.47
N GLN B 367 20.54 -6.37 -24.49
CA GLN B 367 21.47 -6.23 -23.39
C GLN B 367 20.74 -5.71 -22.16
N TYR B 368 19.80 -4.80 -22.37
CA TYR B 368 19.00 -4.25 -21.28
C TYR B 368 17.96 -5.26 -20.79
N ILE B 369 17.39 -6.00 -21.71
CA ILE B 369 16.39 -7.02 -21.38
C ILE B 369 16.99 -8.10 -20.51
N GLN B 370 18.17 -8.57 -20.89
CA GLN B 370 18.86 -9.61 -20.16
C GLN B 370 19.27 -9.08 -18.79
N LYS B 371 19.63 -7.80 -18.75
CA LYS B 371 19.99 -7.16 -17.50
C LYS B 371 18.84 -7.27 -16.51
N LEU B 372 17.61 -7.17 -17.01
CA LEU B 372 16.43 -7.32 -16.17
C LEU B 372 16.28 -8.74 -15.66
N ARG B 373 16.55 -9.71 -16.53
CA ARG B 373 16.47 -11.12 -16.16
C ARG B 373 17.66 -11.53 -15.28
N ALA B 374 18.76 -10.78 -15.38
CA ALA B 374 19.95 -11.07 -14.60
C ALA B 374 19.83 -10.64 -13.13
N GLU B 375 19.04 -9.61 -12.89
CA GLU B 375 18.84 -9.13 -11.53
C GLU B 375 17.45 -9.53 -11.05
N GLY B 376 16.71 -10.19 -11.92
CA GLY B 376 15.41 -10.72 -11.56
C GLY B 376 14.41 -9.63 -11.24
N PRO B 377 13.16 -10.03 -10.99
CA PRO B 377 12.06 -9.10 -10.68
C PRO B 377 12.32 -8.29 -9.40
N GLN B 378 12.11 -6.98 -9.47
CA GLN B 378 12.34 -6.09 -8.34
C GLN B 378 11.04 -5.62 -7.70
N GLU B 379 10.79 -6.06 -6.48
CA GLU B 379 9.53 -5.77 -5.80
C GLU B 379 9.36 -4.30 -5.44
N TRP B 380 10.44 -3.65 -5.03
CA TRP B 380 10.35 -2.24 -4.62
C TRP B 380 9.90 -1.37 -5.77
N VAL B 381 10.28 -1.75 -6.98
CA VAL B 381 9.84 -1.03 -8.17
C VAL B 381 8.33 -1.14 -8.31
N PHE B 382 7.82 -2.36 -8.23
CA PHE B 382 6.38 -2.61 -8.28
C PHE B 382 5.67 -1.84 -7.18
N GLN B 383 6.26 -1.85 -5.99
CA GLN B 383 5.69 -1.14 -4.85
C GLN B 383 5.69 0.36 -5.08
N GLU B 384 6.76 0.87 -5.69
CA GLU B 384 6.85 2.28 -5.99
C GLU B 384 5.73 2.63 -6.97
N LEU B 385 5.55 1.78 -7.98
CA LEU B 385 4.50 1.96 -8.98
C LEU B 385 3.10 1.81 -8.38
N LYS B 386 2.98 0.96 -7.37
CA LYS B 386 1.69 0.71 -6.76
C LYS B 386 1.24 1.90 -5.89
N ASP B 387 2.12 2.37 -5.03
CA ASP B 387 1.79 3.51 -4.17
C ASP B 387 1.59 4.77 -4.98
N LEU B 388 2.33 4.87 -6.08
CA LEU B 388 2.21 6.02 -6.98
C LEU B 388 0.86 6.04 -7.68
N ASN B 389 0.41 4.86 -8.11
CA ASN B 389 -0.91 4.74 -8.73
C ASN B 389 -2.03 5.00 -7.72
N ALA B 390 -1.75 4.69 -6.45
CA ALA B 390 -2.71 4.91 -5.38
C ALA B 390 -2.97 6.41 -5.17
N VAL B 391 -1.90 7.19 -5.11
CA VAL B 391 -2.01 8.63 -4.92
C VAL B 391 -2.71 9.26 -6.11
N ALA B 392 -2.32 8.83 -7.31
CA ALA B 392 -2.89 9.33 -8.55
C ALA B 392 -4.39 9.13 -8.59
N PHE B 393 -4.85 8.02 -8.01
CA PHE B 393 -6.27 7.70 -8.01
C PHE B 393 -7.02 8.54 -6.99
N ARG B 394 -6.40 8.79 -5.84
CA ARG B 394 -7.05 9.56 -4.78
C ARG B 394 -7.31 11.02 -5.17
N PHE B 395 -6.27 11.71 -5.61
CA PHE B 395 -6.38 13.12 -5.94
C PHE B 395 -6.59 13.28 -7.43
N LYS B 396 -7.22 12.28 -8.03
CA LYS B 396 -7.51 12.26 -9.45
C LYS B 396 -8.41 13.43 -9.85
N ASP B 397 -7.99 14.18 -10.86
CA ASP B 397 -8.84 15.25 -11.35
C ASP B 397 -10.12 14.60 -11.86
N LYS B 398 -11.24 15.27 -11.59
CA LYS B 398 -12.56 14.78 -11.93
C LYS B 398 -12.79 14.78 -13.45
N GLU B 399 -13.51 13.78 -13.98
CA GLU B 399 -13.59 13.54 -15.43
C GLU B 399 -14.76 14.27 -16.11
N ARG B 400 -14.63 14.71 -17.37
CA ARG B 400 -15.81 15.29 -18.05
C ARG B 400 -16.78 14.19 -18.44
N PRO B 401 -18.10 14.44 -18.25
CA PRO B 401 -19.16 13.44 -18.44
C PRO B 401 -19.09 12.67 -19.77
N ARG B 402 -18.89 13.38 -20.87
CA ARG B 402 -18.90 12.77 -22.20
C ARG B 402 -17.81 11.70 -22.33
N GLY B 403 -16.58 12.07 -22.00
CA GLY B 403 -15.47 11.14 -22.08
C GLY B 403 -15.47 10.11 -20.97
N TYR B 404 -16.04 10.49 -19.82
CA TYR B 404 -16.09 9.60 -18.66
C TYR B 404 -16.99 8.40 -18.93
N THR B 405 -18.22 8.68 -19.38
CA THR B 405 -19.18 7.61 -19.65
C THR B 405 -18.68 6.70 -20.76
N SER B 406 -18.06 7.29 -21.77
CA SER B 406 -17.52 6.53 -22.89
C SER B 406 -16.42 5.57 -22.44
N LYS B 407 -15.56 6.04 -21.55
CA LYS B 407 -14.42 5.24 -21.12
C LYS B 407 -14.87 4.11 -20.19
N ILE B 408 -15.76 4.41 -19.27
CA ILE B 408 -16.29 3.40 -18.34
C ILE B 408 -17.07 2.32 -19.07
N ALA B 409 -17.91 2.72 -20.02
CA ALA B 409 -18.75 1.80 -20.77
C ALA B 409 -17.93 0.77 -21.51
N GLY B 410 -16.70 1.12 -21.86
CA GLY B 410 -15.82 0.22 -22.57
C GLY B 410 -15.16 -0.81 -21.66
N ILE B 411 -14.88 -0.39 -20.42
CA ILE B 411 -14.16 -1.25 -19.49
C ILE B 411 -15.11 -2.00 -18.56
N LEU B 412 -16.41 -1.86 -18.81
CA LEU B 412 -17.43 -2.59 -18.05
C LEU B 412 -17.48 -4.04 -18.49
N HIS B 413 -16.81 -4.35 -19.60
CA HIS B 413 -16.77 -5.69 -20.14
C HIS B 413 -15.62 -6.49 -19.56
N TYR B 414 -14.68 -5.79 -18.93
CA TYR B 414 -13.43 -6.41 -18.48
C TYR B 414 -13.33 -6.56 -16.98
N TYR B 415 -14.14 -5.80 -16.24
CA TYR B 415 -14.07 -5.79 -14.77
C TYR B 415 -15.44 -5.87 -14.13
N PRO B 416 -15.51 -6.44 -12.91
CA PRO B 416 -16.74 -6.49 -12.12
C PRO B 416 -17.34 -5.11 -11.90
N LEU B 417 -18.65 -5.06 -11.65
CA LEU B 417 -19.39 -3.81 -11.52
C LEU B 417 -18.75 -2.90 -10.46
N GLU B 418 -18.26 -3.52 -9.38
CA GLU B 418 -17.74 -2.79 -8.24
C GLU B 418 -16.31 -2.30 -8.45
N GLU B 419 -15.61 -2.91 -9.39
CA GLU B 419 -14.19 -2.66 -9.58
C GLU B 419 -13.86 -1.71 -10.73
N VAL B 420 -14.88 -1.33 -11.49
CA VAL B 420 -14.70 -0.57 -12.74
C VAL B 420 -13.94 0.76 -12.59
N LEU B 421 -14.05 1.39 -11.44
CA LEU B 421 -13.42 2.70 -11.24
C LEU B 421 -11.96 2.58 -10.80
N THR B 422 -11.60 1.46 -10.20
CA THR B 422 -10.27 1.31 -9.62
C THR B 422 -9.37 0.40 -10.44
N ALA B 423 -9.99 -0.45 -11.26
CA ALA B 423 -9.29 -1.49 -11.99
C ALA B 423 -8.19 -0.93 -12.88
N GLU B 424 -8.51 0.14 -13.61
CA GLU B 424 -7.57 0.70 -14.56
C GLU B 424 -6.45 1.50 -13.88
N TYR B 425 -6.55 1.65 -12.57
CA TYR B 425 -5.57 2.42 -11.83
C TYR B 425 -4.69 1.55 -10.94
N LEU B 426 -5.32 0.83 -10.04
CA LEU B 426 -4.61 0.16 -8.95
C LEU B 426 -4.02 -1.21 -9.28
N LEU B 427 -2.80 -1.43 -8.80
CA LEU B 427 -2.14 -2.72 -8.81
C LEU B 427 -2.20 -3.22 -7.37
N GLU B 428 -2.20 -4.53 -7.14
CA GLU B 428 -2.31 -4.97 -5.75
C GLU B 428 -1.17 -5.87 -5.27
N GLU B 429 -0.75 -6.86 -6.05
CA GLU B 429 0.42 -7.63 -5.62
C GLU B 429 1.41 -7.95 -6.74
N PHE B 430 2.67 -7.99 -6.35
CA PHE B 430 3.80 -8.33 -7.20
C PHE B 430 3.89 -9.82 -7.48
N ARG B 431 3.83 -10.17 -8.76
CA ARG B 431 3.91 -11.55 -9.20
C ARG B 431 5.10 -11.73 -10.12
N PRO B 432 6.27 -11.98 -9.52
CA PRO B 432 7.57 -12.11 -10.21
C PRO B 432 7.60 -13.20 -11.27
N ASP B 433 6.77 -14.22 -11.13
CA ASP B 433 6.70 -15.30 -12.12
C ASP B 433 6.12 -14.79 -13.44
N LEU B 434 5.06 -14.00 -13.35
CA LEU B 434 4.42 -13.42 -14.51
C LEU B 434 5.34 -12.42 -15.20
N ILE B 435 6.14 -11.72 -14.39
CA ILE B 435 7.11 -10.77 -14.89
C ILE B 435 8.06 -11.44 -15.87
N GLU B 436 8.59 -12.60 -15.48
CA GLU B 436 9.56 -13.28 -16.30
C GLU B 436 8.87 -14.15 -17.36
N MET B 437 7.57 -14.36 -17.20
CA MET B 437 6.81 -15.11 -18.19
C MET B 437 6.68 -14.30 -19.47
N VAL B 438 6.42 -13.01 -19.32
CA VAL B 438 6.43 -12.09 -20.45
C VAL B 438 7.85 -11.83 -20.91
N LEU B 439 8.75 -11.69 -19.94
CA LEU B 439 10.13 -11.38 -20.22
C LEU B 439 10.81 -12.48 -21.00
N ASP B 440 10.34 -13.72 -20.83
CA ASP B 440 10.96 -14.86 -21.50
C ASP B 440 10.52 -14.94 -22.97
N LYS B 441 9.54 -14.14 -23.33
CA LYS B 441 9.04 -14.10 -24.70
C LYS B 441 9.57 -12.87 -25.45
N LEU B 442 10.59 -12.24 -24.87
CA LEU B 442 11.21 -11.09 -25.49
C LEU B 442 12.57 -11.47 -26.09
N ARG B 443 12.69 -12.71 -26.51
CA ARG B 443 13.94 -13.23 -27.06
C ARG B 443 14.03 -12.98 -28.57
N PRO B 444 15.28 -12.93 -29.10
CA PRO B 444 15.53 -12.66 -30.52
C PRO B 444 14.85 -13.65 -31.48
N GLU B 445 14.59 -14.86 -30.99
CA GLU B 445 13.96 -15.89 -31.83
C GLU B 445 12.50 -15.56 -32.04
N ASN B 446 11.99 -14.61 -31.27
CA ASN B 446 10.60 -14.20 -31.33
C ASN B 446 10.47 -12.72 -31.68
N VAL B 447 11.39 -12.23 -32.49
CA VAL B 447 11.43 -10.80 -32.82
C VAL B 447 10.84 -10.47 -34.20
N ARG B 448 10.31 -9.26 -34.32
CA ARG B 448 9.89 -8.69 -35.59
C ARG B 448 10.45 -7.28 -35.70
N VAL B 449 11.24 -7.02 -36.74
CA VAL B 449 11.91 -5.74 -36.87
C VAL B 449 11.43 -4.95 -38.08
N ALA B 450 11.14 -3.68 -37.87
CA ALA B 450 10.69 -2.81 -38.96
C ALA B 450 11.46 -1.49 -38.97
N ILE B 451 12.03 -1.19 -40.13
CA ILE B 451 12.79 0.05 -40.31
C ILE B 451 12.07 0.95 -41.31
N VAL B 452 11.83 2.19 -40.90
CA VAL B 452 11.13 3.14 -41.76
C VAL B 452 12.05 4.29 -42.16
N SER B 453 12.37 4.38 -43.44
CA SER B 453 13.26 5.42 -43.92
C SER B 453 13.06 5.73 -45.40
N LYS B 454 13.34 6.99 -45.77
CA LYS B 454 13.26 7.42 -47.16
C LYS B 454 14.36 6.78 -47.99
N SER B 455 15.38 6.25 -47.32
CA SER B 455 16.53 5.66 -47.99
C SER B 455 16.17 4.37 -48.72
N PHE B 456 15.01 3.82 -48.42
CA PHE B 456 14.56 2.58 -49.03
C PHE B 456 13.77 2.80 -50.31
N GLU B 457 13.62 4.06 -50.71
CA GLU B 457 12.87 4.39 -51.91
C GLU B 457 13.57 3.87 -53.15
N GLY B 458 12.87 3.06 -53.94
CA GLY B 458 13.43 2.46 -55.13
C GLY B 458 13.92 1.05 -54.87
N LYS B 459 14.33 0.79 -53.63
CA LYS B 459 14.84 -0.52 -53.24
C LYS B 459 13.71 -1.41 -52.72
N THR B 460 12.48 -0.93 -52.86
CA THR B 460 11.34 -1.69 -52.34
C THR B 460 10.84 -2.71 -53.35
N ASP B 461 10.22 -3.75 -52.81
CA ASP B 461 9.73 -4.86 -53.59
C ASP B 461 8.21 -4.92 -53.52
N ARG B 462 7.68 -4.81 -52.30
CA ARG B 462 6.25 -5.02 -52.11
C ARG B 462 5.47 -3.75 -51.83
N THR B 463 4.15 -3.89 -51.86
CA THR B 463 3.22 -2.78 -51.72
C THR B 463 1.98 -3.24 -50.94
N GLU B 464 1.61 -2.55 -49.87
CA GLU B 464 0.38 -2.89 -49.16
C GLU B 464 -0.80 -2.47 -50.03
N GLU B 465 -1.83 -3.31 -50.11
CA GLU B 465 -2.90 -3.06 -51.08
C GLU B 465 -3.75 -1.82 -50.79
N TRP B 466 -4.14 -1.63 -49.54
CA TRP B 466 -5.13 -0.62 -49.20
C TRP B 466 -4.56 0.80 -49.13
N TYR B 467 -3.31 0.91 -48.68
CA TYR B 467 -2.70 2.23 -48.51
C TYR B 467 -1.64 2.50 -49.57
N GLY B 468 -1.14 1.44 -50.19
CA GLY B 468 -0.12 1.55 -51.22
C GLY B 468 1.27 1.75 -50.66
N THR B 469 1.50 1.21 -49.46
CA THR B 469 2.76 1.39 -48.76
C THR B 469 3.89 0.58 -49.40
N GLN B 470 4.94 1.27 -49.83
CA GLN B 470 6.11 0.61 -50.41
C GLN B 470 6.99 -0.01 -49.34
N TYR B 471 7.21 -1.32 -49.41
CA TYR B 471 8.07 -1.98 -48.44
C TYR B 471 8.75 -3.23 -49.00
N LYS B 472 9.52 -3.89 -48.15
CA LYS B 472 10.32 -5.04 -48.55
C LYS B 472 10.50 -5.99 -47.37
N GLN B 473 10.37 -7.28 -47.64
CA GLN B 473 10.42 -8.28 -46.57
C GLN B 473 11.62 -9.21 -46.66
N GLU B 474 12.43 -9.19 -45.60
CA GLU B 474 13.57 -10.09 -45.49
C GLU B 474 13.49 -10.92 -44.23
N ALA B 475 14.03 -12.13 -44.28
CA ALA B 475 14.22 -12.92 -43.07
C ALA B 475 15.53 -12.49 -42.44
N ILE B 476 15.48 -12.09 -41.18
CA ILE B 476 16.67 -11.62 -40.49
C ILE B 476 17.77 -12.68 -40.50
N PRO B 477 18.95 -12.32 -41.05
CA PRO B 477 20.09 -13.23 -41.19
C PRO B 477 20.34 -13.94 -39.87
N ASP B 478 20.49 -15.26 -39.96
CA ASP B 478 20.52 -16.12 -38.80
C ASP B 478 21.77 -15.95 -37.93
N GLU B 479 22.87 -15.50 -38.52
CA GLU B 479 24.05 -15.13 -37.75
C GLU B 479 23.74 -13.97 -36.79
N VAL B 480 23.02 -12.98 -37.30
CA VAL B 480 22.68 -11.79 -36.50
C VAL B 480 21.77 -12.16 -35.33
N ILE B 481 20.74 -12.94 -35.63
CA ILE B 481 19.79 -13.38 -34.61
C ILE B 481 20.45 -14.13 -33.45
N LYS B 482 21.34 -15.05 -33.78
CA LYS B 482 22.01 -15.86 -32.77
C LYS B 482 22.92 -15.05 -31.88
N LYS B 483 23.47 -13.97 -32.42
CA LYS B 483 24.37 -13.12 -31.65
C LYS B 483 23.59 -12.16 -30.75
N TRP B 484 22.35 -11.88 -31.13
CA TRP B 484 21.45 -11.12 -30.26
C TRP B 484 21.14 -11.99 -29.06
N GLN B 485 20.96 -13.28 -29.32
CA GLN B 485 20.73 -14.26 -28.26
C GLN B 485 21.91 -14.28 -27.30
N ASN B 486 23.12 -14.14 -27.84
CA ASN B 486 24.33 -14.09 -27.03
C ASN B 486 24.65 -12.66 -26.62
N ALA B 487 23.78 -12.05 -25.82
CA ALA B 487 23.98 -10.65 -25.43
C ALA B 487 24.61 -10.74 -24.05
N ASP B 488 25.73 -10.03 -23.94
CA ASP B 488 26.43 -9.74 -22.70
C ASP B 488 25.62 -8.85 -21.73
N LEU B 489 26.10 -8.71 -20.49
CA LEU B 489 25.84 -7.50 -19.72
C LEU B 489 26.99 -6.55 -20.00
N ASN B 490 26.70 -5.36 -20.51
CA ASN B 490 27.77 -4.40 -20.78
C ASN B 490 28.15 -3.65 -19.50
N GLY B 491 27.17 -3.43 -18.62
CA GLY B 491 27.43 -2.83 -17.33
C GLY B 491 27.08 -1.37 -17.17
N LYS B 492 26.68 -0.71 -18.26
CA LYS B 492 26.27 0.70 -18.18
C LYS B 492 24.77 0.87 -18.17
N PHE B 493 24.05 -0.23 -17.99
CA PHE B 493 22.61 -0.20 -17.87
C PHE B 493 22.26 -0.46 -16.43
N LYS B 494 21.96 0.61 -15.71
CA LYS B 494 21.55 0.47 -14.32
C LYS B 494 20.07 0.72 -14.23
N LEU B 495 19.40 -0.09 -13.42
CA LEU B 495 17.98 0.07 -13.23
C LEU B 495 17.74 1.39 -12.50
N PRO B 496 16.65 2.10 -12.84
CA PRO B 496 16.35 3.41 -12.22
C PRO B 496 16.38 3.37 -10.70
N THR B 497 16.95 4.41 -10.08
CA THR B 497 17.02 4.48 -8.64
C THR B 497 15.67 4.84 -8.05
N LYS B 498 15.63 5.01 -6.73
CA LYS B 498 14.40 5.40 -6.05
C LYS B 498 13.92 6.76 -6.55
N ASN B 499 12.63 6.86 -6.86
CA ASN B 499 12.06 8.11 -7.31
C ASN B 499 11.88 9.08 -6.14
N GLU B 500 12.57 10.20 -6.21
CA GLU B 500 12.59 11.15 -5.09
C GLU B 500 11.72 12.37 -5.36
N PHE B 501 10.94 12.32 -6.43
CA PHE B 501 9.99 13.37 -6.75
C PHE B 501 8.60 13.00 -6.25
N ILE B 502 8.50 11.86 -5.60
CA ILE B 502 7.23 11.40 -5.03
C ILE B 502 6.74 12.38 -3.98
N PRO B 503 5.56 12.95 -4.20
CA PRO B 503 5.00 13.92 -3.25
C PRO B 503 4.70 13.29 -1.89
N THR B 504 4.92 14.03 -0.82
CA THR B 504 4.66 13.53 0.52
C THR B 504 3.75 14.47 1.29
N ASN B 505 3.76 15.74 0.91
CA ASN B 505 2.90 16.74 1.53
C ASN B 505 1.65 16.99 0.70
N PHE B 506 0.50 16.53 1.19
CA PHE B 506 -0.76 16.68 0.48
C PHE B 506 -1.70 17.59 1.24
N GLU B 507 -1.14 18.34 2.19
CA GLU B 507 -1.92 19.25 3.02
C GLU B 507 -2.53 20.36 2.18
N ILE B 508 -3.85 20.32 2.03
CA ILE B 508 -4.55 21.40 1.33
C ILE B 508 -4.62 22.63 2.22
N LEU B 509 -3.88 23.67 1.84
CA LEU B 509 -3.80 24.90 2.62
C LEU B 509 -5.16 25.58 2.74
N PRO B 510 -5.49 26.07 3.95
CA PRO B 510 -6.75 26.75 4.24
C PRO B 510 -6.90 28.05 3.44
N LEU B 511 -8.13 28.41 3.11
CA LEU B 511 -8.40 29.63 2.35
C LEU B 511 -8.01 30.87 3.13
N GLU B 512 -7.21 31.72 2.52
CA GLU B 512 -6.75 32.96 3.15
C GLU B 512 -7.92 33.92 3.36
N LYS B 513 -7.77 34.84 4.30
CA LYS B 513 -8.83 35.79 4.61
C LYS B 513 -9.09 36.72 3.44
N GLU B 514 -8.03 37.05 2.71
CA GLU B 514 -8.14 37.96 1.57
C GLU B 514 -8.14 37.19 0.25
N ALA B 515 -8.70 35.99 0.26
CA ALA B 515 -8.77 35.17 -0.93
C ALA B 515 -9.76 35.75 -1.94
N THR B 516 -9.47 35.56 -3.23
CA THR B 516 -10.29 36.13 -4.30
C THR B 516 -10.87 35.05 -5.20
N PRO B 517 -12.10 35.28 -5.69
CA PRO B 517 -12.76 34.34 -6.61
C PRO B 517 -12.15 34.37 -8.01
N TYR B 518 -11.58 35.51 -8.38
CA TYR B 518 -10.90 35.64 -9.66
C TYR B 518 -9.44 35.99 -9.40
N PRO B 519 -8.55 35.66 -10.37
CA PRO B 519 -7.13 35.96 -10.19
C PRO B 519 -6.87 37.43 -9.90
N ALA B 520 -6.15 37.71 -8.82
CA ALA B 520 -5.83 39.07 -8.45
C ALA B 520 -4.39 39.39 -8.82
N LEU B 521 -4.17 40.59 -9.35
CA LEU B 521 -2.83 41.05 -9.65
C LEU B 521 -2.13 41.45 -8.35
N ILE B 522 -1.15 40.67 -7.93
CA ILE B 522 -0.52 40.90 -6.64
C ILE B 522 0.91 41.41 -6.77
N LYS B 523 1.38 41.59 -8.00
CA LYS B 523 2.70 42.18 -8.24
C LYS B 523 2.78 42.79 -9.63
N ASP B 524 3.10 44.08 -9.69
CA ASP B 524 3.18 44.79 -10.96
C ASP B 524 4.43 45.65 -11.05
N THR B 525 5.57 45.01 -11.31
CA THR B 525 6.82 45.73 -11.51
C THR B 525 7.11 45.81 -13.01
N ALA B 526 8.19 46.48 -13.38
CA ALA B 526 8.56 46.60 -14.79
C ALA B 526 9.04 45.26 -15.32
N MET B 527 9.51 44.40 -14.42
CA MET B 527 10.05 43.11 -14.82
C MET B 527 8.98 42.02 -14.87
N SER B 528 8.02 42.07 -13.95
CA SER B 528 7.03 40.98 -13.88
C SER B 528 5.64 41.42 -13.43
N LYS B 529 4.63 40.71 -13.93
CA LYS B 529 3.24 40.91 -13.51
C LYS B 529 2.66 39.59 -13.00
N LEU B 530 2.38 39.54 -11.70
CA LEU B 530 1.97 38.29 -11.07
C LEU B 530 0.47 38.22 -10.78
N TRP B 531 -0.21 37.30 -11.45
CA TRP B 531 -1.61 37.02 -11.19
C TRP B 531 -1.74 35.81 -10.28
N PHE B 532 -2.59 35.92 -9.27
CA PHE B 532 -2.71 34.86 -8.29
C PHE B 532 -4.15 34.57 -7.88
N LYS B 533 -4.47 33.30 -7.76
CA LYS B 533 -5.71 32.87 -7.14
C LYS B 533 -5.51 31.55 -6.41
N GLN B 534 -5.82 31.54 -5.12
CA GLN B 534 -5.85 30.31 -4.34
C GLN B 534 -7.09 29.52 -4.72
N ASP B 535 -6.92 28.22 -4.96
CA ASP B 535 -8.02 27.36 -5.38
C ASP B 535 -9.14 27.33 -4.35
N ASP B 536 -10.37 27.57 -4.81
CA ASP B 536 -11.52 27.65 -3.92
C ASP B 536 -12.62 26.68 -4.32
N LYS B 537 -12.31 25.76 -5.24
CA LYS B 537 -13.35 24.88 -5.77
C LYS B 537 -12.98 23.40 -5.72
N PHE B 538 -11.74 23.07 -6.06
CA PHE B 538 -11.36 21.67 -6.25
C PHE B 538 -10.69 21.06 -5.04
N PHE B 539 -9.83 21.83 -4.39
CA PHE B 539 -9.17 21.42 -3.15
C PHE B 539 -8.40 20.11 -3.29
N LEU B 540 -7.51 20.08 -4.28
CA LEU B 540 -6.55 19.00 -4.44
C LEU B 540 -5.19 19.54 -4.03
N PRO B 541 -4.18 18.67 -3.93
CA PRO B 541 -2.83 19.14 -3.56
C PRO B 541 -2.08 19.67 -4.78
N LYS B 542 -2.77 19.73 -5.91
CA LYS B 542 -2.20 20.27 -7.14
C LYS B 542 -2.14 21.79 -7.28
N ALA B 543 -1.30 22.25 -8.21
CA ALA B 543 -1.18 23.68 -8.51
C ALA B 543 -0.61 23.87 -9.91
N ASN B 544 -1.07 24.90 -10.61
CA ASN B 544 -0.58 25.20 -11.95
C ASN B 544 0.18 26.52 -11.99
N LEU B 545 1.43 26.46 -12.44
CA LEU B 545 2.28 27.65 -12.51
C LEU B 545 2.58 28.02 -13.96
N ASN B 546 1.87 29.03 -14.47
CA ASN B 546 2.07 29.46 -15.85
C ASN B 546 2.91 30.74 -15.93
N PHE B 547 3.93 30.71 -16.79
CA PHE B 547 4.79 31.86 -17.00
C PHE B 547 4.95 32.15 -18.49
N GLU B 548 4.88 33.42 -18.85
CA GLU B 548 5.24 33.81 -20.21
C GLU B 548 6.33 34.88 -20.20
N PHE B 549 7.49 34.54 -20.75
CA PHE B 549 8.61 35.47 -20.84
C PHE B 549 8.57 36.22 -22.16
N PHE B 550 8.55 37.55 -22.09
CA PHE B 550 8.48 38.36 -23.31
C PHE B 550 9.84 38.90 -23.71
N SER B 551 10.18 38.76 -24.99
CA SER B 551 11.42 39.31 -25.51
C SER B 551 11.35 39.47 -27.03
N PRO B 552 11.78 40.63 -27.54
CA PRO B 552 11.73 40.93 -28.98
C PRO B 552 12.66 40.03 -29.81
N PHE B 553 13.71 39.52 -29.18
CA PHE B 553 14.69 38.68 -29.87
C PHE B 553 14.24 37.26 -30.10
N ALA B 554 13.02 36.94 -29.69
CA ALA B 554 12.48 35.61 -29.87
C ALA B 554 11.95 35.43 -31.30
N TYR B 555 11.43 36.51 -31.89
CA TYR B 555 10.80 36.42 -33.21
C TYR B 555 11.16 37.59 -34.13
N VAL B 556 12.33 38.19 -33.93
CA VAL B 556 12.72 39.36 -34.73
C VAL B 556 12.91 38.99 -36.19
N ASP B 557 13.45 37.81 -36.44
CA ASP B 557 13.66 37.34 -37.82
C ASP B 557 13.66 35.81 -37.82
N PRO B 558 13.51 35.18 -39.01
CA PRO B 558 13.51 33.73 -39.08
C PRO B 558 14.73 33.07 -38.41
N LEU B 559 15.88 33.72 -38.45
CA LEU B 559 17.08 33.16 -37.83
C LEU B 559 16.92 33.04 -36.32
N HIS B 560 16.48 34.12 -35.68
CA HIS B 560 16.31 34.14 -34.24
C HIS B 560 15.11 33.31 -33.83
N SER B 561 14.11 33.28 -34.71
CA SER B 561 12.93 32.45 -34.47
C SER B 561 13.29 30.97 -34.47
N ASN B 562 14.33 30.62 -35.21
CA ASN B 562 14.86 29.26 -35.22
C ASN B 562 15.63 28.92 -33.96
N MET B 563 16.51 29.83 -33.57
CA MET B 563 17.38 29.61 -32.43
C MET B 563 16.61 29.56 -31.12
N ALA B 564 15.53 30.33 -31.05
CA ALA B 564 14.68 30.32 -29.86
C ALA B 564 14.09 28.94 -29.66
N TYR B 565 13.66 28.34 -30.77
CA TYR B 565 13.11 26.99 -30.76
C TYR B 565 14.16 25.98 -30.34
N LEU B 566 15.31 26.02 -31.02
CA LEU B 566 16.41 25.10 -30.75
C LEU B 566 16.86 25.20 -29.31
N TYR B 567 16.91 26.43 -28.81
CA TYR B 567 17.35 26.69 -27.45
C TYR B 567 16.49 25.94 -26.43
N LEU B 568 15.18 26.05 -26.57
CA LEU B 568 14.27 25.46 -25.60
C LEU B 568 14.18 23.94 -25.73
N GLU B 569 14.39 23.39 -26.92
CA GLU B 569 14.31 21.95 -27.05
C GLU B 569 15.64 21.28 -26.74
N LEU B 570 16.73 22.03 -26.83
CA LEU B 570 18.00 21.54 -26.30
C LEU B 570 17.95 21.54 -24.79
N LEU B 571 17.28 22.55 -24.25
CA LEU B 571 17.12 22.70 -22.81
C LEU B 571 16.27 21.56 -22.26
N LYS B 572 15.14 21.31 -22.90
CA LYS B 572 14.25 20.22 -22.51
C LYS B 572 14.94 18.88 -22.62
N ASP B 573 15.79 18.76 -23.64
CA ASP B 573 16.50 17.53 -23.91
C ASP B 573 17.46 17.12 -22.80
N SER B 574 18.23 18.09 -22.31
CA SER B 574 19.18 17.84 -21.25
C SER B 574 18.48 17.64 -19.90
N LEU B 575 17.32 18.26 -19.75
CA LEU B 575 16.55 18.15 -18.51
C LEU B 575 15.73 16.89 -18.44
N ASN B 576 15.67 16.14 -19.53
CA ASN B 576 14.79 14.98 -19.65
C ASN B 576 15.03 13.90 -18.59
N GLU B 577 16.28 13.48 -18.44
CA GLU B 577 16.64 12.46 -17.46
C GLU B 577 16.20 12.88 -16.07
N TYR B 578 16.37 14.16 -15.78
CA TYR B 578 15.98 14.72 -14.49
C TYR B 578 14.45 14.80 -14.35
N ALA B 579 13.79 15.31 -15.38
CA ALA B 579 12.36 15.62 -15.31
C ALA B 579 11.47 14.40 -15.51
N TYR B 580 12.01 13.32 -16.06
CA TYR B 580 11.22 12.11 -16.30
C TYR B 580 10.74 11.53 -14.97
N ALA B 581 11.62 11.51 -13.99
CA ALA B 581 11.26 11.01 -12.67
C ALA B 581 10.13 11.86 -12.08
N ALA B 582 10.21 13.16 -12.31
CA ALA B 582 9.21 14.10 -11.83
C ALA B 582 7.90 13.87 -12.57
N GLU B 583 8.02 13.56 -13.86
CA GLU B 583 6.87 13.36 -14.73
C GLU B 583 6.06 12.16 -14.26
N LEU B 584 6.75 11.10 -13.84
CA LEU B 584 6.09 9.93 -13.28
C LEU B 584 5.44 10.22 -11.94
N ALA B 585 5.99 11.18 -11.20
CA ALA B 585 5.49 11.51 -9.87
C ALA B 585 4.42 12.60 -9.92
N GLY B 586 3.81 12.77 -11.09
CA GLY B 586 2.71 13.69 -11.24
C GLY B 586 3.12 15.14 -11.29
N LEU B 587 4.38 15.40 -11.61
CA LEU B 587 4.89 16.76 -11.70
C LEU B 587 5.52 16.98 -13.08
N SER B 588 4.75 17.59 -13.97
CA SER B 588 5.19 17.77 -15.35
C SER B 588 5.37 19.24 -15.68
N TYR B 589 6.16 19.51 -16.71
CA TYR B 589 6.35 20.87 -17.16
C TYR B 589 6.32 20.96 -18.67
N ASP B 590 5.80 22.08 -19.18
CA ASP B 590 5.78 22.33 -20.60
C ASP B 590 6.56 23.60 -20.91
N LEU B 591 7.47 23.50 -21.87
CA LEU B 591 8.30 24.64 -22.25
C LEU B 591 8.44 24.70 -23.77
N GLN B 592 7.93 25.79 -24.35
CA GLN B 592 7.97 25.95 -25.79
C GLN B 592 8.12 27.42 -26.15
N ASN B 593 8.63 27.69 -27.35
CA ASN B 593 8.81 29.07 -27.77
C ASN B 593 7.51 29.60 -28.36
N THR B 594 7.10 30.77 -27.88
CA THR B 594 5.91 31.43 -28.40
C THR B 594 6.32 32.57 -29.31
N ILE B 595 5.32 33.19 -29.93
CA ILE B 595 5.54 34.28 -30.86
C ILE B 595 6.11 35.54 -30.18
N TYR B 596 6.05 35.58 -28.85
CA TYR B 596 6.52 36.73 -28.08
C TYR B 596 7.74 36.42 -27.20
N GLY B 597 8.09 35.13 -27.11
CA GLY B 597 9.17 34.71 -26.25
C GLY B 597 9.06 33.25 -25.84
N MET B 598 9.27 32.99 -24.56
CA MET B 598 9.16 31.64 -24.03
C MET B 598 7.89 31.44 -23.23
N TYR B 599 7.43 30.20 -23.16
CA TYR B 599 6.28 29.85 -22.33
C TYR B 599 6.60 28.64 -21.46
N LEU B 600 6.51 28.82 -20.15
CA LEU B 600 6.77 27.75 -19.22
C LEU B 600 5.55 27.49 -18.36
N SER B 601 5.19 26.21 -18.23
CA SER B 601 4.04 25.83 -17.43
C SER B 601 4.36 24.60 -16.60
N VAL B 602 4.30 24.75 -15.29
CA VAL B 602 4.54 23.63 -14.37
C VAL B 602 3.24 23.23 -13.67
N LYS B 603 2.80 22.01 -13.91
CA LYS B 603 1.54 21.52 -13.36
C LYS B 603 1.73 20.27 -12.51
N GLY B 604 0.88 20.10 -11.50
CA GLY B 604 0.96 18.93 -10.64
C GLY B 604 0.93 19.26 -9.16
N TYR B 605 1.41 18.33 -8.34
CA TYR B 605 1.42 18.47 -6.88
C TYR B 605 2.32 19.62 -6.36
N ASN B 606 1.89 20.23 -5.27
CA ASN B 606 2.59 21.37 -4.67
C ASN B 606 3.97 21.03 -4.14
N ASP B 607 4.10 19.80 -3.63
CA ASP B 607 5.23 19.41 -2.80
C ASP B 607 6.65 19.58 -3.36
N LYS B 608 6.92 19.00 -4.53
CA LYS B 608 8.26 19.04 -5.08
C LYS B 608 8.27 20.06 -6.22
N GLN B 609 7.22 20.88 -6.28
CA GLN B 609 7.03 21.79 -7.40
C GLN B 609 8.06 22.93 -7.48
N PRO B 610 8.37 23.59 -6.35
CA PRO B 610 9.40 24.64 -6.48
C PRO B 610 10.78 24.10 -6.83
N ILE B 611 11.05 22.85 -6.45
CA ILE B 611 12.34 22.23 -6.75
C ILE B 611 12.56 22.13 -8.26
N LEU B 612 11.55 21.61 -8.95
CA LEU B 612 11.62 21.44 -10.40
C LEU B 612 11.75 22.78 -11.11
N LEU B 613 10.89 23.72 -10.75
CA LEU B 613 10.86 25.04 -11.37
C LEU B 613 12.21 25.75 -11.20
N LYS B 614 12.77 25.66 -10.00
CA LYS B 614 14.07 26.25 -9.73
C LYS B 614 15.16 25.60 -10.58
N LYS B 615 15.07 24.28 -10.73
CA LYS B 615 16.05 23.54 -11.51
C LYS B 615 15.96 23.91 -12.99
N ILE B 616 14.74 24.22 -13.43
CA ILE B 616 14.50 24.59 -14.83
C ILE B 616 15.12 25.95 -15.14
N ILE B 617 14.75 26.96 -14.37
CA ILE B 617 15.22 28.32 -14.58
C ILE B 617 16.74 28.42 -14.44
N GLU B 618 17.31 27.70 -13.48
CA GLU B 618 18.75 27.77 -13.24
C GLU B 618 19.53 27.12 -14.37
N LYS B 619 18.95 26.07 -14.97
CA LYS B 619 19.56 25.45 -16.12
C LYS B 619 19.32 26.31 -17.35
N MET B 620 18.17 26.99 -17.35
CA MET B 620 17.77 27.85 -18.44
C MET B 620 18.72 29.03 -18.60
N ALA B 621 19.30 29.48 -17.49
CA ALA B 621 20.17 30.65 -17.50
C ALA B 621 21.65 30.29 -17.47
N THR B 622 21.95 29.00 -17.30
CA THR B 622 23.34 28.55 -17.27
C THR B 622 23.54 27.34 -18.17
N PHE B 623 22.84 27.31 -19.29
CA PHE B 623 22.88 26.15 -20.17
C PHE B 623 24.21 26.01 -20.92
N GLU B 624 24.77 24.80 -20.88
CA GLU B 624 25.90 24.46 -21.73
C GLU B 624 25.46 23.43 -22.76
N ILE B 625 25.69 23.75 -24.03
CA ILE B 625 25.17 22.95 -25.13
C ILE B 625 26.16 21.88 -25.60
N ASP B 626 25.69 20.64 -25.69
CA ASP B 626 26.49 19.58 -26.29
C ASP B 626 26.37 19.70 -27.80
N GLU B 627 27.50 19.89 -28.48
CA GLU B 627 27.49 20.17 -29.91
C GLU B 627 26.94 19.01 -30.73
N LYS B 628 27.24 17.78 -30.30
CA LYS B 628 26.79 16.60 -31.06
C LYS B 628 25.33 16.33 -30.75
N ARG B 629 24.79 17.08 -29.82
CA ARG B 629 23.37 17.04 -29.50
C ARG B 629 22.67 18.17 -30.24
N PHE B 630 23.45 19.20 -30.59
CA PHE B 630 22.98 20.34 -31.36
C PHE B 630 22.70 19.98 -32.82
N GLU B 631 23.59 19.24 -33.45
CA GLU B 631 23.40 18.84 -34.85
C GLU B 631 22.17 17.96 -34.96
N ILE B 632 22.03 17.03 -34.02
CA ILE B 632 20.97 16.03 -34.07
C ILE B 632 19.59 16.66 -34.00
N ILE B 633 19.38 17.51 -33.01
CA ILE B 633 18.08 18.15 -32.84
C ILE B 633 17.78 19.10 -34.01
N LYS B 634 18.81 19.82 -34.44
CA LYS B 634 18.69 20.73 -35.57
C LYS B 634 18.32 19.99 -36.85
N GLU B 635 18.97 18.86 -37.08
CA GLU B 635 18.68 18.05 -38.27
C GLU B 635 17.23 17.55 -38.22
N ALA B 636 16.77 17.21 -37.02
CA ALA B 636 15.39 16.79 -36.82
C ALA B 636 14.44 17.95 -37.10
N TYR B 637 14.84 19.13 -36.68
CA TYR B 637 14.07 20.35 -36.91
C TYR B 637 14.01 20.66 -38.39
N MET B 638 15.10 20.38 -39.08
CA MET B 638 15.16 20.54 -40.53
C MET B 638 14.12 19.68 -41.22
N ARG B 639 14.02 18.42 -40.78
CA ARG B 639 13.03 17.49 -41.33
C ARG B 639 11.61 17.88 -40.94
N SER B 640 11.45 18.34 -39.70
CA SER B 640 10.13 18.72 -39.20
C SER B 640 9.51 19.82 -40.05
N LEU B 641 10.36 20.75 -40.50
CA LEU B 641 9.92 21.82 -41.38
C LEU B 641 9.56 21.27 -42.77
N ASN B 642 10.35 20.33 -43.28
CA ASN B 642 10.07 19.71 -44.58
C ASN B 642 8.88 18.77 -44.58
N ASN B 643 8.61 18.15 -43.44
CA ASN B 643 7.48 17.24 -43.34
C ASN B 643 6.12 17.91 -43.34
N PHE B 644 6.09 19.23 -43.24
CA PHE B 644 4.83 19.96 -43.25
C PHE B 644 4.16 19.87 -44.62
N ARG B 645 4.95 19.61 -45.65
CA ARG B 645 4.43 19.44 -47.01
C ARG B 645 3.43 18.30 -47.07
N ALA B 646 3.54 17.37 -46.13
CA ALA B 646 2.76 16.14 -46.13
C ALA B 646 1.59 16.22 -45.17
N GLU B 647 1.36 17.41 -44.61
CA GLU B 647 0.23 17.62 -43.71
C GLU B 647 -1.04 17.76 -44.54
N GLN B 648 -2.20 17.61 -43.89
CA GLN B 648 -3.46 17.60 -44.61
C GLN B 648 -3.85 18.98 -45.10
N PRO B 649 -4.57 19.05 -46.24
CA PRO B 649 -4.95 20.33 -46.87
C PRO B 649 -5.68 21.30 -45.95
N HIS B 650 -6.52 20.81 -45.06
CA HIS B 650 -7.31 21.68 -44.19
C HIS B 650 -6.47 22.30 -43.06
N HIS B 652 -3.04 22.93 -43.93
CA HIS B 652 -2.46 23.85 -44.92
C HIS B 652 -3.34 25.07 -45.14
N ALA B 653 -4.63 24.84 -45.34
CA ALA B 653 -5.58 25.92 -45.55
C ALA B 653 -5.60 26.86 -44.36
N MET B 654 -5.54 26.27 -43.17
CA MET B 654 -5.53 27.04 -41.93
C MET B 654 -4.19 27.75 -41.73
N TYR B 655 -3.11 27.08 -42.12
CA TYR B 655 -1.77 27.63 -41.96
C TYR B 655 -1.58 28.87 -42.81
N TYR B 656 -2.10 28.85 -44.03
CA TYR B 656 -1.96 29.97 -44.94
C TYR B 656 -2.75 31.18 -44.47
N LEU B 657 -3.94 30.94 -43.92
CA LEU B 657 -4.81 32.03 -43.48
C LEU B 657 -4.18 32.85 -42.37
N ARG B 658 -3.50 32.20 -41.43
CA ARG B 658 -2.86 32.90 -40.33
C ARG B 658 -1.70 33.76 -40.82
N LEU B 659 -0.99 33.27 -41.83
CA LEU B 659 0.10 34.03 -42.44
C LEU B 659 -0.44 35.29 -43.09
N LEU B 660 -1.61 35.17 -43.72
CA LEU B 660 -2.22 36.29 -44.42
C LEU B 660 -2.76 37.34 -43.45
N MET B 661 -3.32 36.89 -42.33
CA MET B 661 -4.07 37.75 -41.43
C MET B 661 -3.28 38.22 -40.21
N THR B 662 -2.01 37.86 -40.12
CA THR B 662 -1.19 38.30 -38.99
C THR B 662 -0.11 39.27 -39.47
N GLU B 663 0.13 40.30 -38.66
CA GLU B 663 1.09 41.35 -38.98
C GLU B 663 2.47 40.79 -39.30
N VAL B 664 3.01 40.01 -38.38
CA VAL B 664 4.32 39.39 -38.56
C VAL B 664 4.24 37.89 -38.35
N ALA B 665 4.63 37.13 -39.38
CA ALA B 665 4.62 35.68 -39.32
C ALA B 665 5.60 35.11 -40.33
N TRP B 666 6.57 34.34 -39.86
CA TRP B 666 7.55 33.72 -40.75
C TRP B 666 7.03 32.39 -41.29
N THR B 667 7.05 32.25 -42.61
CA THR B 667 6.65 30.99 -43.24
C THR B 667 7.66 29.91 -42.90
N LYS B 668 7.26 28.65 -43.01
CA LYS B 668 8.13 27.54 -42.65
C LYS B 668 9.34 27.41 -43.59
N ASP B 669 9.20 27.87 -44.83
CA ASP B 669 10.31 27.82 -45.78
C ASP B 669 11.30 28.96 -45.56
N GLU B 670 10.83 30.03 -44.92
CA GLU B 670 11.72 31.13 -44.55
C GLU B 670 12.51 30.75 -43.32
N LEU B 671 11.95 29.84 -42.51
CA LEU B 671 12.60 29.38 -41.31
C LEU B 671 13.67 28.35 -41.64
N LYS B 672 13.52 27.70 -42.79
CA LYS B 672 14.42 26.61 -43.15
C LYS B 672 15.66 27.09 -43.90
N GLU B 673 15.49 28.13 -44.71
CA GLU B 673 16.62 28.74 -45.40
C GLU B 673 17.48 29.41 -44.34
N ALA B 674 16.83 29.89 -43.28
CA ALA B 674 17.50 30.58 -42.19
C ALA B 674 18.08 29.59 -41.19
N LEU B 675 17.74 28.31 -41.34
CA LEU B 675 18.19 27.29 -40.40
C LEU B 675 19.61 26.83 -40.70
N ASP B 676 19.98 26.86 -41.97
CA ASP B 676 21.30 26.41 -42.39
C ASP B 676 22.37 27.38 -41.89
N ASP B 677 21.94 28.57 -41.53
CA ASP B 677 22.86 29.61 -41.08
C ASP B 677 22.98 29.62 -39.55
N VAL B 678 22.24 28.75 -38.89
CA VAL B 678 22.31 28.62 -37.43
C VAL B 678 23.49 27.76 -37.01
N THR B 679 24.64 28.40 -36.79
CA THR B 679 25.81 27.69 -36.31
C THR B 679 25.76 27.58 -34.79
N LEU B 680 26.56 26.68 -34.24
CA LEU B 680 26.63 26.53 -32.78
C LEU B 680 27.08 27.80 -32.05
N PRO B 681 28.15 28.48 -32.53
CA PRO B 681 28.54 29.69 -31.80
C PRO B 681 27.49 30.80 -31.80
N ARG B 682 26.64 30.90 -32.83
CA ARG B 682 25.63 31.95 -32.84
C ARG B 682 24.44 31.60 -31.96
N LEU B 683 24.20 30.32 -31.77
CA LEU B 683 23.18 29.88 -30.83
C LEU B 683 23.68 30.09 -29.42
N LYS B 684 24.97 29.81 -29.22
CA LYS B 684 25.59 29.93 -27.91
C LYS B 684 25.64 31.39 -27.48
N ALA B 685 25.61 32.29 -28.46
CA ALA B 685 25.63 33.73 -28.19
C ALA B 685 24.23 34.33 -28.16
N PHE B 686 23.28 33.59 -28.70
CA PHE B 686 21.89 34.05 -28.77
C PHE B 686 21.21 34.02 -27.40
N ILE B 687 21.52 32.98 -26.63
CA ILE B 687 20.90 32.76 -25.33
C ILE B 687 21.14 33.87 -24.29
N PRO B 688 22.41 34.29 -24.08
CA PRO B 688 22.57 35.30 -23.02
C PRO B 688 21.85 36.63 -23.29
N GLN B 689 21.77 37.04 -24.55
CA GLN B 689 21.16 38.32 -24.88
C GLN B 689 19.64 38.18 -24.95
N LEU B 690 19.16 36.97 -25.19
CA LEU B 690 17.73 36.69 -25.18
C LEU B 690 17.22 36.81 -23.74
N LEU B 691 18.07 36.47 -22.79
CA LEU B 691 17.76 36.60 -21.36
C LEU B 691 18.11 37.95 -20.75
N SER B 692 18.61 38.88 -21.56
CA SER B 692 19.05 40.18 -21.05
C SER B 692 17.94 40.98 -20.38
N ARG B 693 16.88 41.26 -21.10
CA ARG B 693 15.70 41.86 -20.50
C ARG B 693 14.41 41.23 -20.97
N LEU B 694 13.56 40.92 -20.00
CA LEU B 694 12.33 40.18 -20.22
C LEU B 694 11.19 40.83 -19.47
N HIS B 695 9.98 40.34 -19.70
CA HIS B 695 8.85 40.69 -18.87
C HIS B 695 8.10 39.41 -18.57
N ILE B 696 7.96 39.10 -17.28
CA ILE B 696 7.34 37.85 -16.90
C ILE B 696 5.93 38.08 -16.40
N GLU B 697 4.96 37.73 -17.23
CA GLU B 697 3.57 37.74 -16.80
C GLU B 697 3.22 36.32 -16.40
N ALA B 698 2.83 36.15 -15.14
CA ALA B 698 2.61 34.82 -14.61
C ALA B 698 1.25 34.65 -13.97
N LEU B 699 0.75 33.42 -13.99
CA LEU B 699 -0.47 33.07 -13.30
C LEU B 699 -0.22 31.89 -12.38
N LEU B 700 -0.30 32.12 -11.08
CA LEU B 700 -0.10 31.06 -10.10
C LEU B 700 -1.44 30.69 -9.50
N HIS B 701 -1.94 29.52 -9.88
CA HIS B 701 -3.28 29.11 -9.53
C HIS B 701 -3.24 27.71 -8.92
N GLY B 702 -3.88 27.55 -7.76
CA GLY B 702 -3.97 26.25 -7.12
C GLY B 702 -3.82 26.30 -5.61
N ASN B 703 -3.22 25.24 -5.06
CA ASN B 703 -3.07 25.12 -3.61
C ASN B 703 -1.79 25.77 -3.08
N ILE B 704 -1.71 27.09 -3.21
CA ILE B 704 -0.63 27.88 -2.63
C ILE B 704 -1.14 29.23 -2.15
N THR B 705 -0.46 29.83 -1.19
CA THR B 705 -0.87 31.11 -0.63
C THR B 705 -0.26 32.29 -1.38
N LYS B 706 -0.77 33.49 -1.12
CA LYS B 706 -0.26 34.70 -1.76
C LYS B 706 1.23 34.91 -1.50
N GLN B 707 1.62 34.75 -0.23
CA GLN B 707 3.01 34.92 0.15
C GLN B 707 3.87 33.86 -0.53
N ALA B 708 3.33 32.64 -0.60
CA ALA B 708 4.02 31.55 -1.28
C ALA B 708 4.16 31.87 -2.76
N ALA B 709 3.09 32.42 -3.34
CA ALA B 709 3.09 32.78 -4.75
C ALA B 709 4.14 33.85 -5.02
N LEU B 710 4.16 34.88 -4.17
CA LEU B 710 5.15 35.95 -4.26
C LEU B 710 6.55 35.39 -4.12
N GLY B 711 6.69 34.32 -3.33
CA GLY B 711 7.97 33.66 -3.14
C GLY B 711 8.41 32.92 -4.39
N ILE B 712 7.47 32.25 -5.04
CA ILE B 712 7.76 31.54 -6.28
C ILE B 712 8.22 32.50 -7.38
N MET B 713 7.40 33.52 -7.67
CA MET B 713 7.68 34.47 -8.73
C MET B 713 9.02 35.16 -8.55
N GLN B 714 9.30 35.53 -7.29
CA GLN B 714 10.53 36.24 -6.95
C GLN B 714 11.79 35.40 -7.17
N MET B 715 11.75 34.12 -6.80
CA MET B 715 12.96 33.31 -6.91
C MET B 715 13.23 32.96 -8.38
N VAL B 716 12.20 33.08 -9.21
CA VAL B 716 12.36 32.98 -10.66
C VAL B 716 13.21 34.15 -11.14
N GLU B 717 12.99 35.30 -10.53
CA GLU B 717 13.71 36.52 -10.88
C GLU B 717 15.18 36.47 -10.45
N ASP B 718 15.48 36.01 -9.24
CA ASP B 718 16.87 35.90 -8.78
C ASP B 718 17.75 35.20 -9.77
N THR B 719 17.25 34.06 -10.19
CA THR B 719 17.98 33.15 -11.04
C THR B 719 18.34 33.82 -12.35
N LEU B 720 17.46 34.68 -12.81
CA LEU B 720 17.69 35.40 -14.05
C LEU B 720 18.63 36.60 -13.84
N ILE B 721 18.44 37.36 -12.76
CA ILE B 721 19.29 38.51 -12.48
C ILE B 721 20.70 38.11 -12.04
N GLU B 722 20.83 36.88 -11.51
CA GLU B 722 22.09 36.41 -10.96
C GLU B 722 22.90 35.67 -12.02
N HIS B 723 22.26 34.72 -12.68
CA HIS B 723 22.94 33.86 -13.64
C HIS B 723 22.94 34.44 -15.06
N ALA B 724 21.96 35.29 -15.36
CA ALA B 724 21.81 35.84 -16.70
C ALA B 724 21.82 37.36 -16.70
N HIS B 725 21.88 37.95 -15.51
CA HIS B 725 21.92 39.41 -15.35
C HIS B 725 20.74 40.09 -16.05
N THR B 726 19.55 39.56 -15.81
CA THR B 726 18.33 40.07 -16.42
C THR B 726 17.87 41.38 -15.77
N LYS B 727 17.51 42.35 -16.61
CA LYS B 727 16.96 43.61 -16.14
C LYS B 727 15.61 43.84 -16.80
N PRO B 728 14.79 44.77 -16.28
CA PRO B 728 13.43 44.83 -16.80
C PRO B 728 13.32 45.33 -18.25
N LEU B 729 12.28 44.91 -18.95
CA LEU B 729 12.01 45.43 -20.29
C LEU B 729 11.12 46.67 -20.10
N LEU B 730 11.21 47.63 -21.03
CA LEU B 730 10.39 48.84 -20.88
C LEU B 730 9.18 48.78 -21.83
N PRO B 731 8.02 49.31 -21.38
CA PRO B 731 6.67 49.14 -21.96
C PRO B 731 6.54 49.34 -23.46
N SER B 732 7.28 50.28 -24.04
CA SER B 732 7.17 50.53 -25.48
C SER B 732 7.59 49.30 -26.29
N GLN B 733 8.33 48.41 -25.65
CA GLN B 733 8.84 47.20 -26.29
C GLN B 733 7.89 46.02 -26.16
N LEU B 734 6.75 46.22 -25.49
CA LEU B 734 5.88 45.11 -25.13
C LEU B 734 4.53 45.01 -25.82
N VAL B 735 4.34 45.67 -26.96
CA VAL B 735 3.03 45.62 -27.61
C VAL B 735 3.01 44.43 -28.59
N ARG B 736 1.83 43.86 -28.80
CA ARG B 736 1.67 42.60 -29.53
C ARG B 736 1.39 42.84 -31.01
N TYR B 737 1.08 41.77 -31.76
CA TYR B 737 0.86 41.89 -33.20
C TYR B 737 -0.59 42.12 -33.58
N ARG B 738 -0.80 42.89 -34.66
CA ARG B 738 -2.14 43.25 -35.13
C ARG B 738 -2.63 42.30 -36.21
N GLU B 739 -3.92 42.40 -36.53
CA GLU B 739 -4.50 41.62 -37.61
C GLU B 739 -4.84 42.53 -38.80
N VAL B 740 -4.60 42.01 -40.01
CA VAL B 740 -4.88 42.75 -41.23
C VAL B 740 -6.36 43.10 -41.36
N GLN B 741 -6.65 44.37 -41.62
CA GLN B 741 -8.03 44.82 -41.80
C GLN B 741 -8.47 44.77 -43.26
N LEU B 742 -9.54 44.03 -43.54
CA LEU B 742 -10.04 43.85 -44.89
C LEU B 742 -11.00 44.96 -45.33
N PRO B 743 -10.94 45.34 -46.61
CA PRO B 743 -11.84 46.34 -47.17
C PRO B 743 -13.27 45.84 -47.27
N ASP B 744 -14.23 46.75 -47.14
CA ASP B 744 -15.63 46.40 -47.31
C ASP B 744 -15.90 45.92 -48.73
N ARG B 745 -16.77 44.93 -48.87
CA ARG B 745 -17.16 44.39 -50.17
C ARG B 745 -15.97 43.84 -50.95
N GLY B 746 -14.92 43.43 -50.25
CA GLY B 746 -13.75 42.90 -50.90
C GLY B 746 -13.66 41.41 -50.78
N TRP B 747 -13.05 40.76 -51.76
CA TRP B 747 -12.86 39.32 -51.73
C TRP B 747 -11.49 38.94 -52.25
N PHE B 748 -10.72 38.24 -51.41
CA PHE B 748 -9.38 37.81 -51.77
C PHE B 748 -9.30 36.28 -51.75
N VAL B 749 -8.51 35.72 -52.65
CA VAL B 749 -8.34 34.27 -52.74
C VAL B 749 -6.86 33.91 -52.89
N TYR B 750 -6.35 33.08 -51.98
CA TYR B 750 -4.99 32.58 -52.07
C TYR B 750 -5.01 31.10 -52.47
N GLN B 751 -4.14 30.73 -53.40
CA GLN B 751 -4.15 29.39 -53.99
C GLN B 751 -2.80 28.66 -53.88
N GLN B 752 -2.82 27.48 -53.25
CA GLN B 752 -1.65 26.61 -53.23
C GLN B 752 -2.08 25.17 -53.48
N ARG B 753 -1.11 24.27 -53.60
CA ARG B 753 -1.41 22.88 -53.86
C ARG B 753 -0.76 21.99 -52.81
N ASN B 754 -1.40 20.85 -52.53
CA ASN B 754 -0.82 19.87 -51.63
C ASN B 754 -0.18 18.76 -52.44
N GLU B 755 1.15 18.73 -52.43
CA GLU B 755 1.92 17.79 -53.25
C GLU B 755 1.74 16.33 -52.82
N VAL B 756 1.27 16.13 -51.59
CA VAL B 756 1.14 14.79 -51.04
C VAL B 756 -0.28 14.25 -51.10
N HIS B 757 -1.23 14.98 -50.52
CA HIS B 757 -2.61 14.53 -50.50
C HIS B 757 -3.30 14.83 -51.82
N ASN B 758 -4.19 13.92 -52.22
CA ASN B 758 -4.90 14.04 -53.49
C ASN B 758 -6.30 14.64 -53.30
N ASN B 759 -6.53 15.26 -52.16
CA ASN B 759 -7.79 15.98 -51.92
C ASN B 759 -7.58 17.48 -51.72
N SER B 760 -8.65 18.24 -51.91
CA SER B 760 -8.59 19.69 -51.81
C SER B 760 -9.01 20.16 -50.43
N GLY B 761 -8.49 21.31 -50.02
CA GLY B 761 -8.85 21.91 -48.75
C GLY B 761 -9.19 23.38 -48.95
N ILE B 762 -10.00 23.92 -48.06
CA ILE B 762 -10.41 25.32 -48.15
C ILE B 762 -10.83 25.89 -46.80
N GLU B 763 -10.41 27.11 -46.52
CA GLU B 763 -10.95 27.86 -45.39
C GLU B 763 -11.50 29.19 -45.89
N ILE B 764 -12.76 29.45 -45.58
CA ILE B 764 -13.40 30.71 -45.93
C ILE B 764 -13.53 31.57 -44.69
N TYR B 765 -13.02 32.78 -44.75
CA TYR B 765 -13.00 33.66 -43.57
C TYR B 765 -13.78 34.94 -43.80
N TYR B 766 -14.93 35.05 -43.15
CA TYR B 766 -15.73 36.27 -43.17
C TYR B 766 -15.39 37.12 -41.97
N GLN B 767 -14.57 38.16 -42.18
CA GLN B 767 -14.06 38.96 -41.08
C GLN B 767 -15.06 39.98 -40.57
N THR B 768 -15.31 39.95 -39.26
CA THR B 768 -16.05 41.00 -38.57
C THR B 768 -15.06 41.92 -37.89
N ASP B 769 -15.53 42.85 -37.07
CA ASP B 769 -14.60 43.81 -36.46
C ASP B 769 -14.15 43.23 -35.10
N MET B 770 -13.51 44.05 -34.28
CA MET B 770 -12.85 43.62 -33.05
C MET B 770 -13.76 42.89 -32.07
N GLN B 771 -13.14 42.14 -31.17
CA GLN B 771 -13.89 41.47 -30.12
C GLN B 771 -14.40 42.47 -29.10
N SER B 772 -15.70 42.69 -29.10
CA SER B 772 -16.37 43.51 -28.09
C SER B 772 -17.54 42.68 -27.56
N THR B 773 -17.92 42.92 -26.31
CA THR B 773 -18.98 42.16 -25.65
C THR B 773 -20.23 42.02 -26.51
N SER B 774 -20.54 43.05 -27.27
CA SER B 774 -21.68 43.02 -28.19
C SER B 774 -21.37 42.17 -29.43
N GLU B 775 -20.38 42.61 -30.20
CA GLU B 775 -20.04 41.99 -31.49
C GLU B 775 -19.69 40.50 -31.31
N ASN B 776 -19.15 40.16 -30.15
CA ASN B 776 -18.80 38.77 -29.84
C ASN B 776 -20.02 37.87 -29.90
N MET B 777 -21.09 38.29 -29.24
CA MET B 777 -22.28 37.47 -29.07
C MET B 777 -23.13 37.42 -30.35
N PHE B 778 -22.98 38.40 -31.23
CA PHE B 778 -23.66 38.30 -32.52
C PHE B 778 -23.04 37.19 -33.34
N LEU B 779 -21.73 37.05 -33.22
CA LEU B 779 -21.00 36.02 -33.96
C LEU B 779 -21.30 34.60 -33.49
N GLU B 780 -21.11 34.34 -32.20
CA GLU B 780 -21.21 32.97 -31.71
C GLU B 780 -22.66 32.51 -31.60
N LEU B 781 -23.60 33.44 -31.60
CA LEU B 781 -25.00 33.07 -31.62
C LEU B 781 -25.36 32.65 -33.03
N PHE B 782 -24.89 33.43 -34.00
CA PHE B 782 -25.10 33.08 -35.41
C PHE B 782 -24.42 31.76 -35.70
N ALA B 783 -23.22 31.58 -35.14
CA ALA B 783 -22.46 30.35 -35.34
C ALA B 783 -23.21 29.17 -34.75
N GLN B 784 -23.86 29.40 -33.61
CA GLN B 784 -24.64 28.36 -32.93
C GLN B 784 -25.81 27.91 -33.81
N ILE B 785 -26.48 28.87 -34.44
CA ILE B 785 -27.66 28.58 -35.26
C ILE B 785 -27.32 27.78 -36.51
N ILE B 786 -26.24 28.17 -37.18
CA ILE B 786 -25.86 27.54 -38.43
C ILE B 786 -24.95 26.32 -38.24
N SER B 787 -24.52 26.09 -37.00
CA SER B 787 -23.55 25.03 -36.71
C SER B 787 -23.98 23.65 -37.19
N GLU B 788 -25.07 23.14 -36.62
CA GLU B 788 -25.58 21.82 -37.00
C GLU B 788 -26.05 21.78 -38.47
N PRO B 789 -26.82 22.80 -38.93
CA PRO B 789 -27.23 22.75 -40.34
C PRO B 789 -26.06 22.75 -41.32
N ALA B 790 -24.95 23.38 -40.96
CA ALA B 790 -23.77 23.39 -41.80
C ALA B 790 -23.23 21.99 -42.00
N PHE B 791 -23.10 21.25 -40.91
CA PHE B 791 -22.65 19.87 -40.95
C PHE B 791 -23.66 19.01 -41.69
N ASN B 792 -24.93 19.26 -41.41
CA ASN B 792 -26.01 18.46 -41.98
C ASN B 792 -26.09 18.64 -43.48
N THR B 793 -25.90 19.88 -43.93
CA THR B 793 -26.03 20.18 -45.34
C THR B 793 -24.76 19.79 -46.08
N LEU B 794 -23.64 20.40 -45.69
CA LEU B 794 -22.40 20.26 -46.43
C LEU B 794 -21.80 18.85 -46.38
N ARG B 795 -22.12 18.09 -45.34
CA ARG B 795 -21.64 16.71 -45.26
C ARG B 795 -22.75 15.68 -45.36
N THR B 796 -23.64 15.67 -44.37
CA THR B 796 -24.66 14.63 -44.28
C THR B 796 -25.53 14.59 -45.54
N LYS B 797 -25.81 15.74 -46.12
CA LYS B 797 -26.69 15.82 -47.29
C LYS B 797 -25.92 15.84 -48.62
N GLU B 798 -25.05 16.83 -48.78
CA GLU B 798 -24.34 17.02 -50.05
C GLU B 798 -23.04 16.20 -50.14
N GLN B 799 -22.57 15.70 -49.00
CA GLN B 799 -21.38 14.84 -48.94
C GLN B 799 -20.16 15.43 -49.64
N LEU B 800 -19.81 16.66 -49.28
CA LEU B 800 -18.63 17.29 -49.84
C LEU B 800 -17.37 16.62 -49.30
N GLY B 801 -17.35 16.36 -47.99
CA GLY B 801 -16.22 15.70 -47.37
C GLY B 801 -16.49 15.17 -45.97
N TYR B 802 -15.51 14.46 -45.42
CA TYR B 802 -15.58 13.97 -44.06
C TYR B 802 -15.35 15.10 -43.08
N ILE B 803 -14.39 15.97 -43.40
CA ILE B 803 -14.09 17.12 -42.56
C ILE B 803 -14.84 18.35 -43.05
N VAL B 804 -15.90 18.70 -42.33
CA VAL B 804 -16.67 19.90 -42.61
C VAL B 804 -16.86 20.68 -41.31
N PHE B 805 -16.22 21.85 -41.22
CA PHE B 805 -16.21 22.61 -39.98
C PHE B 805 -16.79 24.01 -40.16
N SER B 806 -17.52 24.47 -39.15
CA SER B 806 -18.03 25.83 -39.14
C SER B 806 -17.91 26.40 -37.72
N GLY B 807 -17.76 27.72 -37.63
CA GLY B 807 -17.63 28.35 -36.33
C GLY B 807 -16.81 29.61 -36.34
N PRO B 808 -16.68 30.26 -35.18
CA PRO B 808 -15.95 31.53 -35.03
C PRO B 808 -14.44 31.35 -35.15
N ARG B 809 -13.74 32.38 -35.60
CA ARG B 809 -12.30 32.40 -35.58
C ARG B 809 -11.85 33.62 -34.81
N ARG B 810 -11.04 33.43 -33.79
CA ARG B 810 -10.59 34.55 -32.96
C ARG B 810 -9.07 34.63 -32.88
N ALA B 811 -8.52 35.76 -33.32
CA ALA B 811 -7.07 35.96 -33.30
C ALA B 811 -6.71 37.44 -33.20
N ASN B 812 -5.71 37.74 -32.36
CA ASN B 812 -5.19 39.10 -32.21
C ASN B 812 -6.25 40.13 -31.83
N GLY B 813 -7.35 39.66 -31.25
CA GLY B 813 -8.41 40.54 -30.81
C GLY B 813 -9.44 40.84 -31.87
N ILE B 814 -9.35 40.14 -32.99
CA ILE B 814 -10.30 40.31 -34.09
C ILE B 814 -10.96 38.98 -34.38
N GLN B 815 -12.27 39.00 -34.60
CA GLN B 815 -13.02 37.77 -34.80
C GLN B 815 -13.68 37.73 -36.17
N GLY B 816 -14.32 36.60 -36.46
CA GLY B 816 -15.00 36.41 -37.72
C GLY B 816 -15.52 34.98 -37.83
N LEU B 817 -16.24 34.70 -38.90
CA LEU B 817 -16.79 33.36 -39.12
C LEU B 817 -15.94 32.60 -40.11
N ARG B 818 -15.66 31.33 -39.83
CA ARG B 818 -14.87 30.52 -40.73
C ARG B 818 -15.55 29.21 -41.10
N PHE B 819 -15.38 28.82 -42.36
CA PHE B 819 -15.81 27.51 -42.84
C PHE B 819 -14.59 26.74 -43.30
N ILE B 820 -14.45 25.51 -42.81
CA ILE B 820 -13.33 24.67 -43.21
C ILE B 820 -13.81 23.35 -43.80
N ILE B 821 -13.41 23.08 -45.03
CA ILE B 821 -13.82 21.86 -45.73
C ILE B 821 -12.64 21.19 -46.42
N GLN B 822 -12.49 19.89 -46.19
CA GLN B 822 -11.54 19.10 -46.95
C GLN B 822 -12.32 18.11 -47.81
N SER B 823 -12.15 18.21 -49.12
CA SER B 823 -13.00 17.47 -50.05
C SER B 823 -12.26 16.95 -51.28
N GLU B 824 -12.98 16.22 -52.11
CA GLU B 824 -12.46 15.75 -53.40
C GLU B 824 -12.84 16.78 -54.47
N LYS B 825 -13.93 17.48 -54.24
CA LYS B 825 -14.37 18.56 -55.12
C LYS B 825 -13.44 19.75 -55.09
N PRO B 826 -13.29 20.43 -56.25
CA PRO B 826 -12.43 21.62 -56.36
C PRO B 826 -12.90 22.73 -55.43
N PRO B 827 -11.97 23.52 -54.89
CA PRO B 827 -12.30 24.61 -53.97
C PRO B 827 -13.29 25.62 -54.54
N HIS B 828 -13.18 25.93 -55.83
CA HIS B 828 -14.05 26.95 -56.44
C HIS B 828 -15.50 26.47 -56.46
N TYR B 829 -15.68 25.15 -56.40
CA TYR B 829 -17.02 24.57 -56.31
C TYR B 829 -17.50 24.55 -54.87
N LEU B 830 -16.60 24.22 -53.95
CA LEU B 830 -16.92 24.22 -52.52
C LEU B 830 -17.35 25.62 -52.08
N GLU B 831 -16.74 26.63 -52.69
CA GLU B 831 -17.09 28.02 -52.46
C GLU B 831 -18.57 28.29 -52.69
N SER B 832 -19.07 27.84 -53.84
CA SER B 832 -20.46 28.07 -54.21
C SER B 832 -21.42 27.39 -53.24
N ARG B 833 -21.12 26.14 -52.89
CA ARG B 833 -21.95 25.38 -51.97
C ARG B 833 -22.10 26.09 -50.63
N VAL B 834 -20.99 26.62 -50.13
CA VAL B 834 -21.00 27.34 -48.85
C VAL B 834 -21.84 28.60 -48.92
N GLU B 835 -21.66 29.37 -50.00
CA GLU B 835 -22.44 30.58 -50.22
C GLU B 835 -23.91 30.25 -50.41
N ALA B 836 -24.18 29.08 -50.98
CA ALA B 836 -25.54 28.61 -51.17
C ALA B 836 -26.18 28.25 -49.83
N PHE B 837 -25.38 27.69 -48.93
CA PHE B 837 -25.85 27.30 -47.61
C PHE B 837 -26.24 28.51 -46.77
N LEU B 838 -25.48 29.60 -46.94
CA LEU B 838 -25.73 30.82 -46.19
C LEU B 838 -27.07 31.43 -46.58
N ILE B 839 -27.41 31.33 -47.87
CA ILE B 839 -28.70 31.81 -48.35
C ILE B 839 -29.83 30.91 -47.83
N THR B 840 -29.57 29.60 -47.83
CA THR B 840 -30.51 28.62 -47.28
C THR B 840 -30.82 28.93 -45.82
N MET B 841 -29.77 29.30 -45.08
CA MET B 841 -29.90 29.66 -43.67
C MET B 841 -30.70 30.94 -43.46
N GLU B 842 -30.47 31.91 -44.35
CA GLU B 842 -31.04 33.24 -44.19
C GLU B 842 -32.55 33.21 -44.06
N LYS B 843 -33.20 32.64 -45.07
CA LYS B 843 -34.66 32.55 -45.05
C LYS B 843 -35.12 31.26 -44.32
N SER B 844 -34.26 30.68 -43.50
CA SER B 844 -34.68 29.64 -42.57
C SER B 844 -34.79 30.17 -41.14
N ILE B 845 -34.01 31.18 -40.86
CA ILE B 845 -34.10 31.86 -39.60
C ILE B 845 -35.20 32.91 -39.68
N GLU B 846 -35.68 33.16 -40.88
CA GLU B 846 -36.80 34.05 -41.05
C GLU B 846 -38.05 33.37 -40.56
N ASP B 847 -38.00 32.06 -40.52
CA ASP B 847 -39.17 31.29 -40.21
C ASP B 847 -38.88 30.36 -39.05
N MET B 848 -38.21 30.88 -38.03
CA MET B 848 -37.81 30.15 -36.86
C MET B 848 -38.74 30.70 -35.81
N THR B 849 -39.40 29.81 -35.09
CA THR B 849 -40.33 30.28 -34.09
C THR B 849 -39.43 31.06 -33.15
N GLU B 850 -39.91 32.15 -32.58
CA GLU B 850 -39.02 32.99 -31.80
C GLU B 850 -38.67 32.13 -30.57
N GLU B 851 -39.44 31.05 -30.42
CA GLU B 851 -39.19 29.94 -29.51
C GLU B 851 -38.00 29.10 -29.94
N ALA B 852 -37.91 28.88 -31.26
CA ALA B 852 -36.84 28.03 -31.79
C ALA B 852 -35.53 28.78 -31.66
N PHE B 853 -35.63 30.06 -31.31
CA PHE B 853 -34.49 30.97 -31.19
C PHE B 853 -33.84 30.92 -29.80
N GLN B 854 -34.70 30.93 -28.78
CA GLN B 854 -34.28 30.92 -27.38
C GLN B 854 -33.77 29.51 -27.00
N LYS B 855 -33.87 28.55 -27.94
CA LYS B 855 -33.21 27.26 -27.74
C LYS B 855 -31.74 27.41 -28.05
N HIS B 856 -31.45 28.13 -29.13
CA HIS B 856 -30.06 28.38 -29.54
C HIS B 856 -29.38 29.30 -28.55
N ILE B 857 -30.15 30.24 -28.02
CA ILE B 857 -29.66 31.15 -26.99
C ILE B 857 -29.33 30.41 -25.70
N GLN B 858 -30.24 29.55 -25.24
CA GLN B 858 -30.02 28.82 -24.01
C GLN B 858 -29.04 27.68 -24.19
N ALA B 859 -28.93 27.17 -25.41
CA ALA B 859 -27.90 26.18 -25.71
C ALA B 859 -26.55 26.84 -25.53
N LEU B 860 -26.37 27.97 -26.22
CA LEU B 860 -25.12 28.72 -26.17
C LEU B 860 -24.85 29.18 -24.74
N ALA B 861 -25.90 29.61 -24.04
CA ALA B 861 -25.75 30.07 -22.67
C ALA B 861 -25.20 28.96 -21.78
N ILE B 862 -25.79 27.77 -21.88
CA ILE B 862 -25.35 26.62 -21.11
C ILE B 862 -23.92 26.23 -21.50
N ARG B 863 -23.63 26.30 -22.79
CA ARG B 863 -22.29 25.95 -23.28
C ARG B 863 -21.27 26.94 -22.74
N ARG B 864 -21.66 28.20 -22.61
CA ARG B 864 -20.76 29.23 -22.12
C ARG B 864 -20.62 29.23 -20.59
N LEU B 865 -21.68 28.83 -19.89
CA LEU B 865 -21.67 28.94 -18.42
C LEU B 865 -21.37 27.64 -17.66
N ASP B 866 -20.91 26.61 -18.35
CA ASP B 866 -20.42 25.41 -17.68
C ASP B 866 -18.90 25.55 -17.52
N LYS B 867 -18.39 25.54 -16.29
CA LYS B 867 -16.98 25.83 -15.98
C LYS B 867 -16.29 24.52 -15.64
N PRO B 868 -15.03 24.52 -15.23
CA PRO B 868 -14.30 23.26 -14.99
C PRO B 868 -14.55 22.31 -13.77
N LYS B 869 -14.40 21.02 -14.03
CA LYS B 869 -14.35 19.97 -13.08
C LYS B 869 -12.94 19.59 -12.58
N LYS B 870 -11.93 20.18 -13.20
CA LYS B 870 -10.53 20.06 -12.75
C LYS B 870 -9.80 21.40 -12.74
N LEU B 871 -8.68 21.46 -12.01
CA LEU B 871 -7.92 22.69 -11.85
C LEU B 871 -7.37 23.26 -13.16
N SER B 872 -6.68 22.42 -13.92
CA SER B 872 -5.99 22.84 -15.14
C SER B 872 -6.91 23.47 -16.19
N ALA B 873 -8.20 23.11 -16.13
CA ALA B 873 -9.19 23.67 -17.04
C ALA B 873 -9.53 25.11 -16.62
N GLU B 874 -9.53 25.37 -15.33
CA GLU B 874 -9.80 26.71 -14.83
C GLU B 874 -8.63 27.63 -15.15
N SER B 875 -7.42 27.12 -14.99
CA SER B 875 -6.21 27.88 -15.30
C SER B 875 -6.21 28.24 -16.79
N ALA B 876 -6.75 27.35 -17.60
CA ALA B 876 -6.76 27.55 -19.05
C ALA B 876 -7.57 28.78 -19.45
N LYS B 877 -8.71 29.00 -18.81
CA LYS B 877 -9.55 30.13 -19.17
C LYS B 877 -8.96 31.45 -18.69
N TYR B 878 -8.41 31.44 -17.48
CA TYR B 878 -7.74 32.63 -16.94
C TYR B 878 -6.52 32.99 -17.76
N TRP B 879 -5.70 31.99 -18.09
CA TRP B 879 -4.48 32.21 -18.86
C TRP B 879 -4.80 32.73 -20.25
N GLY B 880 -5.97 32.34 -20.76
CA GLY B 880 -6.45 32.82 -22.04
C GLY B 880 -6.72 34.31 -21.99
N GLU B 881 -7.29 34.77 -20.88
CA GLU B 881 -7.61 36.18 -20.70
C GLU B 881 -6.35 37.03 -20.50
N ILE B 882 -5.32 36.39 -19.94
CA ILE B 882 -4.07 37.08 -19.63
C ILE B 882 -3.16 37.27 -20.84
N ILE B 883 -2.99 36.22 -21.63
CA ILE B 883 -2.12 36.31 -22.79
C ILE B 883 -2.77 37.11 -23.91
N SER B 884 -4.10 37.15 -23.91
CA SER B 884 -4.82 37.99 -24.86
C SER B 884 -4.82 39.45 -24.39
N GLN B 885 -4.48 39.64 -23.12
CA GLN B 885 -4.58 40.94 -22.45
C GLN B 885 -5.91 41.64 -22.56
N GLN B 886 -6.96 40.88 -22.36
CA GLN B 886 -8.28 41.45 -22.25
C GLN B 886 -8.61 41.45 -20.76
N TYR B 887 -8.07 40.46 -20.05
CA TYR B 887 -8.21 40.36 -18.60
C TYR B 887 -9.66 40.45 -18.13
N ASN B 888 -10.56 39.90 -18.94
CA ASN B 888 -11.98 39.90 -18.60
C ASN B 888 -12.35 38.56 -17.96
N PHE B 889 -12.02 38.41 -16.68
CA PHE B 889 -12.14 37.13 -15.99
C PHE B 889 -13.59 36.71 -15.78
N ASP B 890 -14.50 37.69 -15.79
CA ASP B 890 -15.92 37.42 -15.64
C ASP B 890 -16.64 37.55 -16.99
N ARG B 891 -15.94 37.14 -18.05
CA ARG B 891 -16.45 37.28 -19.42
C ARG B 891 -17.80 36.59 -19.65
N ASP B 892 -17.93 35.35 -19.17
CA ASP B 892 -19.11 34.54 -19.42
C ASP B 892 -20.39 35.18 -18.89
N ASN B 893 -20.45 35.33 -17.58
CA ASN B 893 -21.60 35.95 -16.90
C ASN B 893 -21.99 37.29 -17.52
N THR B 894 -21.00 38.02 -17.99
CA THR B 894 -21.21 39.32 -18.63
C THR B 894 -21.84 39.14 -20.01
N GLU B 895 -21.21 38.30 -20.82
CA GLU B 895 -21.63 38.12 -22.21
C GLU B 895 -22.90 37.30 -22.34
N VAL B 896 -23.07 36.31 -21.47
CA VAL B 896 -24.28 35.49 -21.48
C VAL B 896 -25.49 36.35 -21.13
N ALA B 897 -25.31 37.25 -20.17
CA ALA B 897 -26.37 38.18 -19.78
C ALA B 897 -26.80 39.03 -20.98
N TYR B 898 -25.81 39.47 -21.75
CA TYR B 898 -26.10 40.26 -22.95
C TYR B 898 -26.72 39.40 -24.04
N LEU B 899 -26.34 38.13 -24.07
CA LEU B 899 -26.82 37.21 -25.09
C LEU B 899 -28.35 37.09 -25.11
N LYS B 900 -28.95 37.02 -23.93
CA LYS B 900 -30.40 36.85 -23.84
C LYS B 900 -31.16 38.08 -24.33
N THR B 901 -30.47 39.21 -24.41
CA THR B 901 -31.11 40.44 -24.87
C THR B 901 -31.31 40.42 -26.39
N LEU B 902 -30.49 39.62 -27.08
CA LEU B 902 -30.54 39.58 -28.54
C LEU B 902 -31.87 39.05 -29.06
N THR B 903 -32.39 39.70 -30.09
CA THR B 903 -33.62 39.26 -30.74
C THR B 903 -33.31 38.60 -32.08
N LYS B 904 -34.31 37.97 -32.68
CA LYS B 904 -34.14 37.33 -33.97
C LYS B 904 -33.87 38.38 -35.03
N GLU B 905 -34.38 39.58 -34.80
CA GLU B 905 -34.24 40.68 -35.75
C GLU B 905 -32.81 41.23 -35.72
N ASP B 906 -32.19 41.17 -34.55
CA ASP B 906 -30.80 41.62 -34.38
C ASP B 906 -29.85 40.78 -35.21
N ILE B 907 -30.08 39.46 -35.20
CA ILE B 907 -29.24 38.53 -35.95
C ILE B 907 -29.44 38.71 -37.44
N ILE B 908 -30.68 38.98 -37.83
CA ILE B 908 -31.02 39.21 -39.24
C ILE B 908 -30.19 40.35 -39.81
N LYS B 909 -30.22 41.49 -39.14
CA LYS B 909 -29.51 42.67 -39.64
C LYS B 909 -28.01 42.46 -39.58
N PHE B 910 -27.55 41.65 -38.61
CA PHE B 910 -26.15 41.32 -38.50
C PHE B 910 -25.68 40.49 -39.71
N TYR B 911 -26.52 39.56 -40.15
CA TYR B 911 -26.21 38.76 -41.33
C TYR B 911 -26.20 39.62 -42.58
N LYS B 912 -27.24 40.43 -42.75
CA LYS B 912 -27.40 41.31 -43.90
C LYS B 912 -26.19 42.24 -44.01
N GLU B 913 -25.57 42.51 -42.87
CA GLU B 913 -24.47 43.47 -42.79
C GLU B 913 -23.06 42.87 -43.05
N MET B 914 -22.74 41.72 -42.47
CA MET B 914 -21.41 41.12 -42.65
C MET B 914 -21.40 40.00 -43.67
N LEU B 915 -22.32 39.06 -43.46
CA LEU B 915 -22.19 37.73 -44.04
C LEU B 915 -22.95 37.56 -45.35
N ALA B 916 -23.99 38.36 -45.57
CA ALA B 916 -24.75 38.25 -46.80
C ALA B 916 -23.84 38.47 -47.99
N VAL B 917 -24.22 37.96 -49.16
CA VAL B 917 -23.40 38.12 -50.36
C VAL B 917 -23.41 39.59 -50.78
N ASP B 918 -24.57 40.22 -50.61
CA ASP B 918 -24.77 41.61 -50.96
C ASP B 918 -24.29 42.59 -49.90
N ALA B 919 -23.90 42.06 -48.74
CA ALA B 919 -23.57 42.85 -47.55
C ALA B 919 -22.59 43.98 -47.84
N PRO B 920 -22.88 45.19 -47.32
CA PRO B 920 -22.04 46.38 -47.49
C PRO B 920 -20.67 46.27 -46.81
N ARG B 921 -20.60 45.54 -45.69
CA ARG B 921 -19.34 45.40 -44.97
C ARG B 921 -18.76 43.97 -45.01
N ARG B 922 -18.99 43.27 -46.12
CA ARG B 922 -18.46 41.95 -46.28
C ARG B 922 -16.94 41.86 -46.47
N HIS B 923 -16.27 41.12 -45.58
CA HIS B 923 -14.83 41.00 -45.63
C HIS B 923 -14.44 39.53 -45.76
N LYS B 924 -14.18 39.10 -46.99
CA LYS B 924 -14.01 37.69 -47.28
C LYS B 924 -12.64 37.35 -47.82
N VAL B 925 -11.93 36.46 -47.12
CA VAL B 925 -10.67 35.90 -47.61
C VAL B 925 -10.83 34.40 -47.75
N SER B 926 -10.34 33.86 -48.86
CA SER B 926 -10.44 32.42 -49.12
C SER B 926 -9.09 31.79 -49.40
N VAL B 927 -8.82 30.67 -48.72
CA VAL B 927 -7.61 29.88 -48.98
C VAL B 927 -7.99 28.61 -49.72
N HIS B 928 -7.42 28.43 -50.92
CA HIS B 928 -7.74 27.27 -51.74
C HIS B 928 -6.53 26.35 -51.88
N VAL B 929 -6.53 25.26 -51.12
CA VAL B 929 -5.48 24.25 -51.27
C VAL B 929 -5.96 23.17 -52.23
N LEU B 930 -5.38 23.15 -53.43
CA LEU B 930 -5.79 22.20 -54.45
C LEU B 930 -5.31 20.80 -54.15
N ALA B 931 -5.94 19.81 -54.79
CA ALA B 931 -5.50 18.43 -54.68
C ALA B 931 -4.19 18.28 -55.43
N ARG B 932 -3.57 17.10 -55.30
CA ARG B 932 -2.26 16.85 -55.90
C ARG B 932 -2.27 17.02 -57.43
N GLU B 933 -3.41 16.73 -58.05
CA GLU B 933 -3.50 16.63 -59.50
C GLU B 933 -4.28 17.77 -60.17
N MET B 934 -5.00 18.57 -59.38
CA MET B 934 -5.80 19.65 -59.92
C MET B 934 -4.95 20.76 -60.52
N ASN B 950 -32.48 19.16 -57.77
CA ASN B 950 -31.10 18.98 -57.34
C ASN B 950 -30.84 19.70 -56.03
N LEU B 951 -29.89 20.63 -56.01
CA LEU B 951 -29.49 21.27 -54.77
C LEU B 951 -29.93 22.71 -54.73
N SER B 952 -29.79 23.36 -53.57
CA SER B 952 -30.12 24.76 -53.48
C SER B 952 -29.26 25.47 -54.47
N GLN B 953 -29.56 26.72 -54.70
CA GLN B 953 -28.93 27.50 -55.75
C GLN B 953 -27.94 28.51 -55.23
N ALA B 954 -26.74 28.48 -55.79
CA ALA B 954 -25.67 29.35 -55.39
C ALA B 954 -25.91 30.67 -56.00
N PRO B 955 -25.60 31.75 -55.31
CA PRO B 955 -25.68 33.09 -55.90
C PRO B 955 -24.43 33.42 -56.72
N ALA B 956 -24.52 34.43 -57.59
CA ALA B 956 -23.39 34.87 -58.41
C ALA B 956 -22.36 35.62 -57.58
N LEU B 957 -21.10 35.18 -57.67
CA LEU B 957 -20.03 35.76 -56.88
C LEU B 957 -19.11 36.63 -57.74
N PRO B 958 -18.57 37.71 -57.16
CA PRO B 958 -17.65 38.63 -57.83
C PRO B 958 -16.31 38.00 -58.20
N GLN B 959 -15.54 38.70 -59.04
CA GLN B 959 -14.19 38.27 -59.38
C GLN B 959 -13.26 38.62 -58.24
N PRO B 960 -12.72 37.60 -57.57
CA PRO B 960 -11.87 37.80 -56.39
C PRO B 960 -10.47 38.25 -56.78
N GLU B 961 -9.88 39.10 -55.94
CA GLU B 961 -8.50 39.52 -56.15
C GLU B 961 -7.56 38.37 -55.80
N VAL B 962 -6.86 37.86 -56.80
CA VAL B 962 -5.96 36.74 -56.60
C VAL B 962 -4.68 37.18 -55.90
N ILE B 963 -4.47 36.67 -54.69
CA ILE B 963 -3.26 36.96 -53.92
C ILE B 963 -2.07 36.22 -54.52
N GLN B 964 -1.09 36.96 -55.02
CA GLN B 964 0.09 36.33 -55.60
C GLN B 964 1.32 36.50 -54.71
N ASN B 965 1.24 37.41 -53.76
CA ASN B 965 2.30 37.57 -52.77
C ASN B 965 1.75 37.91 -51.38
N MET B 966 2.13 37.12 -50.39
CA MET B 966 1.60 37.30 -49.04
C MET B 966 2.01 38.63 -48.41
N THR B 967 3.31 38.94 -48.44
CA THR B 967 3.79 40.15 -47.79
C THR B 967 3.33 41.41 -48.53
N GLU B 968 3.26 41.36 -49.85
CA GLU B 968 2.77 42.49 -50.63
C GLU B 968 1.28 42.73 -50.38
N PHE B 969 0.53 41.64 -50.19
CA PHE B 969 -0.89 41.71 -49.86
C PHE B 969 -1.08 42.41 -48.52
N LYS B 970 -0.23 42.05 -47.57
CA LYS B 970 -0.29 42.58 -46.23
C LYS B 970 0.05 44.07 -46.18
N ARG B 971 0.97 44.50 -47.03
CA ARG B 971 1.39 45.90 -47.09
C ARG B 971 0.32 46.84 -47.63
N GLY B 972 -0.54 46.32 -48.52
CA GLY B 972 -1.53 47.14 -49.17
C GLY B 972 -2.87 47.13 -48.47
N LEU B 973 -2.83 46.86 -47.17
CA LEU B 973 -4.05 46.82 -46.37
C LEU B 973 -3.80 47.43 -45.00
N PRO B 974 -4.85 48.02 -44.40
CA PRO B 974 -4.73 48.60 -43.06
C PRO B 974 -4.52 47.52 -42.00
N LEU B 975 -4.10 47.93 -40.81
CA LEU B 975 -3.97 47.00 -39.70
C LEU B 975 -4.91 47.40 -38.57
N PHE B 976 -5.60 46.42 -38.01
CA PHE B 976 -6.51 46.66 -36.89
C PHE B 976 -5.78 47.20 -35.66
N PRO B 977 -6.49 47.97 -34.82
CA PRO B 977 -5.94 48.35 -33.52
C PRO B 977 -5.96 47.17 -32.56
N LEU B 978 -5.36 47.33 -31.37
CA LEU B 978 -5.38 46.28 -30.37
C LEU B 978 -6.44 46.53 -29.31
N VAL B 979 -7.07 45.46 -28.84
CA VAL B 979 -8.16 45.55 -27.88
C VAL B 979 -7.71 46.13 -26.53
N LYS B 980 -8.47 47.08 -26.01
CA LYS B 980 -8.17 47.67 -24.70
C LYS B 980 -8.58 46.74 -23.56
N PRO B 981 -7.65 46.52 -22.61
CA PRO B 981 -7.77 45.53 -21.54
C PRO B 981 -8.86 45.81 -20.49
N HIS B 982 -9.17 44.78 -19.71
CA HIS B 982 -10.15 44.82 -18.63
C HIS B 982 -11.49 45.44 -19.04
N ALA C 1 15.88 -23.70 42.40
CA ALA C 1 15.94 -23.74 40.94
C ALA C 1 17.19 -23.03 40.43
N PRO C 2 17.80 -23.57 39.36
CA PRO C 2 18.86 -22.85 38.65
C PRO C 2 18.29 -21.63 37.93
N MET C 3 19.12 -20.78 37.36
CA MET C 3 18.59 -19.61 36.68
C MET C 3 18.40 -19.87 35.19
N GLY C 4 17.46 -19.15 34.59
CA GLY C 4 17.13 -19.32 33.19
C GLY C 4 15.62 -19.37 32.99
N PHE C 42 16.78 -8.44 32.03
CA PHE C 42 15.59 -7.76 31.52
C PHE C 42 15.90 -6.98 30.24
N GLN C 43 15.20 -7.36 29.17
CA GLN C 43 15.44 -6.81 27.84
C GLN C 43 14.24 -6.00 27.33
N THR C 44 14.49 -4.73 27.00
CA THR C 44 13.46 -3.84 26.45
C THR C 44 13.03 -4.25 25.03
N LYS C 45 11.73 -4.37 24.82
CA LYS C 45 11.18 -4.82 23.53
C LYS C 45 10.49 -3.70 22.74
N ARG C 46 10.03 -4.02 21.53
CA ARG C 46 9.32 -3.06 20.67
C ARG C 46 7.83 -3.02 20.98
N SER C 47 7.22 -4.19 21.11
CA SER C 47 5.78 -4.32 21.34
C SER C 47 5.56 -5.36 22.43
N LYS C 48 4.38 -5.34 23.07
CA LYS C 48 4.14 -6.22 24.19
C LYS C 48 3.34 -7.47 23.81
N ALA D 1 9.25 5.94 -22.54
CA ALA D 1 7.93 6.07 -21.97
C ALA D 1 7.07 4.83 -22.23
N PRO D 2 6.26 4.43 -21.25
CA PRO D 2 5.27 3.36 -21.47
C PRO D 2 4.15 3.81 -22.40
N MET D 3 3.29 2.88 -22.81
CA MET D 3 2.19 3.22 -23.70
C MET D 3 0.91 3.52 -22.93
N PHE D 42 -5.60 1.88 -33.03
CA PHE D 42 -6.09 3.02 -33.78
C PHE D 42 -7.60 2.94 -33.94
N GLN D 43 -8.30 4.00 -33.52
CA GLN D 43 -9.75 3.99 -33.49
C GLN D 43 -10.35 4.89 -34.57
N THR D 44 -11.12 4.28 -35.46
CA THR D 44 -11.82 5.03 -36.51
C THR D 44 -12.97 5.81 -35.88
N LYS D 45 -13.03 7.12 -36.13
CA LYS D 45 -14.03 7.94 -35.48
C LYS D 45 -15.13 8.43 -36.44
N ARG D 46 -16.13 9.10 -35.86
CA ARG D 46 -17.24 9.67 -36.61
C ARG D 46 -16.91 11.10 -37.07
N SER D 47 -16.46 11.92 -36.14
CA SER D 47 -16.14 13.32 -36.42
C SER D 47 -14.94 13.82 -35.62
N LYS D 48 -14.31 14.89 -36.11
CA LYS D 48 -13.20 15.56 -35.45
C LYS D 48 -12.71 16.76 -36.27
ZN ZN E . 11.29 -0.69 23.07
ZN ZN F . -15.98 6.96 -39.17
#